data_6A65
# 
_entry.id   6A65 
# 
_audit_conform.dict_name       mmcif_pdbx.dic 
_audit_conform.dict_version    5.398 
_audit_conform.dict_location   http://mmcif.pdb.org/dictionaries/ascii/mmcif_pdbx.dic 
# 
loop_
_database_2.database_id 
_database_2.database_code 
_database_2.pdbx_database_accession 
_database_2.pdbx_DOI 
PDB   6A65         pdb_00006a65 10.2210/pdb6a65/pdb 
WWPDB D_1300008209 ?            ?                   
# 
loop_
_pdbx_audit_revision_history.ordinal 
_pdbx_audit_revision_history.data_content_type 
_pdbx_audit_revision_history.major_revision 
_pdbx_audit_revision_history.minor_revision 
_pdbx_audit_revision_history.revision_date 
1 'Structure model' 1 0 2018-12-26 
2 'Structure model' 1 1 2024-11-06 
# 
_pdbx_audit_revision_details.ordinal             1 
_pdbx_audit_revision_details.revision_ordinal    1 
_pdbx_audit_revision_details.data_content_type   'Structure model' 
_pdbx_audit_revision_details.provider            repository 
_pdbx_audit_revision_details.type                'Initial release' 
_pdbx_audit_revision_details.description         ? 
_pdbx_audit_revision_details.details             ? 
# 
loop_
_pdbx_audit_revision_group.ordinal 
_pdbx_audit_revision_group.revision_ordinal 
_pdbx_audit_revision_group.data_content_type 
_pdbx_audit_revision_group.group 
1 2 'Structure model' 'Data collection'     
2 2 'Structure model' 'Database references' 
3 2 'Structure model' 'Structure summary'   
# 
loop_
_pdbx_audit_revision_category.ordinal 
_pdbx_audit_revision_category.revision_ordinal 
_pdbx_audit_revision_category.data_content_type 
_pdbx_audit_revision_category.category 
1 2 'Structure model' chem_comp_atom            
2 2 'Structure model' chem_comp_bond            
3 2 'Structure model' database_2                
4 2 'Structure model' pdbx_entry_details        
5 2 'Structure model' pdbx_modification_feature 
# 
loop_
_pdbx_audit_revision_item.ordinal 
_pdbx_audit_revision_item.revision_ordinal 
_pdbx_audit_revision_item.data_content_type 
_pdbx_audit_revision_item.item 
1 2 'Structure model' '_database_2.pdbx_DOI'                
2 2 'Structure model' '_database_2.pdbx_database_accession' 
# 
_pdbx_database_status.status_code                     REL 
_pdbx_database_status.status_code_sf                  REL 
_pdbx_database_status.status_code_mr                  ? 
_pdbx_database_status.entry_id                        6A65 
_pdbx_database_status.recvd_initial_deposition_date   2018-06-26 
_pdbx_database_status.SG_entry                        N 
_pdbx_database_status.deposit_site                    PDBJ 
_pdbx_database_status.process_site                    PDBJ 
_pdbx_database_status.status_code_cs                  ? 
_pdbx_database_status.methods_development_category    ? 
_pdbx_database_status.pdb_format_compatible           Y 
_pdbx_database_status.status_code_nmr_data            ? 
# 
_audit_author.name               'Su, J.' 
_audit_author.pdbx_ordinal       1 
_audit_author.identifier_ORCID   ? 
# 
_citation.abstract                  ? 
_citation.abstract_id_CAS           ? 
_citation.book_id_ISBN              ? 
_citation.book_publisher            ? 
_citation.book_publisher_city       ? 
_citation.book_title                ? 
_citation.coordinate_linkage        ? 
_citation.country                   US 
_citation.database_id_Medline       ? 
_citation.details                   ? 
_citation.id                        primary 
_citation.journal_abbrev            'Biosci. Rep.' 
_citation.journal_id_ASTM           ? 
_citation.journal_id_CSD            ? 
_citation.journal_id_ISSN           1573-4935 
_citation.journal_full              ? 
_citation.journal_issue             ? 
_citation.journal_volume            38 
_citation.language                  ? 
_citation.page_first                ? 
_citation.page_last                 ? 
_citation.title                     
'Resetting the ligand binding site of placental protein 13/galectin-13 recovers its ability to bind lactose' 
_citation.year                      2018 
_citation.database_id_CSD           ? 
_citation.pdbx_database_id_DOI      10.1042/BSR20181787 
_citation.pdbx_database_id_PubMed   30413611 
_citation.unpublished_flag          ? 
# 
loop_
_citation_author.citation_id 
_citation_author.name 
_citation_author.ordinal 
_citation_author.identifier_ORCID 
primary 'Su, J.'     1  0000-0001-8406-1676 
primary 'Cui, L.'    2  ?                   
primary 'Si, Y.'     3  ?                   
primary 'Song, C.'   4  ?                   
primary 'Li, Y.'     5  ?                   
primary 'Yang, T.'   6  ?                   
primary 'Wang, H.'   7  ?                   
primary 'Mayo, K.H.' 8  ?                   
primary 'Tai, G.'    9  ?                   
primary 'Zhou, Y.'   10 ?                   
# 
loop_
_entity.id 
_entity.type 
_entity.src_method 
_entity.pdbx_description 
_entity.formula_weight 
_entity.pdbx_number_of_molecules 
_entity.pdbx_ec 
_entity.pdbx_mutation 
_entity.pdbx_fragment 
_entity.details 
1 polymer     man 'Galactoside-binding soluble lectin 13'  15942.188 1  ? 'R53H, R55N' 'UNP residues 2-139' ? 
2 non-polymer syn 2-AMINO-2-HYDROXYMETHYL-PROPANE-1,3-DIOL 122.143   1  ? ?            ?                    ? 
3 water       nat water                                    18.015    86 ? ?            ?                    ? 
# 
_entity_name_com.entity_id   1 
_entity_name_com.name        'Galectin-13,Gal-13,Placental tissue protein 13,Placental protein 13' 
# 
_entity_poly.entity_id                      1 
_entity_poly.type                           'polypeptide(L)' 
_entity_poly.nstd_linkage                   no 
_entity_poly.nstd_monomer                   no 
_entity_poly.pdbx_seq_one_letter_code       
;SSLPVPYKLPVSLSVGSCVIIKGTPIHSFINDPQLQVDFYTDMDEDSDIAFHFNVHFGNHVVMNRREFGIWMLEETTDYV
PFEDGKQFELCIYVHYNEYEIKVNGIRIYGFVHRIPPSFVKMVQVSRDISLTSVCVCN
;
_entity_poly.pdbx_seq_one_letter_code_can   
;SSLPVPYKLPVSLSVGSCVIIKGTPIHSFINDPQLQVDFYTDMDEDSDIAFHFNVHFGNHVVMNRREFGIWMLEETTDYV
PFEDGKQFELCIYVHYNEYEIKVNGIRIYGFVHRIPPSFVKMVQVSRDISLTSVCVCN
;
_entity_poly.pdbx_strand_id                 A 
_entity_poly.pdbx_target_identifier         ? 
# 
loop_
_pdbx_entity_nonpoly.entity_id 
_pdbx_entity_nonpoly.name 
_pdbx_entity_nonpoly.comp_id 
2 2-AMINO-2-HYDROXYMETHYL-PROPANE-1,3-DIOL TRS 
3 water                                    HOH 
# 
loop_
_entity_poly_seq.entity_id 
_entity_poly_seq.num 
_entity_poly_seq.mon_id 
_entity_poly_seq.hetero 
1 1   SER n 
1 2   SER n 
1 3   LEU n 
1 4   PRO n 
1 5   VAL n 
1 6   PRO n 
1 7   TYR n 
1 8   LYS n 
1 9   LEU n 
1 10  PRO n 
1 11  VAL n 
1 12  SER n 
1 13  LEU n 
1 14  SER n 
1 15  VAL n 
1 16  GLY n 
1 17  SER n 
1 18  CYS n 
1 19  VAL n 
1 20  ILE n 
1 21  ILE n 
1 22  LYS n 
1 23  GLY n 
1 24  THR n 
1 25  PRO n 
1 26  ILE n 
1 27  HIS n 
1 28  SER n 
1 29  PHE n 
1 30  ILE n 
1 31  ASN n 
1 32  ASP n 
1 33  PRO n 
1 34  GLN n 
1 35  LEU n 
1 36  GLN n 
1 37  VAL n 
1 38  ASP n 
1 39  PHE n 
1 40  TYR n 
1 41  THR n 
1 42  ASP n 
1 43  MET n 
1 44  ASP n 
1 45  GLU n 
1 46  ASP n 
1 47  SER n 
1 48  ASP n 
1 49  ILE n 
1 50  ALA n 
1 51  PHE n 
1 52  HIS n 
1 53  PHE n 
1 54  ASN n 
1 55  VAL n 
1 56  HIS n 
1 57  PHE n 
1 58  GLY n 
1 59  ASN n 
1 60  HIS n 
1 61  VAL n 
1 62  VAL n 
1 63  MET n 
1 64  ASN n 
1 65  ARG n 
1 66  ARG n 
1 67  GLU n 
1 68  PHE n 
1 69  GLY n 
1 70  ILE n 
1 71  TRP n 
1 72  MET n 
1 73  LEU n 
1 74  GLU n 
1 75  GLU n 
1 76  THR n 
1 77  THR n 
1 78  ASP n 
1 79  TYR n 
1 80  VAL n 
1 81  PRO n 
1 82  PHE n 
1 83  GLU n 
1 84  ASP n 
1 85  GLY n 
1 86  LYS n 
1 87  GLN n 
1 88  PHE n 
1 89  GLU n 
1 90  LEU n 
1 91  CYS n 
1 92  ILE n 
1 93  TYR n 
1 94  VAL n 
1 95  HIS n 
1 96  TYR n 
1 97  ASN n 
1 98  GLU n 
1 99  TYR n 
1 100 GLU n 
1 101 ILE n 
1 102 LYS n 
1 103 VAL n 
1 104 ASN n 
1 105 GLY n 
1 106 ILE n 
1 107 ARG n 
1 108 ILE n 
1 109 TYR n 
1 110 GLY n 
1 111 PHE n 
1 112 VAL n 
1 113 HIS n 
1 114 ARG n 
1 115 ILE n 
1 116 PRO n 
1 117 PRO n 
1 118 SER n 
1 119 PHE n 
1 120 VAL n 
1 121 LYS n 
1 122 MET n 
1 123 VAL n 
1 124 GLN n 
1 125 VAL n 
1 126 SER n 
1 127 ARG n 
1 128 ASP n 
1 129 ILE n 
1 130 SER n 
1 131 LEU n 
1 132 THR n 
1 133 SER n 
1 134 VAL n 
1 135 CYS n 
1 136 VAL n 
1 137 CYS n 
1 138 ASN n 
# 
_entity_src_gen.entity_id                          1 
_entity_src_gen.pdbx_src_id                        1 
_entity_src_gen.pdbx_alt_source_flag               sample 
_entity_src_gen.pdbx_seq_type                      'Biological sequence' 
_entity_src_gen.pdbx_beg_seq_num                   1 
_entity_src_gen.pdbx_end_seq_num                   138 
_entity_src_gen.gene_src_common_name               Human 
_entity_src_gen.gene_src_genus                     ? 
_entity_src_gen.pdbx_gene_src_gene                 'LGALS13, PLAC8' 
_entity_src_gen.gene_src_species                   ? 
_entity_src_gen.gene_src_strain                    ? 
_entity_src_gen.gene_src_tissue                    ? 
_entity_src_gen.gene_src_tissue_fraction           ? 
_entity_src_gen.gene_src_details                   ? 
_entity_src_gen.pdbx_gene_src_fragment             ? 
_entity_src_gen.pdbx_gene_src_scientific_name      'Homo sapiens' 
_entity_src_gen.pdbx_gene_src_ncbi_taxonomy_id     9606 
_entity_src_gen.pdbx_gene_src_variant              ? 
_entity_src_gen.pdbx_gene_src_cell_line            ? 
_entity_src_gen.pdbx_gene_src_atcc                 ? 
_entity_src_gen.pdbx_gene_src_organ                ? 
_entity_src_gen.pdbx_gene_src_organelle            ? 
_entity_src_gen.pdbx_gene_src_cell                 ? 
_entity_src_gen.pdbx_gene_src_cellular_location    ? 
_entity_src_gen.host_org_common_name               ? 
_entity_src_gen.pdbx_host_org_scientific_name      'Escherichia coli' 
_entity_src_gen.pdbx_host_org_ncbi_taxonomy_id     562 
_entity_src_gen.host_org_genus                     ? 
_entity_src_gen.pdbx_host_org_gene                 ? 
_entity_src_gen.pdbx_host_org_organ                ? 
_entity_src_gen.host_org_species                   ? 
_entity_src_gen.pdbx_host_org_tissue               ? 
_entity_src_gen.pdbx_host_org_tissue_fraction      ? 
_entity_src_gen.pdbx_host_org_strain               ? 
_entity_src_gen.pdbx_host_org_variant              ? 
_entity_src_gen.pdbx_host_org_cell_line            ? 
_entity_src_gen.pdbx_host_org_atcc                 ? 
_entity_src_gen.pdbx_host_org_culture_collection   ? 
_entity_src_gen.pdbx_host_org_cell                 ? 
_entity_src_gen.pdbx_host_org_organelle            ? 
_entity_src_gen.pdbx_host_org_cellular_location    ? 
_entity_src_gen.pdbx_host_org_vector_type          ? 
_entity_src_gen.pdbx_host_org_vector               ? 
_entity_src_gen.host_org_details                   ? 
_entity_src_gen.expression_system_id               ? 
_entity_src_gen.plasmid_name                       ? 
_entity_src_gen.plasmid_details                    ? 
_entity_src_gen.pdbx_description                   ? 
# 
loop_
_chem_comp.id 
_chem_comp.type 
_chem_comp.mon_nstd_flag 
_chem_comp.name 
_chem_comp.pdbx_synonyms 
_chem_comp.formula 
_chem_comp.formula_weight 
ALA 'L-peptide linking' y ALANINE                                  ?             'C3 H7 N O2'     89.093  
ARG 'L-peptide linking' y ARGININE                                 ?             'C6 H15 N4 O2 1' 175.209 
ASN 'L-peptide linking' y ASPARAGINE                               ?             'C4 H8 N2 O3'    132.118 
ASP 'L-peptide linking' y 'ASPARTIC ACID'                          ?             'C4 H7 N O4'     133.103 
CYS 'L-peptide linking' y CYSTEINE                                 ?             'C3 H7 N O2 S'   121.158 
GLN 'L-peptide linking' y GLUTAMINE                                ?             'C5 H10 N2 O3'   146.144 
GLU 'L-peptide linking' y 'GLUTAMIC ACID'                          ?             'C5 H9 N O4'     147.129 
GLY 'peptide linking'   y GLYCINE                                  ?             'C2 H5 N O2'     75.067  
HIS 'L-peptide linking' y HISTIDINE                                ?             'C6 H10 N3 O2 1' 156.162 
HOH non-polymer         . WATER                                    ?             'H2 O'           18.015  
ILE 'L-peptide linking' y ISOLEUCINE                               ?             'C6 H13 N O2'    131.173 
LEU 'L-peptide linking' y LEUCINE                                  ?             'C6 H13 N O2'    131.173 
LYS 'L-peptide linking' y LYSINE                                   ?             'C6 H15 N2 O2 1' 147.195 
MET 'L-peptide linking' y METHIONINE                               ?             'C5 H11 N O2 S'  149.211 
PHE 'L-peptide linking' y PHENYLALANINE                            ?             'C9 H11 N O2'    165.189 
PRO 'L-peptide linking' y PROLINE                                  ?             'C5 H9 N O2'     115.130 
SER 'L-peptide linking' y SERINE                                   ?             'C3 H7 N O3'     105.093 
THR 'L-peptide linking' y THREONINE                                ?             'C4 H9 N O3'     119.119 
TRP 'L-peptide linking' y TRYPTOPHAN                               ?             'C11 H12 N2 O2'  204.225 
TRS non-polymer         . 2-AMINO-2-HYDROXYMETHYL-PROPANE-1,3-DIOL 'TRIS BUFFER' 'C4 H12 N O3 1'  122.143 
TYR 'L-peptide linking' y TYROSINE                                 ?             'C9 H11 N O3'    181.189 
VAL 'L-peptide linking' y VALINE                                   ?             'C5 H11 N O2'    117.146 
# 
loop_
_pdbx_poly_seq_scheme.asym_id 
_pdbx_poly_seq_scheme.entity_id 
_pdbx_poly_seq_scheme.seq_id 
_pdbx_poly_seq_scheme.mon_id 
_pdbx_poly_seq_scheme.ndb_seq_num 
_pdbx_poly_seq_scheme.pdb_seq_num 
_pdbx_poly_seq_scheme.auth_seq_num 
_pdbx_poly_seq_scheme.pdb_mon_id 
_pdbx_poly_seq_scheme.auth_mon_id 
_pdbx_poly_seq_scheme.pdb_strand_id 
_pdbx_poly_seq_scheme.pdb_ins_code 
_pdbx_poly_seq_scheme.hetero 
A 1 1   SER 1   2   2   SER SER A . n 
A 1 2   SER 2   3   3   SER SER A . n 
A 1 3   LEU 3   4   4   LEU LEU A . n 
A 1 4   PRO 4   5   5   PRO PRO A . n 
A 1 5   VAL 5   6   6   VAL VAL A . n 
A 1 6   PRO 6   7   7   PRO PRO A . n 
A 1 7   TYR 7   8   8   TYR TYR A . n 
A 1 8   LYS 8   9   9   LYS LYS A . n 
A 1 9   LEU 9   10  10  LEU LEU A . n 
A 1 10  PRO 10  11  11  PRO PRO A . n 
A 1 11  VAL 11  12  12  VAL VAL A . n 
A 1 12  SER 12  13  13  SER SER A . n 
A 1 13  LEU 13  14  14  LEU LEU A . n 
A 1 14  SER 14  15  15  SER SER A . n 
A 1 15  VAL 15  16  16  VAL VAL A . n 
A 1 16  GLY 16  17  17  GLY GLY A . n 
A 1 17  SER 17  18  18  SER SER A . n 
A 1 18  CYS 18  19  19  CYS CYS A . n 
A 1 19  VAL 19  20  20  VAL VAL A . n 
A 1 20  ILE 20  21  21  ILE ILE A . n 
A 1 21  ILE 21  22  22  ILE ILE A . n 
A 1 22  LYS 22  23  23  LYS LYS A . n 
A 1 23  GLY 23  24  24  GLY GLY A . n 
A 1 24  THR 24  25  25  THR THR A . n 
A 1 25  PRO 25  26  26  PRO PRO A . n 
A 1 26  ILE 26  27  27  ILE ILE A . n 
A 1 27  HIS 27  28  28  HIS HIS A . n 
A 1 28  SER 28  29  29  SER SER A . n 
A 1 29  PHE 29  30  30  PHE PHE A . n 
A 1 30  ILE 30  31  31  ILE ILE A . n 
A 1 31  ASN 31  32  32  ASN ASN A . n 
A 1 32  ASP 32  33  33  ASP ASP A . n 
A 1 33  PRO 33  34  34  PRO PRO A . n 
A 1 34  GLN 34  35  35  GLN GLN A . n 
A 1 35  LEU 35  36  36  LEU LEU A . n 
A 1 36  GLN 36  37  37  GLN GLN A . n 
A 1 37  VAL 37  38  38  VAL VAL A . n 
A 1 38  ASP 38  39  39  ASP ASP A . n 
A 1 39  PHE 39  40  40  PHE PHE A . n 
A 1 40  TYR 40  41  41  TYR TYR A . n 
A 1 41  THR 41  42  42  THR THR A . n 
A 1 42  ASP 42  43  43  ASP ASP A . n 
A 1 43  MET 43  44  44  MET MET A . n 
A 1 44  ASP 44  45  45  ASP ASP A . n 
A 1 45  GLU 45  46  46  GLU GLU A . n 
A 1 46  ASP 46  47  47  ASP ASP A . n 
A 1 47  SER 47  48  48  SER SER A . n 
A 1 48  ASP 48  49  49  ASP ASP A . n 
A 1 49  ILE 49  50  50  ILE ILE A . n 
A 1 50  ALA 50  51  51  ALA ALA A . n 
A 1 51  PHE 51  52  52  PHE PHE A . n 
A 1 52  HIS 52  53  53  HIS HIS A . n 
A 1 53  PHE 53  54  54  PHE PHE A . n 
A 1 54  ASN 54  55  55  ASN ASN A . n 
A 1 55  VAL 55  56  56  VAL VAL A . n 
A 1 56  HIS 56  57  57  HIS HIS A . n 
A 1 57  PHE 57  58  58  PHE PHE A . n 
A 1 58  GLY 58  59  59  GLY GLY A . n 
A 1 59  ASN 59  60  60  ASN ASN A . n 
A 1 60  HIS 60  61  61  HIS HIS A . n 
A 1 61  VAL 61  62  62  VAL VAL A . n 
A 1 62  VAL 62  63  63  VAL VAL A . n 
A 1 63  MET 63  64  64  MET MET A . n 
A 1 64  ASN 64  65  65  ASN ASN A . n 
A 1 65  ARG 65  66  66  ARG ARG A . n 
A 1 66  ARG 66  67  67  ARG ARG A . n 
A 1 67  GLU 67  68  68  GLU GLU A . n 
A 1 68  PHE 68  69  69  PHE PHE A . n 
A 1 69  GLY 69  70  70  GLY GLY A . n 
A 1 70  ILE 70  71  71  ILE ILE A . n 
A 1 71  TRP 71  72  72  TRP TRP A . n 
A 1 72  MET 72  73  73  MET MET A . n 
A 1 73  LEU 73  74  74  LEU LEU A . n 
A 1 74  GLU 74  75  75  GLU GLU A . n 
A 1 75  GLU 75  76  76  GLU GLU A . n 
A 1 76  THR 76  77  77  THR THR A . n 
A 1 77  THR 77  78  78  THR THR A . n 
A 1 78  ASP 78  79  79  ASP ASP A . n 
A 1 79  TYR 79  80  80  TYR TYR A . n 
A 1 80  VAL 80  81  81  VAL VAL A . n 
A 1 81  PRO 81  82  82  PRO PRO A . n 
A 1 82  PHE 82  83  83  PHE PHE A . n 
A 1 83  GLU 83  84  84  GLU GLU A . n 
A 1 84  ASP 84  85  85  ASP ASP A . n 
A 1 85  GLY 85  86  86  GLY GLY A . n 
A 1 86  LYS 86  87  87  LYS LYS A . n 
A 1 87  GLN 87  88  88  GLN GLN A . n 
A 1 88  PHE 88  89  89  PHE PHE A . n 
A 1 89  GLU 89  90  90  GLU GLU A . n 
A 1 90  LEU 90  91  91  LEU LEU A . n 
A 1 91  CYS 91  92  92  CYS CYS A . n 
A 1 92  ILE 92  93  93  ILE ILE A . n 
A 1 93  TYR 93  94  94  TYR TYR A . n 
A 1 94  VAL 94  95  95  VAL VAL A . n 
A 1 95  HIS 95  96  96  HIS HIS A . n 
A 1 96  TYR 96  97  97  TYR TYR A . n 
A 1 97  ASN 97  98  98  ASN ASN A . n 
A 1 98  GLU 98  99  99  GLU GLU A . n 
A 1 99  TYR 99  100 100 TYR TYR A . n 
A 1 100 GLU 100 101 101 GLU GLU A . n 
A 1 101 ILE 101 102 102 ILE ILE A . n 
A 1 102 LYS 102 103 103 LYS LYS A . n 
A 1 103 VAL 103 104 104 VAL VAL A . n 
A 1 104 ASN 104 105 105 ASN ASN A . n 
A 1 105 GLY 105 106 106 GLY GLY A . n 
A 1 106 ILE 106 107 107 ILE ILE A . n 
A 1 107 ARG 107 108 108 ARG ARG A . n 
A 1 108 ILE 108 109 109 ILE ILE A . n 
A 1 109 TYR 109 110 110 TYR TYR A . n 
A 1 110 GLY 110 111 111 GLY GLY A . n 
A 1 111 PHE 111 112 112 PHE PHE A . n 
A 1 112 VAL 112 113 113 VAL VAL A . n 
A 1 113 HIS 113 114 114 HIS HIS A . n 
A 1 114 ARG 114 115 115 ARG ARG A . n 
A 1 115 ILE 115 116 116 ILE ILE A . n 
A 1 116 PRO 116 117 117 PRO PRO A . n 
A 1 117 PRO 117 118 118 PRO PRO A . n 
A 1 118 SER 118 119 119 SER SER A . n 
A 1 119 PHE 119 120 120 PHE PHE A . n 
A 1 120 VAL 120 121 121 VAL VAL A . n 
A 1 121 LYS 121 122 122 LYS LYS A . n 
A 1 122 MET 122 123 123 MET MET A . n 
A 1 123 VAL 123 124 124 VAL VAL A . n 
A 1 124 GLN 124 125 125 GLN GLN A . n 
A 1 125 VAL 125 126 126 VAL VAL A . n 
A 1 126 SER 126 127 127 SER SER A . n 
A 1 127 ARG 127 128 128 ARG ARG A . n 
A 1 128 ASP 128 129 129 ASP ASP A . n 
A 1 129 ILE 129 130 130 ILE ILE A . n 
A 1 130 SER 130 131 131 SER SER A . n 
A 1 131 LEU 131 132 132 LEU LEU A . n 
A 1 132 THR 132 133 133 THR THR A . n 
A 1 133 SER 133 134 134 SER SER A . n 
A 1 134 VAL 134 135 135 VAL VAL A . n 
A 1 135 CYS 135 136 136 CYS CYS A . n 
A 1 136 VAL 136 137 137 VAL VAL A . n 
A 1 137 CYS 137 138 138 CYS CYS A . n 
A 1 138 ASN 138 139 139 ASN ASN A . n 
# 
loop_
_pdbx_nonpoly_scheme.asym_id 
_pdbx_nonpoly_scheme.entity_id 
_pdbx_nonpoly_scheme.mon_id 
_pdbx_nonpoly_scheme.ndb_seq_num 
_pdbx_nonpoly_scheme.pdb_seq_num 
_pdbx_nonpoly_scheme.auth_seq_num 
_pdbx_nonpoly_scheme.pdb_mon_id 
_pdbx_nonpoly_scheme.auth_mon_id 
_pdbx_nonpoly_scheme.pdb_strand_id 
_pdbx_nonpoly_scheme.pdb_ins_code 
B 2 TRS 1  201 201 TRS LIG A . 
C 3 HOH 1  301 89  HOH HOH A . 
C 3 HOH 2  302 68  HOH HOH A . 
C 3 HOH 3  303 65  HOH HOH A . 
C 3 HOH 4  304 83  HOH HOH A . 
C 3 HOH 5  305 41  HOH HOH A . 
C 3 HOH 6  306 54  HOH HOH A . 
C 3 HOH 7  307 30  HOH HOH A . 
C 3 HOH 8  308 47  HOH HOH A . 
C 3 HOH 9  309 18  HOH HOH A . 
C 3 HOH 10 310 51  HOH HOH A . 
C 3 HOH 11 311 8   HOH HOH A . 
C 3 HOH 12 312 14  HOH HOH A . 
C 3 HOH 13 313 32  HOH HOH A . 
C 3 HOH 14 314 4   HOH HOH A . 
C 3 HOH 15 315 75  HOH HOH A . 
C 3 HOH 16 316 73  HOH HOH A . 
C 3 HOH 17 317 24  HOH HOH A . 
C 3 HOH 18 318 52  HOH HOH A . 
C 3 HOH 19 319 28  HOH HOH A . 
C 3 HOH 20 320 5   HOH HOH A . 
C 3 HOH 21 321 39  HOH HOH A . 
C 3 HOH 22 322 42  HOH HOH A . 
C 3 HOH 23 323 85  HOH HOH A . 
C 3 HOH 24 324 49  HOH HOH A . 
C 3 HOH 25 325 81  HOH HOH A . 
C 3 HOH 26 326 34  HOH HOH A . 
C 3 HOH 27 327 80  HOH HOH A . 
C 3 HOH 28 328 88  HOH HOH A . 
C 3 HOH 29 329 59  HOH HOH A . 
C 3 HOH 30 330 2   HOH HOH A . 
C 3 HOH 31 331 11  HOH HOH A . 
C 3 HOH 32 332 20  HOH HOH A . 
C 3 HOH 33 333 60  HOH HOH A . 
C 3 HOH 34 334 15  HOH HOH A . 
C 3 HOH 35 335 87  HOH HOH A . 
C 3 HOH 36 336 44  HOH HOH A . 
C 3 HOH 37 337 16  HOH HOH A . 
C 3 HOH 38 338 1   HOH HOH A . 
C 3 HOH 39 339 38  HOH HOH A . 
C 3 HOH 40 340 48  HOH HOH A . 
C 3 HOH 41 341 31  HOH HOH A . 
C 3 HOH 42 342 10  HOH HOH A . 
C 3 HOH 43 343 12  HOH HOH A . 
C 3 HOH 44 344 64  HOH HOH A . 
C 3 HOH 45 345 33  HOH HOH A . 
C 3 HOH 46 346 62  HOH HOH A . 
C 3 HOH 47 347 17  HOH HOH A . 
C 3 HOH 48 348 21  HOH HOH A . 
C 3 HOH 49 349 40  HOH HOH A . 
C 3 HOH 50 350 61  HOH HOH A . 
C 3 HOH 51 351 78  HOH HOH A . 
C 3 HOH 52 352 3   HOH HOH A . 
C 3 HOH 53 353 79  HOH HOH A . 
C 3 HOH 54 354 70  HOH HOH A . 
C 3 HOH 55 355 9   HOH HOH A . 
C 3 HOH 56 356 43  HOH HOH A . 
C 3 HOH 57 357 27  HOH HOH A . 
C 3 HOH 58 358 55  HOH HOH A . 
C 3 HOH 59 359 53  HOH HOH A . 
C 3 HOH 60 360 77  HOH HOH A . 
C 3 HOH 61 361 69  HOH HOH A . 
C 3 HOH 62 362 37  HOH HOH A . 
C 3 HOH 63 363 82  HOH HOH A . 
C 3 HOH 64 364 35  HOH HOH A . 
C 3 HOH 65 365 57  HOH HOH A . 
C 3 HOH 66 366 26  HOH HOH A . 
C 3 HOH 67 367 63  HOH HOH A . 
C 3 HOH 68 368 86  HOH HOH A . 
C 3 HOH 69 369 22  HOH HOH A . 
C 3 HOH 70 370 19  HOH HOH A . 
C 3 HOH 71 371 74  HOH HOH A . 
C 3 HOH 72 372 13  HOH HOH A . 
C 3 HOH 73 373 6   HOH HOH A . 
C 3 HOH 74 374 46  HOH HOH A . 
C 3 HOH 75 375 29  HOH HOH A . 
C 3 HOH 76 376 67  HOH HOH A . 
C 3 HOH 77 377 72  HOH HOH A . 
C 3 HOH 78 378 50  HOH HOH A . 
C 3 HOH 79 379 23  HOH HOH A . 
C 3 HOH 80 380 36  HOH HOH A . 
C 3 HOH 81 381 56  HOH HOH A . 
C 3 HOH 82 382 58  HOH HOH A . 
C 3 HOH 83 383 90  HOH HOH A . 
C 3 HOH 84 384 84  HOH HOH A . 
C 3 HOH 85 385 45  HOH HOH A . 
C 3 HOH 86 386 71  HOH HOH A . 
# 
_pdbx_unobs_or_zero_occ_atoms.id               1 
_pdbx_unobs_or_zero_occ_atoms.PDB_model_num    1 
_pdbx_unobs_or_zero_occ_atoms.polymer_flag     Y 
_pdbx_unobs_or_zero_occ_atoms.occupancy_flag   1 
_pdbx_unobs_or_zero_occ_atoms.auth_asym_id     A 
_pdbx_unobs_or_zero_occ_atoms.auth_comp_id     VAL 
_pdbx_unobs_or_zero_occ_atoms.auth_seq_id      62 
_pdbx_unobs_or_zero_occ_atoms.PDB_ins_code     ? 
_pdbx_unobs_or_zero_occ_atoms.auth_atom_id     CG2 
_pdbx_unobs_or_zero_occ_atoms.label_alt_id     ? 
_pdbx_unobs_or_zero_occ_atoms.label_asym_id    A 
_pdbx_unobs_or_zero_occ_atoms.label_comp_id    VAL 
_pdbx_unobs_or_zero_occ_atoms.label_seq_id     61 
_pdbx_unobs_or_zero_occ_atoms.label_atom_id    CG2 
# 
_software.citation_id            ? 
_software.classification         refinement 
_software.compiler_name          ? 
_software.compiler_version       ? 
_software.contact_author         ? 
_software.contact_author_email   ? 
_software.date                   ? 
_software.description            ? 
_software.dependencies           ? 
_software.hardware               ? 
_software.language               ? 
_software.location               ? 
_software.mods                   ? 
_software.name                   PHENIX 
_software.os                     ? 
_software.os_version             ? 
_software.type                   ? 
_software.version                '(1.10.1_2155: ???)' 
_software.pdbx_ordinal           1 
# 
_cell.angle_alpha                  90.000 
_cell.angle_alpha_esd              ? 
_cell.angle_beta                   90.000 
_cell.angle_beta_esd               ? 
_cell.angle_gamma                  90.000 
_cell.angle_gamma_esd              ? 
_cell.entry_id                     6A65 
_cell.details                      ? 
_cell.formula_units_Z              ? 
_cell.length_a                     57.316 
_cell.length_a_esd                 ? 
_cell.length_b                     91.699 
_cell.length_b_esd                 ? 
_cell.length_c                     50.339 
_cell.length_c_esd                 ? 
_cell.volume                       ? 
_cell.volume_esd                   ? 
_cell.Z_PDB                        8 
_cell.reciprocal_angle_alpha       ? 
_cell.reciprocal_angle_beta        ? 
_cell.reciprocal_angle_gamma       ? 
_cell.reciprocal_angle_alpha_esd   ? 
_cell.reciprocal_angle_beta_esd    ? 
_cell.reciprocal_angle_gamma_esd   ? 
_cell.reciprocal_length_a          ? 
_cell.reciprocal_length_b          ? 
_cell.reciprocal_length_c          ? 
_cell.reciprocal_length_a_esd      ? 
_cell.reciprocal_length_b_esd      ? 
_cell.reciprocal_length_c_esd      ? 
_cell.pdbx_unique_axis             ? 
# 
_symmetry.entry_id                         6A65 
_symmetry.cell_setting                     ? 
_symmetry.Int_Tables_number                21 
_symmetry.space_group_name_Hall            ? 
_symmetry.space_group_name_H-M             'C 2 2 2' 
_symmetry.pdbx_full_space_group_name_H-M   ? 
# 
_exptl.absorpt_coefficient_mu     ? 
_exptl.absorpt_correction_T_max   ? 
_exptl.absorpt_correction_T_min   ? 
_exptl.absorpt_correction_type    ? 
_exptl.absorpt_process_details    ? 
_exptl.entry_id                   6A65 
_exptl.crystals_number            1 
_exptl.details                    ? 
_exptl.method                     'X-RAY DIFFRACTION' 
_exptl.method_details             ? 
# 
_exptl_crystal.colour                      ? 
_exptl_crystal.density_diffrn              ? 
_exptl_crystal.density_Matthews            2.07 
_exptl_crystal.density_method              ? 
_exptl_crystal.density_percent_sol         40.71 
_exptl_crystal.description                 ? 
_exptl_crystal.F_000                       ? 
_exptl_crystal.id                          1 
_exptl_crystal.preparation                 ? 
_exptl_crystal.size_max                    ? 
_exptl_crystal.size_mid                    ? 
_exptl_crystal.size_min                    ? 
_exptl_crystal.size_rad                    ? 
_exptl_crystal.colour_lustre               ? 
_exptl_crystal.colour_modifier             ? 
_exptl_crystal.colour_primary              ? 
_exptl_crystal.density_meas                ? 
_exptl_crystal.density_meas_esd            ? 
_exptl_crystal.density_meas_gt             ? 
_exptl_crystal.density_meas_lt             ? 
_exptl_crystal.density_meas_temp           ? 
_exptl_crystal.density_meas_temp_esd       ? 
_exptl_crystal.density_meas_temp_gt        ? 
_exptl_crystal.density_meas_temp_lt        ? 
_exptl_crystal.pdbx_crystal_image_url      ? 
_exptl_crystal.pdbx_crystal_image_format   ? 
_exptl_crystal.pdbx_mosaicity              ? 
_exptl_crystal.pdbx_mosaicity_esd          ? 
# 
_exptl_crystal_grow.apparatus       ? 
_exptl_crystal_grow.atmosphere      ? 
_exptl_crystal_grow.crystal_id      1 
_exptl_crystal_grow.details         ? 
_exptl_crystal_grow.method          'VAPOR DIFFUSION, HANGING DROP' 
_exptl_crystal_grow.method_ref      ? 
_exptl_crystal_grow.pH              ? 
_exptl_crystal_grow.pressure        ? 
_exptl_crystal_grow.pressure_esd    ? 
_exptl_crystal_grow.seeding         ? 
_exptl_crystal_grow.seeding_ref     ? 
_exptl_crystal_grow.temp            298 
_exptl_crystal_grow.temp_details    ? 
_exptl_crystal_grow.temp_esd        ? 
_exptl_crystal_grow.time            ? 
_exptl_crystal_grow.pdbx_details    PEG 
_exptl_crystal_grow.pdbx_pH_range   ? 
# 
_diffrn.ambient_environment    ? 
_diffrn.ambient_temp           100 
_diffrn.ambient_temp_details   ? 
_diffrn.ambient_temp_esd       ? 
_diffrn.crystal_id             1 
_diffrn.crystal_support        ? 
_diffrn.crystal_treatment      ? 
_diffrn.details                ? 
_diffrn.id                     1 
_diffrn.ambient_pressure       ? 
_diffrn.ambient_pressure_esd   ? 
_diffrn.ambient_pressure_gt    ? 
_diffrn.ambient_pressure_lt    ? 
_diffrn.ambient_temp_gt        ? 
_diffrn.ambient_temp_lt        ? 
# 
_diffrn_detector.details                      ? 
_diffrn_detector.detector                     PIXEL 
_diffrn_detector.diffrn_id                    1 
_diffrn_detector.type                         'DECTRIS PILATUS 6M' 
_diffrn_detector.area_resol_mean              ? 
_diffrn_detector.dtime                        ? 
_diffrn_detector.pdbx_frames_total            ? 
_diffrn_detector.pdbx_collection_time_total   ? 
_diffrn_detector.pdbx_collection_date         2017-11-11 
# 
_diffrn_radiation.collimation                      ? 
_diffrn_radiation.diffrn_id                        1 
_diffrn_radiation.filter_edge                      ? 
_diffrn_radiation.inhomogeneity                    ? 
_diffrn_radiation.monochromator                    ? 
_diffrn_radiation.polarisn_norm                    ? 
_diffrn_radiation.polarisn_ratio                   ? 
_diffrn_radiation.probe                            ? 
_diffrn_radiation.type                             ? 
_diffrn_radiation.xray_symbol                      ? 
_diffrn_radiation.wavelength_id                    1 
_diffrn_radiation.pdbx_monochromatic_or_laue_m_l   M 
_diffrn_radiation.pdbx_wavelength_list             ? 
_diffrn_radiation.pdbx_wavelength                  ? 
_diffrn_radiation.pdbx_diffrn_protocol             'SINGLE WAVELENGTH' 
_diffrn_radiation.pdbx_analyzer                    ? 
_diffrn_radiation.pdbx_scattering_type             x-ray 
# 
_diffrn_radiation_wavelength.id           1 
_diffrn_radiation_wavelength.wavelength   0.977 
_diffrn_radiation_wavelength.wt           1.0 
# 
_diffrn_source.current                     ? 
_diffrn_source.details                     ? 
_diffrn_source.diffrn_id                   1 
_diffrn_source.power                       ? 
_diffrn_source.size                        ? 
_diffrn_source.source                      SYNCHROTRON 
_diffrn_source.target                      ? 
_diffrn_source.type                        'SSRF BEAMLINE BL18U1' 
_diffrn_source.voltage                     ? 
_diffrn_source.take-off_angle              ? 
_diffrn_source.pdbx_wavelength_list        0.977 
_diffrn_source.pdbx_wavelength             ? 
_diffrn_source.pdbx_synchrotron_beamline   BL18U1 
_diffrn_source.pdbx_synchrotron_site       SSRF 
# 
_reflns.B_iso_Wilson_estimate            ? 
_reflns.entry_id                         6A65 
_reflns.data_reduction_details           ? 
_reflns.data_reduction_method            ? 
_reflns.d_resolution_high                1.77 
_reflns.d_resolution_low                 18.9110 
_reflns.details                          ? 
_reflns.limit_h_max                      ? 
_reflns.limit_h_min                      ? 
_reflns.limit_k_max                      ? 
_reflns.limit_k_min                      ? 
_reflns.limit_l_max                      ? 
_reflns.limit_l_min                      ? 
_reflns.number_all                       ? 
_reflns.number_obs                       13108 
_reflns.observed_criterion               ? 
_reflns.observed_criterion_F_max         ? 
_reflns.observed_criterion_F_min         ? 
_reflns.observed_criterion_I_max         ? 
_reflns.observed_criterion_I_min         ? 
_reflns.observed_criterion_sigma_F       ? 
_reflns.observed_criterion_sigma_I       ? 
_reflns.percent_possible_obs             98.7 
_reflns.R_free_details                   ? 
_reflns.Rmerge_F_all                     ? 
_reflns.Rmerge_F_obs                     ? 
_reflns.Friedel_coverage                 ? 
_reflns.number_gt                        ? 
_reflns.threshold_expression             ? 
_reflns.pdbx_redundancy                  1 
_reflns.pdbx_Rmerge_I_obs                ? 
_reflns.pdbx_Rmerge_I_all                ? 
_reflns.pdbx_Rsym_value                  ? 
_reflns.pdbx_netI_over_av_sigmaI         ? 
_reflns.pdbx_netI_over_sigmaI            15.7 
_reflns.pdbx_res_netI_over_av_sigmaI_2   ? 
_reflns.pdbx_res_netI_over_sigmaI_2      ? 
_reflns.pdbx_chi_squared                 ? 
_reflns.pdbx_scaling_rejects             ? 
_reflns.pdbx_d_res_high_opt              ? 
_reflns.pdbx_d_res_low_opt               ? 
_reflns.pdbx_d_res_opt_method            ? 
_reflns.phase_calculation_details        ? 
_reflns.pdbx_Rrim_I_all                  ? 
_reflns.pdbx_Rpim_I_all                  ? 
_reflns.pdbx_d_opt                       ? 
_reflns.pdbx_number_measured_all         ? 
_reflns.pdbx_diffrn_id                   1 
_reflns.pdbx_ordinal                     1 
_reflns.pdbx_CC_half                     ? 
_reflns.pdbx_R_split                     ? 
# 
_reflns_shell.d_res_high                  1.77 
_reflns_shell.d_res_low                   1.81 
_reflns_shell.meanI_over_sigI_all         ? 
_reflns_shell.meanI_over_sigI_obs         ? 
_reflns_shell.number_measured_all         ? 
_reflns_shell.number_measured_obs         ? 
_reflns_shell.number_possible             ? 
_reflns_shell.number_unique_all           ? 
_reflns_shell.number_unique_obs           ? 
_reflns_shell.percent_possible_all        ? 
_reflns_shell.percent_possible_obs        ? 
_reflns_shell.Rmerge_F_all                ? 
_reflns_shell.Rmerge_F_obs                ? 
_reflns_shell.Rmerge_I_all                ? 
_reflns_shell.Rmerge_I_obs                ? 
_reflns_shell.meanI_over_sigI_gt          ? 
_reflns_shell.meanI_over_uI_all           ? 
_reflns_shell.meanI_over_uI_gt            ? 
_reflns_shell.number_measured_gt          ? 
_reflns_shell.number_unique_gt            ? 
_reflns_shell.percent_possible_gt         ? 
_reflns_shell.Rmerge_F_gt                 ? 
_reflns_shell.Rmerge_I_gt                 ? 
_reflns_shell.pdbx_redundancy             ? 
_reflns_shell.pdbx_Rsym_value             ? 
_reflns_shell.pdbx_chi_squared            ? 
_reflns_shell.pdbx_netI_over_sigmaI_all   ? 
_reflns_shell.pdbx_netI_over_sigmaI_obs   ? 
_reflns_shell.pdbx_Rrim_I_all             ? 
_reflns_shell.pdbx_Rpim_I_all             ? 
_reflns_shell.pdbx_rejects                ? 
_reflns_shell.pdbx_ordinal                1 
_reflns_shell.pdbx_diffrn_id              1 
_reflns_shell.pdbx_CC_half                ? 
_reflns_shell.pdbx_R_split                ? 
# 
_refine.aniso_B[1][1]                            ? 
_refine.aniso_B[1][2]                            ? 
_refine.aniso_B[1][3]                            ? 
_refine.aniso_B[2][2]                            ? 
_refine.aniso_B[2][3]                            ? 
_refine.aniso_B[3][3]                            ? 
_refine.B_iso_max                                70.140 
_refine.B_iso_mean                               35.5917 
_refine.B_iso_min                                24.300 
_refine.correlation_coeff_Fo_to_Fc               ? 
_refine.correlation_coeff_Fo_to_Fc_free          ? 
_refine.details                                  ? 
_refine.diff_density_max                         ? 
_refine.diff_density_max_esd                     ? 
_refine.diff_density_min                         ? 
_refine.diff_density_min_esd                     ? 
_refine.diff_density_rms                         ? 
_refine.diff_density_rms_esd                     ? 
_refine.entry_id                                 6A65 
_refine.pdbx_refine_id                           'X-RAY DIFFRACTION' 
_refine.ls_abs_structure_details                 ? 
_refine.ls_abs_structure_Flack                   ? 
_refine.ls_abs_structure_Flack_esd               ? 
_refine.ls_abs_structure_Rogers                  ? 
_refine.ls_abs_structure_Rogers_esd              ? 
_refine.ls_d_res_high                            1.7710 
_refine.ls_d_res_low                             18.9110 
_refine.ls_extinction_coef                       ? 
_refine.ls_extinction_coef_esd                   ? 
_refine.ls_extinction_expression                 ? 
_refine.ls_extinction_method                     ? 
_refine.ls_goodness_of_fit_all                   ? 
_refine.ls_goodness_of_fit_all_esd               ? 
_refine.ls_goodness_of_fit_obs                   ? 
_refine.ls_goodness_of_fit_obs_esd               ? 
_refine.ls_hydrogen_treatment                    ? 
_refine.ls_matrix_type                           ? 
_refine.ls_number_constraints                    ? 
_refine.ls_number_parameters                     ? 
_refine.ls_number_reflns_all                     ? 
_refine.ls_number_reflns_obs                     13093 
_refine.ls_number_reflns_R_free                  1315 
_refine.ls_number_reflns_R_work                  ? 
_refine.ls_number_restraints                     ? 
_refine.ls_percent_reflns_obs                    98.5300 
_refine.ls_percent_reflns_R_free                 10.0400 
_refine.ls_R_factor_all                          ? 
_refine.ls_R_factor_obs                          0.2061 
_refine.ls_R_factor_R_free                       0.2540 
_refine.ls_R_factor_R_free_error                 ? 
_refine.ls_R_factor_R_free_error_details         ? 
_refine.ls_R_factor_R_work                       0.2008 
_refine.ls_R_Fsqd_factor_obs                     ? 
_refine.ls_R_I_factor_obs                        ? 
_refine.ls_redundancy_reflns_all                 ? 
_refine.ls_redundancy_reflns_obs                 ? 
_refine.ls_restrained_S_all                      ? 
_refine.ls_restrained_S_obs                      ? 
_refine.ls_shift_over_esd_max                    ? 
_refine.ls_shift_over_esd_mean                   ? 
_refine.ls_structure_factor_coef                 ? 
_refine.ls_weighting_details                     ? 
_refine.ls_weighting_scheme                      ? 
_refine.ls_wR_factor_all                         ? 
_refine.ls_wR_factor_obs                         ? 
_refine.ls_wR_factor_R_free                      ? 
_refine.ls_wR_factor_R_work                      ? 
_refine.occupancy_max                            ? 
_refine.occupancy_min                            ? 
_refine.solvent_model_details                    ? 
_refine.solvent_model_param_bsol                 ? 
_refine.solvent_model_param_ksol                 ? 
_refine.ls_R_factor_gt                           ? 
_refine.ls_goodness_of_fit_gt                    ? 
_refine.ls_goodness_of_fit_ref                   ? 
_refine.ls_shift_over_su_max                     ? 
_refine.ls_shift_over_su_max_lt                  ? 
_refine.ls_shift_over_su_mean                    ? 
_refine.ls_shift_over_su_mean_lt                 ? 
_refine.pdbx_ls_sigma_I                          ? 
_refine.pdbx_ls_sigma_F                          1.380 
_refine.pdbx_ls_sigma_Fsqd                       ? 
_refine.pdbx_data_cutoff_high_absF               ? 
_refine.pdbx_data_cutoff_high_rms_absF           ? 
_refine.pdbx_data_cutoff_low_absF                ? 
_refine.pdbx_isotropic_thermal_model             ? 
_refine.pdbx_ls_cross_valid_method               THROUGHOUT 
_refine.pdbx_method_to_determine_struct          'MOLECULAR REPLACEMENT' 
_refine.pdbx_starting_model                      ? 
_refine.pdbx_stereochemistry_target_values       ? 
_refine.pdbx_R_Free_selection_details            ? 
_refine.pdbx_stereochem_target_val_spec_case     ? 
_refine.pdbx_overall_ESU_R                       ? 
_refine.pdbx_overall_ESU_R_Free                  ? 
_refine.pdbx_solvent_vdw_probe_radii             1.1100 
_refine.pdbx_solvent_ion_probe_radii             ? 
_refine.pdbx_solvent_shrinkage_radii             0.9000 
_refine.pdbx_real_space_R                        ? 
_refine.pdbx_density_correlation                 ? 
_refine.pdbx_pd_number_of_powder_patterns        ? 
_refine.pdbx_pd_number_of_points                 ? 
_refine.pdbx_pd_meas_number_of_points            ? 
_refine.pdbx_pd_proc_ls_prof_R_factor            ? 
_refine.pdbx_pd_proc_ls_prof_wR_factor           ? 
_refine.pdbx_pd_Marquardt_correlation_coeff      ? 
_refine.pdbx_pd_Fsqrd_R_factor                   ? 
_refine.pdbx_pd_ls_matrix_band_width             ? 
_refine.pdbx_overall_phase_error                 30.3600 
_refine.pdbx_overall_SU_R_free_Cruickshank_DPI   ? 
_refine.pdbx_overall_SU_R_free_Blow_DPI          ? 
_refine.pdbx_overall_SU_R_Blow_DPI               ? 
_refine.pdbx_TLS_residual_ADP_flag               ? 
_refine.pdbx_diffrn_id                           1 
_refine.overall_SU_B                             ? 
_refine.overall_SU_ML                            0.2000 
_refine.overall_SU_R_Cruickshank_DPI             ? 
_refine.overall_SU_R_free                        ? 
_refine.overall_FOM_free_R_set                   ? 
_refine.overall_FOM_work_R_set                   ? 
_refine.pdbx_average_fsc_overall                 ? 
_refine.pdbx_average_fsc_work                    ? 
_refine.pdbx_average_fsc_free                    ? 
# 
_refine_hist.cycle_id                         final 
_refine_hist.pdbx_refine_id                   'X-RAY DIFFRACTION' 
_refine_hist.d_res_high                       1.7710 
_refine_hist.d_res_low                        18.9110 
_refine_hist.pdbx_number_atoms_ligand         8 
_refine_hist.number_atoms_solvent             86 
_refine_hist.number_atoms_total               1214 
_refine_hist.pdbx_number_residues_total       138 
_refine_hist.pdbx_B_iso_mean_ligand           38.57 
_refine_hist.pdbx_B_iso_mean_solvent          39.19 
_refine_hist.pdbx_number_atoms_protein        1120 
_refine_hist.pdbx_number_atoms_nucleic_acid   0 
# 
_struct.entry_id                     6A65 
_struct.title                        'Placental protein 13/galectin-13 variant R53HR55N with Tris' 
_struct.pdbx_model_details           ? 
_struct.pdbx_formula_weight          ? 
_struct.pdbx_formula_weight_method   ? 
_struct.pdbx_model_type_details      ? 
_struct.pdbx_CASP_flag               N 
# 
_struct_keywords.entry_id        6A65 
_struct_keywords.text            'Sugar binding protein' 
_struct_keywords.pdbx_keywords   'SUGAR BINDING PROTEIN' 
# 
loop_
_struct_asym.id 
_struct_asym.pdbx_blank_PDB_chainid_flag 
_struct_asym.pdbx_modified 
_struct_asym.entity_id 
_struct_asym.details 
A N N 1 ? 
B N N 2 ? 
C N N 3 ? 
# 
_struct_ref.id                         1 
_struct_ref.db_name                    UNP 
_struct_ref.db_code                    PP13_HUMAN 
_struct_ref.pdbx_db_accession          Q9UHV8 
_struct_ref.pdbx_db_isoform            ? 
_struct_ref.entity_id                  1 
_struct_ref.pdbx_seq_one_letter_code   
;SSLPVPYKLPVSLSVGSCVIIKGTPIHSFINDPQLQVDFYTDMDEDSDIAFRFRVHFGNHVVMNRREFGIWMLEETTDYV
PFEDGKQFELCIYVHYNEYEIKVNGIRIYGFVHRIPPSFVKMVQVSRDISLTSVCVCN
;
_struct_ref.pdbx_align_begin           2 
# 
_struct_ref_seq.align_id                      1 
_struct_ref_seq.ref_id                        1 
_struct_ref_seq.pdbx_PDB_id_code              6A65 
_struct_ref_seq.pdbx_strand_id                A 
_struct_ref_seq.seq_align_beg                 1 
_struct_ref_seq.pdbx_seq_align_beg_ins_code   ? 
_struct_ref_seq.seq_align_end                 138 
_struct_ref_seq.pdbx_seq_align_end_ins_code   ? 
_struct_ref_seq.pdbx_db_accession             Q9UHV8 
_struct_ref_seq.db_align_beg                  2 
_struct_ref_seq.pdbx_db_align_beg_ins_code    ? 
_struct_ref_seq.db_align_end                  139 
_struct_ref_seq.pdbx_db_align_end_ins_code    ? 
_struct_ref_seq.pdbx_auth_seq_align_beg       2 
_struct_ref_seq.pdbx_auth_seq_align_end       139 
# 
loop_
_struct_ref_seq_dif.align_id 
_struct_ref_seq_dif.pdbx_pdb_id_code 
_struct_ref_seq_dif.mon_id 
_struct_ref_seq_dif.pdbx_pdb_strand_id 
_struct_ref_seq_dif.seq_num 
_struct_ref_seq_dif.pdbx_pdb_ins_code 
_struct_ref_seq_dif.pdbx_seq_db_name 
_struct_ref_seq_dif.pdbx_seq_db_accession_code 
_struct_ref_seq_dif.db_mon_id 
_struct_ref_seq_dif.pdbx_seq_db_seq_num 
_struct_ref_seq_dif.details 
_struct_ref_seq_dif.pdbx_auth_seq_num 
_struct_ref_seq_dif.pdbx_ordinal 
1 6A65 HIS A 52 ? UNP Q9UHV8 ARG 53 'engineered mutation' 53 1 
1 6A65 ASN A 54 ? UNP Q9UHV8 ARG 55 'engineered mutation' 55 2 
# 
_pdbx_struct_assembly.id                   1 
_pdbx_struct_assembly.details              author_and_software_defined_assembly 
_pdbx_struct_assembly.method_details       PISA 
_pdbx_struct_assembly.oligomeric_details   dimeric 
_pdbx_struct_assembly.oligomeric_count     2 
# 
loop_
_pdbx_struct_assembly_prop.biol_id 
_pdbx_struct_assembly_prop.type 
_pdbx_struct_assembly_prop.value 
_pdbx_struct_assembly_prop.details 
1 'ABSA (A^2)' 990   ? 
1 MORE         -6    ? 
1 'SSA (A^2)'  12840 ? 
# 
_pdbx_struct_assembly_gen.assembly_id       1 
_pdbx_struct_assembly_gen.oper_expression   1,2 
_pdbx_struct_assembly_gen.asym_id_list      A,B,C 
# 
_pdbx_struct_assembly_auth_evidence.id                     1 
_pdbx_struct_assembly_auth_evidence.assembly_id            1 
_pdbx_struct_assembly_auth_evidence.experimental_support   'gel filtration' 
_pdbx_struct_assembly_auth_evidence.details                ? 
# 
loop_
_pdbx_struct_oper_list.id 
_pdbx_struct_oper_list.type 
_pdbx_struct_oper_list.name 
_pdbx_struct_oper_list.symmetry_operation 
_pdbx_struct_oper_list.matrix[1][1] 
_pdbx_struct_oper_list.matrix[1][2] 
_pdbx_struct_oper_list.matrix[1][3] 
_pdbx_struct_oper_list.vector[1] 
_pdbx_struct_oper_list.matrix[2][1] 
_pdbx_struct_oper_list.matrix[2][2] 
_pdbx_struct_oper_list.matrix[2][3] 
_pdbx_struct_oper_list.vector[2] 
_pdbx_struct_oper_list.matrix[3][1] 
_pdbx_struct_oper_list.matrix[3][2] 
_pdbx_struct_oper_list.matrix[3][3] 
_pdbx_struct_oper_list.vector[3] 
1 'identity operation'         1_555 x,y,z   1.0000000000  0.0000000000  0.0000000000  0.0000000000   0.0000000000  1.0000000000  0.0000000000 0.0000000000  0.0000000000  0.0000000000 1.0000000000 0.0000000000  
2 'crystal symmetry operation' 4_555 x,-y,-z -0.9955921837 -0.0333682976 -0.0876513573 -27.0019073584 -0.0333682976 -0.7473934453 0.6635432123 10.6669185490 -0.0876513573 0.6635432123 0.7429856291 -5.4186994267 
# 
loop_
_struct_conf.conf_type_id 
_struct_conf.id 
_struct_conf.pdbx_PDB_helix_id 
_struct_conf.beg_label_comp_id 
_struct_conf.beg_label_asym_id 
_struct_conf.beg_label_seq_id 
_struct_conf.pdbx_beg_PDB_ins_code 
_struct_conf.end_label_comp_id 
_struct_conf.end_label_asym_id 
_struct_conf.end_label_seq_id 
_struct_conf.pdbx_end_PDB_ins_code 
_struct_conf.beg_auth_comp_id 
_struct_conf.beg_auth_asym_id 
_struct_conf.beg_auth_seq_id 
_struct_conf.end_auth_comp_id 
_struct_conf.end_auth_asym_id 
_struct_conf.end_auth_seq_id 
_struct_conf.pdbx_PDB_helix_class 
_struct_conf.details 
_struct_conf.pdbx_PDB_helix_length 
HELX_P HELX_P1 AA1 SER A 28  ? ASP A 32  ? SER A 29  ASP A 33  5 ? 5 
HELX_P HELX_P2 AA2 PRO A 116 ? VAL A 120 ? PRO A 117 VAL A 121 5 ? 5 
# 
_struct_conf_type.id          HELX_P 
_struct_conf_type.criteria    ? 
_struct_conf_type.reference   ? 
# 
_struct_conn.id                            disulf1 
_struct_conn.conn_type_id                  disulf 
_struct_conn.pdbx_leaving_atom_flag        ? 
_struct_conn.pdbx_PDB_id                   ? 
_struct_conn.ptnr1_label_asym_id           A 
_struct_conn.ptnr1_label_comp_id           CYS 
_struct_conn.ptnr1_label_seq_id            135 
_struct_conn.ptnr1_label_atom_id           SG 
_struct_conn.pdbx_ptnr1_label_alt_id       ? 
_struct_conn.pdbx_ptnr1_PDB_ins_code       ? 
_struct_conn.pdbx_ptnr1_standard_comp_id   ? 
_struct_conn.ptnr1_symmetry                1_555 
_struct_conn.ptnr2_label_asym_id           A 
_struct_conn.ptnr2_label_comp_id           CYS 
_struct_conn.ptnr2_label_seq_id            137 
_struct_conn.ptnr2_label_atom_id           SG 
_struct_conn.pdbx_ptnr2_label_alt_id       ? 
_struct_conn.pdbx_ptnr2_PDB_ins_code       ? 
_struct_conn.ptnr1_auth_asym_id            A 
_struct_conn.ptnr1_auth_comp_id            CYS 
_struct_conn.ptnr1_auth_seq_id             136 
_struct_conn.ptnr2_auth_asym_id            A 
_struct_conn.ptnr2_auth_comp_id            CYS 
_struct_conn.ptnr2_auth_seq_id             138 
_struct_conn.ptnr2_symmetry                4_555 
_struct_conn.pdbx_ptnr3_label_atom_id      ? 
_struct_conn.pdbx_ptnr3_label_seq_id       ? 
_struct_conn.pdbx_ptnr3_label_comp_id      ? 
_struct_conn.pdbx_ptnr3_label_asym_id      ? 
_struct_conn.pdbx_ptnr3_label_alt_id       ? 
_struct_conn.pdbx_ptnr3_PDB_ins_code       ? 
_struct_conn.details                       ? 
_struct_conn.pdbx_dist_value               2.051 
_struct_conn.pdbx_value_order              ? 
_struct_conn.pdbx_role                     ? 
# 
_struct_conn_type.id          disulf 
_struct_conn_type.criteria    ? 
_struct_conn_type.reference   ? 
# 
_pdbx_modification_feature.ordinal                            1 
_pdbx_modification_feature.label_comp_id                      CYS 
_pdbx_modification_feature.label_asym_id                      A 
_pdbx_modification_feature.label_seq_id                       135 
_pdbx_modification_feature.label_alt_id                       ? 
_pdbx_modification_feature.modified_residue_label_comp_id     CYS 
_pdbx_modification_feature.modified_residue_label_asym_id     A 
_pdbx_modification_feature.modified_residue_label_seq_id      137 
_pdbx_modification_feature.modified_residue_label_alt_id      ? 
_pdbx_modification_feature.auth_comp_id                       CYS 
_pdbx_modification_feature.auth_asym_id                       A 
_pdbx_modification_feature.auth_seq_id                        136 
_pdbx_modification_feature.PDB_ins_code                       ? 
_pdbx_modification_feature.symmetry                           1_555 
_pdbx_modification_feature.modified_residue_auth_comp_id      CYS 
_pdbx_modification_feature.modified_residue_auth_asym_id      A 
_pdbx_modification_feature.modified_residue_auth_seq_id       138 
_pdbx_modification_feature.modified_residue_PDB_ins_code      ? 
_pdbx_modification_feature.modified_residue_symmetry          4_555 
_pdbx_modification_feature.comp_id_linking_atom               SG 
_pdbx_modification_feature.modified_residue_id_linking_atom   SG 
_pdbx_modification_feature.modified_residue_id                . 
_pdbx_modification_feature.ref_pcm_id                         . 
_pdbx_modification_feature.ref_comp_id                        . 
_pdbx_modification_feature.type                               None 
_pdbx_modification_feature.category                           'Disulfide bridge' 
# 
_struct_mon_prot_cis.pdbx_id                1 
_struct_mon_prot_cis.label_comp_id          VAL 
_struct_mon_prot_cis.label_seq_id           5 
_struct_mon_prot_cis.label_asym_id          A 
_struct_mon_prot_cis.label_alt_id           . 
_struct_mon_prot_cis.pdbx_PDB_ins_code      ? 
_struct_mon_prot_cis.auth_comp_id           VAL 
_struct_mon_prot_cis.auth_seq_id            6 
_struct_mon_prot_cis.auth_asym_id           A 
_struct_mon_prot_cis.pdbx_label_comp_id_2   PRO 
_struct_mon_prot_cis.pdbx_label_seq_id_2    6 
_struct_mon_prot_cis.pdbx_label_asym_id_2   A 
_struct_mon_prot_cis.pdbx_PDB_ins_code_2    ? 
_struct_mon_prot_cis.pdbx_auth_comp_id_2    PRO 
_struct_mon_prot_cis.pdbx_auth_seq_id_2     7 
_struct_mon_prot_cis.pdbx_auth_asym_id_2    A 
_struct_mon_prot_cis.pdbx_PDB_model_num     1 
_struct_mon_prot_cis.pdbx_omega_angle       0.75 
# 
loop_
_struct_sheet.id 
_struct_sheet.type 
_struct_sheet.number_strands 
_struct_sheet.details 
AA1 ? 6 ? 
AA2 ? 6 ? 
AA3 ? 5 ? 
# 
loop_
_struct_sheet_order.sheet_id 
_struct_sheet_order.range_id_1 
_struct_sheet_order.range_id_2 
_struct_sheet_order.offset 
_struct_sheet_order.sense 
AA1 1 2 ? anti-parallel 
AA1 2 3 ? anti-parallel 
AA1 3 4 ? anti-parallel 
AA1 4 5 ? anti-parallel 
AA1 5 6 ? anti-parallel 
AA2 1 2 ? anti-parallel 
AA2 2 3 ? anti-parallel 
AA2 3 4 ? anti-parallel 
AA2 4 5 ? anti-parallel 
AA2 5 6 ? anti-parallel 
AA3 1 2 ? anti-parallel 
AA3 2 3 ? anti-parallel 
AA3 3 4 ? anti-parallel 
AA3 4 5 ? anti-parallel 
# 
loop_
_struct_sheet_range.sheet_id 
_struct_sheet_range.id 
_struct_sheet_range.beg_label_comp_id 
_struct_sheet_range.beg_label_asym_id 
_struct_sheet_range.beg_label_seq_id 
_struct_sheet_range.pdbx_beg_PDB_ins_code 
_struct_sheet_range.end_label_comp_id 
_struct_sheet_range.end_label_asym_id 
_struct_sheet_range.end_label_seq_id 
_struct_sheet_range.pdbx_end_PDB_ins_code 
_struct_sheet_range.beg_auth_comp_id 
_struct_sheet_range.beg_auth_asym_id 
_struct_sheet_range.beg_auth_seq_id 
_struct_sheet_range.end_auth_comp_id 
_struct_sheet_range.end_auth_asym_id 
_struct_sheet_range.end_auth_seq_id 
AA1 1 TYR A 7   ? PRO A 10  ? TYR A 8   PRO A 11  
AA1 2 MET A 122 ? ARG A 127 ? MET A 123 ARG A 128 
AA1 3 GLN A 34  ? TYR A 40  ? GLN A 35  TYR A 41  
AA1 4 ILE A 49  ? HIS A 56  ? ILE A 50  HIS A 57  
AA1 5 HIS A 60  ? GLU A 67  ? HIS A 61  GLU A 68  
AA1 6 ILE A 70  ? TRP A 71  ? ILE A 71  TRP A 72  
AA2 1 TYR A 7   ? PRO A 10  ? TYR A 8   PRO A 11  
AA2 2 MET A 122 ? ARG A 127 ? MET A 123 ARG A 128 
AA2 3 GLN A 34  ? TYR A 40  ? GLN A 35  TYR A 41  
AA2 4 ILE A 49  ? HIS A 56  ? ILE A 50  HIS A 57  
AA2 5 HIS A 60  ? GLU A 67  ? HIS A 61  GLU A 68  
AA2 6 GLU A 75  ? THR A 77  ? GLU A 76  THR A 78  
AA3 1 ILE A 106 ? VAL A 112 ? ILE A 107 VAL A 113 
AA3 2 GLU A 98  ? VAL A 103 ? GLU A 99  VAL A 104 
AA3 3 PHE A 88  ? VAL A 94  ? PHE A 89  VAL A 95  
AA3 4 CYS A 18  ? PRO A 25  ? CYS A 19  PRO A 26  
AA3 5 ILE A 129 ? CYS A 137 ? ILE A 130 CYS A 138 
# 
loop_
_pdbx_struct_sheet_hbond.sheet_id 
_pdbx_struct_sheet_hbond.range_id_1 
_pdbx_struct_sheet_hbond.range_id_2 
_pdbx_struct_sheet_hbond.range_1_label_atom_id 
_pdbx_struct_sheet_hbond.range_1_label_comp_id 
_pdbx_struct_sheet_hbond.range_1_label_asym_id 
_pdbx_struct_sheet_hbond.range_1_label_seq_id 
_pdbx_struct_sheet_hbond.range_1_PDB_ins_code 
_pdbx_struct_sheet_hbond.range_1_auth_atom_id 
_pdbx_struct_sheet_hbond.range_1_auth_comp_id 
_pdbx_struct_sheet_hbond.range_1_auth_asym_id 
_pdbx_struct_sheet_hbond.range_1_auth_seq_id 
_pdbx_struct_sheet_hbond.range_2_label_atom_id 
_pdbx_struct_sheet_hbond.range_2_label_comp_id 
_pdbx_struct_sheet_hbond.range_2_label_asym_id 
_pdbx_struct_sheet_hbond.range_2_label_seq_id 
_pdbx_struct_sheet_hbond.range_2_PDB_ins_code 
_pdbx_struct_sheet_hbond.range_2_auth_atom_id 
_pdbx_struct_sheet_hbond.range_2_auth_comp_id 
_pdbx_struct_sheet_hbond.range_2_auth_asym_id 
_pdbx_struct_sheet_hbond.range_2_auth_seq_id 
AA1 1 2 N LEU A 9   ? N LEU A 10  O VAL A 123 ? O VAL A 124 
AA1 2 3 O SER A 126 ? O SER A 127 N GLN A 36  ? N GLN A 37  
AA1 3 4 N LEU A 35  ? N LEU A 36  O VAL A 55  ? O VAL A 56  
AA1 4 5 N HIS A 56  ? N HIS A 57  O HIS A 60  ? O HIS A 61  
AA1 5 6 N GLU A 67  ? N GLU A 68  O ILE A 70  ? O ILE A 71  
AA2 1 2 N LEU A 9   ? N LEU A 10  O VAL A 123 ? O VAL A 124 
AA2 2 3 O SER A 126 ? O SER A 127 N GLN A 36  ? N GLN A 37  
AA2 3 4 N LEU A 35  ? N LEU A 36  O VAL A 55  ? O VAL A 56  
AA2 4 5 N HIS A 56  ? N HIS A 57  O HIS A 60  ? O HIS A 61  
AA2 5 6 N MET A 63  ? N MET A 64  O GLU A 75  ? O GLU A 76  
AA3 1 2 O ILE A 106 ? O ILE A 107 N VAL A 103 ? N VAL A 104 
AA3 2 3 O GLU A 100 ? O GLU A 101 N TYR A 93  ? N TYR A 94  
AA3 3 4 O LEU A 90  ? O LEU A 91  N ILE A 21  ? N ILE A 22  
AA3 4 5 N ILE A 20  ? N ILE A 21  O CYS A 135 ? O CYS A 136 
# 
_struct_site.id                   AC1 
_struct_site.pdbx_evidence_code   Software 
_struct_site.pdbx_auth_asym_id    A 
_struct_site.pdbx_auth_comp_id    TRS 
_struct_site.pdbx_auth_seq_id     201 
_struct_site.pdbx_auth_ins_code   ? 
_struct_site.pdbx_num_residues    5 
_struct_site.details              'binding site for residue TRS A 201' 
# 
loop_
_struct_site_gen.id 
_struct_site_gen.site_id 
_struct_site_gen.pdbx_num_res 
_struct_site_gen.label_comp_id 
_struct_site_gen.label_asym_id 
_struct_site_gen.label_seq_id 
_struct_site_gen.pdbx_auth_ins_code 
_struct_site_gen.auth_comp_id 
_struct_site_gen.auth_asym_id 
_struct_site_gen.auth_seq_id 
_struct_site_gen.label_atom_id 
_struct_site_gen.label_alt_id 
_struct_site_gen.symmetry 
_struct_site_gen.details 
1 AC1 5 ASP A 32 ? ASP A 33 . ? 6_445 ? 
2 AC1 5 VAL A 62 ? VAL A 63 . ? 1_555 ? 
3 AC1 5 ASN A 64 ? ASN A 65 . ? 1_555 ? 
4 AC1 5 TRP A 71 ? TRP A 72 . ? 1_555 ? 
5 AC1 5 GLU A 74 ? GLU A 75 . ? 1_555 ? 
# 
_pdbx_entry_details.entry_id                   6A65 
_pdbx_entry_details.compound_details           ? 
_pdbx_entry_details.source_details             ? 
_pdbx_entry_details.nonpolymer_details         ? 
_pdbx_entry_details.sequence_details           ? 
_pdbx_entry_details.has_ligand_of_interest     ? 
_pdbx_entry_details.has_protein_modification   Y 
# 
loop_
_pdbx_validate_torsion.id 
_pdbx_validate_torsion.PDB_model_num 
_pdbx_validate_torsion.auth_comp_id 
_pdbx_validate_torsion.auth_asym_id 
_pdbx_validate_torsion.auth_seq_id 
_pdbx_validate_torsion.PDB_ins_code 
_pdbx_validate_torsion.label_alt_id 
_pdbx_validate_torsion.phi 
_pdbx_validate_torsion.psi 
1 1 PHE A 52  ? ? -160.94 117.52  
2 1 ASN A 60  ? ? -136.59 -77.57  
3 1 MET A 73  ? ? -89.32  -157.47 
4 1 PRO A 82  ? ? -74.32  48.62   
5 1 ARG A 128 ? ? 85.63   -136.97 
6 1 ASP A 129 ? ? -92.39  50.58   
# 
loop_
_chem_comp_atom.comp_id 
_chem_comp_atom.atom_id 
_chem_comp_atom.type_symbol 
_chem_comp_atom.pdbx_aromatic_flag 
_chem_comp_atom.pdbx_stereo_config 
_chem_comp_atom.pdbx_ordinal 
ALA N    N N N 1   
ALA CA   C N S 2   
ALA C    C N N 3   
ALA O    O N N 4   
ALA CB   C N N 5   
ALA OXT  O N N 6   
ALA H    H N N 7   
ALA H2   H N N 8   
ALA HA   H N N 9   
ALA HB1  H N N 10  
ALA HB2  H N N 11  
ALA HB3  H N N 12  
ALA HXT  H N N 13  
ARG N    N N N 14  
ARG CA   C N S 15  
ARG C    C N N 16  
ARG O    O N N 17  
ARG CB   C N N 18  
ARG CG   C N N 19  
ARG CD   C N N 20  
ARG NE   N N N 21  
ARG CZ   C N N 22  
ARG NH1  N N N 23  
ARG NH2  N N N 24  
ARG OXT  O N N 25  
ARG H    H N N 26  
ARG H2   H N N 27  
ARG HA   H N N 28  
ARG HB2  H N N 29  
ARG HB3  H N N 30  
ARG HG2  H N N 31  
ARG HG3  H N N 32  
ARG HD2  H N N 33  
ARG HD3  H N N 34  
ARG HE   H N N 35  
ARG HH11 H N N 36  
ARG HH12 H N N 37  
ARG HH21 H N N 38  
ARG HH22 H N N 39  
ARG HXT  H N N 40  
ASN N    N N N 41  
ASN CA   C N S 42  
ASN C    C N N 43  
ASN O    O N N 44  
ASN CB   C N N 45  
ASN CG   C N N 46  
ASN OD1  O N N 47  
ASN ND2  N N N 48  
ASN OXT  O N N 49  
ASN H    H N N 50  
ASN H2   H N N 51  
ASN HA   H N N 52  
ASN HB2  H N N 53  
ASN HB3  H N N 54  
ASN HD21 H N N 55  
ASN HD22 H N N 56  
ASN HXT  H N N 57  
ASP N    N N N 58  
ASP CA   C N S 59  
ASP C    C N N 60  
ASP O    O N N 61  
ASP CB   C N N 62  
ASP CG   C N N 63  
ASP OD1  O N N 64  
ASP OD2  O N N 65  
ASP OXT  O N N 66  
ASP H    H N N 67  
ASP H2   H N N 68  
ASP HA   H N N 69  
ASP HB2  H N N 70  
ASP HB3  H N N 71  
ASP HD2  H N N 72  
ASP HXT  H N N 73  
CYS N    N N N 74  
CYS CA   C N R 75  
CYS C    C N N 76  
CYS O    O N N 77  
CYS CB   C N N 78  
CYS SG   S N N 79  
CYS OXT  O N N 80  
CYS H    H N N 81  
CYS H2   H N N 82  
CYS HA   H N N 83  
CYS HB2  H N N 84  
CYS HB3  H N N 85  
CYS HG   H N N 86  
CYS HXT  H N N 87  
GLN N    N N N 88  
GLN CA   C N S 89  
GLN C    C N N 90  
GLN O    O N N 91  
GLN CB   C N N 92  
GLN CG   C N N 93  
GLN CD   C N N 94  
GLN OE1  O N N 95  
GLN NE2  N N N 96  
GLN OXT  O N N 97  
GLN H    H N N 98  
GLN H2   H N N 99  
GLN HA   H N N 100 
GLN HB2  H N N 101 
GLN HB3  H N N 102 
GLN HG2  H N N 103 
GLN HG3  H N N 104 
GLN HE21 H N N 105 
GLN HE22 H N N 106 
GLN HXT  H N N 107 
GLU N    N N N 108 
GLU CA   C N S 109 
GLU C    C N N 110 
GLU O    O N N 111 
GLU CB   C N N 112 
GLU CG   C N N 113 
GLU CD   C N N 114 
GLU OE1  O N N 115 
GLU OE2  O N N 116 
GLU OXT  O N N 117 
GLU H    H N N 118 
GLU H2   H N N 119 
GLU HA   H N N 120 
GLU HB2  H N N 121 
GLU HB3  H N N 122 
GLU HG2  H N N 123 
GLU HG3  H N N 124 
GLU HE2  H N N 125 
GLU HXT  H N N 126 
GLY N    N N N 127 
GLY CA   C N N 128 
GLY C    C N N 129 
GLY O    O N N 130 
GLY OXT  O N N 131 
GLY H    H N N 132 
GLY H2   H N N 133 
GLY HA2  H N N 134 
GLY HA3  H N N 135 
GLY HXT  H N N 136 
HIS N    N N N 137 
HIS CA   C N S 138 
HIS C    C N N 139 
HIS O    O N N 140 
HIS CB   C N N 141 
HIS CG   C Y N 142 
HIS ND1  N Y N 143 
HIS CD2  C Y N 144 
HIS CE1  C Y N 145 
HIS NE2  N Y N 146 
HIS OXT  O N N 147 
HIS H    H N N 148 
HIS H2   H N N 149 
HIS HA   H N N 150 
HIS HB2  H N N 151 
HIS HB3  H N N 152 
HIS HD1  H N N 153 
HIS HD2  H N N 154 
HIS HE1  H N N 155 
HIS HE2  H N N 156 
HIS HXT  H N N 157 
HOH O    O N N 158 
HOH H1   H N N 159 
HOH H2   H N N 160 
ILE N    N N N 161 
ILE CA   C N S 162 
ILE C    C N N 163 
ILE O    O N N 164 
ILE CB   C N S 165 
ILE CG1  C N N 166 
ILE CG2  C N N 167 
ILE CD1  C N N 168 
ILE OXT  O N N 169 
ILE H    H N N 170 
ILE H2   H N N 171 
ILE HA   H N N 172 
ILE HB   H N N 173 
ILE HG12 H N N 174 
ILE HG13 H N N 175 
ILE HG21 H N N 176 
ILE HG22 H N N 177 
ILE HG23 H N N 178 
ILE HD11 H N N 179 
ILE HD12 H N N 180 
ILE HD13 H N N 181 
ILE HXT  H N N 182 
LEU N    N N N 183 
LEU CA   C N S 184 
LEU C    C N N 185 
LEU O    O N N 186 
LEU CB   C N N 187 
LEU CG   C N N 188 
LEU CD1  C N N 189 
LEU CD2  C N N 190 
LEU OXT  O N N 191 
LEU H    H N N 192 
LEU H2   H N N 193 
LEU HA   H N N 194 
LEU HB2  H N N 195 
LEU HB3  H N N 196 
LEU HG   H N N 197 
LEU HD11 H N N 198 
LEU HD12 H N N 199 
LEU HD13 H N N 200 
LEU HD21 H N N 201 
LEU HD22 H N N 202 
LEU HD23 H N N 203 
LEU HXT  H N N 204 
LYS N    N N N 205 
LYS CA   C N S 206 
LYS C    C N N 207 
LYS O    O N N 208 
LYS CB   C N N 209 
LYS CG   C N N 210 
LYS CD   C N N 211 
LYS CE   C N N 212 
LYS NZ   N N N 213 
LYS OXT  O N N 214 
LYS H    H N N 215 
LYS H2   H N N 216 
LYS HA   H N N 217 
LYS HB2  H N N 218 
LYS HB3  H N N 219 
LYS HG2  H N N 220 
LYS HG3  H N N 221 
LYS HD2  H N N 222 
LYS HD3  H N N 223 
LYS HE2  H N N 224 
LYS HE3  H N N 225 
LYS HZ1  H N N 226 
LYS HZ2  H N N 227 
LYS HZ3  H N N 228 
LYS HXT  H N N 229 
MET N    N N N 230 
MET CA   C N S 231 
MET C    C N N 232 
MET O    O N N 233 
MET CB   C N N 234 
MET CG   C N N 235 
MET SD   S N N 236 
MET CE   C N N 237 
MET OXT  O N N 238 
MET H    H N N 239 
MET H2   H N N 240 
MET HA   H N N 241 
MET HB2  H N N 242 
MET HB3  H N N 243 
MET HG2  H N N 244 
MET HG3  H N N 245 
MET HE1  H N N 246 
MET HE2  H N N 247 
MET HE3  H N N 248 
MET HXT  H N N 249 
PHE N    N N N 250 
PHE CA   C N S 251 
PHE C    C N N 252 
PHE O    O N N 253 
PHE CB   C N N 254 
PHE CG   C Y N 255 
PHE CD1  C Y N 256 
PHE CD2  C Y N 257 
PHE CE1  C Y N 258 
PHE CE2  C Y N 259 
PHE CZ   C Y N 260 
PHE OXT  O N N 261 
PHE H    H N N 262 
PHE H2   H N N 263 
PHE HA   H N N 264 
PHE HB2  H N N 265 
PHE HB3  H N N 266 
PHE HD1  H N N 267 
PHE HD2  H N N 268 
PHE HE1  H N N 269 
PHE HE2  H N N 270 
PHE HZ   H N N 271 
PHE HXT  H N N 272 
PRO N    N N N 273 
PRO CA   C N S 274 
PRO C    C N N 275 
PRO O    O N N 276 
PRO CB   C N N 277 
PRO CG   C N N 278 
PRO CD   C N N 279 
PRO OXT  O N N 280 
PRO H    H N N 281 
PRO HA   H N N 282 
PRO HB2  H N N 283 
PRO HB3  H N N 284 
PRO HG2  H N N 285 
PRO HG3  H N N 286 
PRO HD2  H N N 287 
PRO HD3  H N N 288 
PRO HXT  H N N 289 
SER N    N N N 290 
SER CA   C N S 291 
SER C    C N N 292 
SER O    O N N 293 
SER CB   C N N 294 
SER OG   O N N 295 
SER OXT  O N N 296 
SER H    H N N 297 
SER H2   H N N 298 
SER HA   H N N 299 
SER HB2  H N N 300 
SER HB3  H N N 301 
SER HG   H N N 302 
SER HXT  H N N 303 
THR N    N N N 304 
THR CA   C N S 305 
THR C    C N N 306 
THR O    O N N 307 
THR CB   C N R 308 
THR OG1  O N N 309 
THR CG2  C N N 310 
THR OXT  O N N 311 
THR H    H N N 312 
THR H2   H N N 313 
THR HA   H N N 314 
THR HB   H N N 315 
THR HG1  H N N 316 
THR HG21 H N N 317 
THR HG22 H N N 318 
THR HG23 H N N 319 
THR HXT  H N N 320 
TRP N    N N N 321 
TRP CA   C N S 322 
TRP C    C N N 323 
TRP O    O N N 324 
TRP CB   C N N 325 
TRP CG   C Y N 326 
TRP CD1  C Y N 327 
TRP CD2  C Y N 328 
TRP NE1  N Y N 329 
TRP CE2  C Y N 330 
TRP CE3  C Y N 331 
TRP CZ2  C Y N 332 
TRP CZ3  C Y N 333 
TRP CH2  C Y N 334 
TRP OXT  O N N 335 
TRP H    H N N 336 
TRP H2   H N N 337 
TRP HA   H N N 338 
TRP HB2  H N N 339 
TRP HB3  H N N 340 
TRP HD1  H N N 341 
TRP HE1  H N N 342 
TRP HE3  H N N 343 
TRP HZ2  H N N 344 
TRP HZ3  H N N 345 
TRP HH2  H N N 346 
TRP HXT  H N N 347 
TRS C    C N N 348 
TRS C1   C N N 349 
TRS C2   C N N 350 
TRS C3   C N N 351 
TRS N    N N N 352 
TRS O1   O N N 353 
TRS O2   O N N 354 
TRS O3   O N N 355 
TRS H11  H N N 356 
TRS H12  H N N 357 
TRS H21  H N N 358 
TRS H22  H N N 359 
TRS H31  H N N 360 
TRS H32  H N N 361 
TRS HN1  H N N 362 
TRS HN2  H N N 363 
TRS HN3  H N N 364 
TRS HO1  H N N 365 
TRS HO2  H N N 366 
TRS HO3  H N N 367 
TYR N    N N N 368 
TYR CA   C N S 369 
TYR C    C N N 370 
TYR O    O N N 371 
TYR CB   C N N 372 
TYR CG   C Y N 373 
TYR CD1  C Y N 374 
TYR CD2  C Y N 375 
TYR CE1  C Y N 376 
TYR CE2  C Y N 377 
TYR CZ   C Y N 378 
TYR OH   O N N 379 
TYR OXT  O N N 380 
TYR H    H N N 381 
TYR H2   H N N 382 
TYR HA   H N N 383 
TYR HB2  H N N 384 
TYR HB3  H N N 385 
TYR HD1  H N N 386 
TYR HD2  H N N 387 
TYR HE1  H N N 388 
TYR HE2  H N N 389 
TYR HH   H N N 390 
TYR HXT  H N N 391 
VAL N    N N N 392 
VAL CA   C N S 393 
VAL C    C N N 394 
VAL O    O N N 395 
VAL CB   C N N 396 
VAL CG1  C N N 397 
VAL CG2  C N N 398 
VAL OXT  O N N 399 
VAL H    H N N 400 
VAL H2   H N N 401 
VAL HA   H N N 402 
VAL HB   H N N 403 
VAL HG11 H N N 404 
VAL HG12 H N N 405 
VAL HG13 H N N 406 
VAL HG21 H N N 407 
VAL HG22 H N N 408 
VAL HG23 H N N 409 
VAL HXT  H N N 410 
# 
loop_
_chem_comp_bond.comp_id 
_chem_comp_bond.atom_id_1 
_chem_comp_bond.atom_id_2 
_chem_comp_bond.value_order 
_chem_comp_bond.pdbx_aromatic_flag 
_chem_comp_bond.pdbx_stereo_config 
_chem_comp_bond.pdbx_ordinal 
ALA N   CA   sing N N 1   
ALA N   H    sing N N 2   
ALA N   H2   sing N N 3   
ALA CA  C    sing N N 4   
ALA CA  CB   sing N N 5   
ALA CA  HA   sing N N 6   
ALA C   O    doub N N 7   
ALA C   OXT  sing N N 8   
ALA CB  HB1  sing N N 9   
ALA CB  HB2  sing N N 10  
ALA CB  HB3  sing N N 11  
ALA OXT HXT  sing N N 12  
ARG N   CA   sing N N 13  
ARG N   H    sing N N 14  
ARG N   H2   sing N N 15  
ARG CA  C    sing N N 16  
ARG CA  CB   sing N N 17  
ARG CA  HA   sing N N 18  
ARG C   O    doub N N 19  
ARG C   OXT  sing N N 20  
ARG CB  CG   sing N N 21  
ARG CB  HB2  sing N N 22  
ARG CB  HB3  sing N N 23  
ARG CG  CD   sing N N 24  
ARG CG  HG2  sing N N 25  
ARG CG  HG3  sing N N 26  
ARG CD  NE   sing N N 27  
ARG CD  HD2  sing N N 28  
ARG CD  HD3  sing N N 29  
ARG NE  CZ   sing N N 30  
ARG NE  HE   sing N N 31  
ARG CZ  NH1  sing N N 32  
ARG CZ  NH2  doub N N 33  
ARG NH1 HH11 sing N N 34  
ARG NH1 HH12 sing N N 35  
ARG NH2 HH21 sing N N 36  
ARG NH2 HH22 sing N N 37  
ARG OXT HXT  sing N N 38  
ASN N   CA   sing N N 39  
ASN N   H    sing N N 40  
ASN N   H2   sing N N 41  
ASN CA  C    sing N N 42  
ASN CA  CB   sing N N 43  
ASN CA  HA   sing N N 44  
ASN C   O    doub N N 45  
ASN C   OXT  sing N N 46  
ASN CB  CG   sing N N 47  
ASN CB  HB2  sing N N 48  
ASN CB  HB3  sing N N 49  
ASN CG  OD1  doub N N 50  
ASN CG  ND2  sing N N 51  
ASN ND2 HD21 sing N N 52  
ASN ND2 HD22 sing N N 53  
ASN OXT HXT  sing N N 54  
ASP N   CA   sing N N 55  
ASP N   H    sing N N 56  
ASP N   H2   sing N N 57  
ASP CA  C    sing N N 58  
ASP CA  CB   sing N N 59  
ASP CA  HA   sing N N 60  
ASP C   O    doub N N 61  
ASP C   OXT  sing N N 62  
ASP CB  CG   sing N N 63  
ASP CB  HB2  sing N N 64  
ASP CB  HB3  sing N N 65  
ASP CG  OD1  doub N N 66  
ASP CG  OD2  sing N N 67  
ASP OD2 HD2  sing N N 68  
ASP OXT HXT  sing N N 69  
CYS N   CA   sing N N 70  
CYS N   H    sing N N 71  
CYS N   H2   sing N N 72  
CYS CA  C    sing N N 73  
CYS CA  CB   sing N N 74  
CYS CA  HA   sing N N 75  
CYS C   O    doub N N 76  
CYS C   OXT  sing N N 77  
CYS CB  SG   sing N N 78  
CYS CB  HB2  sing N N 79  
CYS CB  HB3  sing N N 80  
CYS SG  HG   sing N N 81  
CYS OXT HXT  sing N N 82  
GLN N   CA   sing N N 83  
GLN N   H    sing N N 84  
GLN N   H2   sing N N 85  
GLN CA  C    sing N N 86  
GLN CA  CB   sing N N 87  
GLN CA  HA   sing N N 88  
GLN C   O    doub N N 89  
GLN C   OXT  sing N N 90  
GLN CB  CG   sing N N 91  
GLN CB  HB2  sing N N 92  
GLN CB  HB3  sing N N 93  
GLN CG  CD   sing N N 94  
GLN CG  HG2  sing N N 95  
GLN CG  HG3  sing N N 96  
GLN CD  OE1  doub N N 97  
GLN CD  NE2  sing N N 98  
GLN NE2 HE21 sing N N 99  
GLN NE2 HE22 sing N N 100 
GLN OXT HXT  sing N N 101 
GLU N   CA   sing N N 102 
GLU N   H    sing N N 103 
GLU N   H2   sing N N 104 
GLU CA  C    sing N N 105 
GLU CA  CB   sing N N 106 
GLU CA  HA   sing N N 107 
GLU C   O    doub N N 108 
GLU C   OXT  sing N N 109 
GLU CB  CG   sing N N 110 
GLU CB  HB2  sing N N 111 
GLU CB  HB3  sing N N 112 
GLU CG  CD   sing N N 113 
GLU CG  HG2  sing N N 114 
GLU CG  HG3  sing N N 115 
GLU CD  OE1  doub N N 116 
GLU CD  OE2  sing N N 117 
GLU OE2 HE2  sing N N 118 
GLU OXT HXT  sing N N 119 
GLY N   CA   sing N N 120 
GLY N   H    sing N N 121 
GLY N   H2   sing N N 122 
GLY CA  C    sing N N 123 
GLY CA  HA2  sing N N 124 
GLY CA  HA3  sing N N 125 
GLY C   O    doub N N 126 
GLY C   OXT  sing N N 127 
GLY OXT HXT  sing N N 128 
HIS N   CA   sing N N 129 
HIS N   H    sing N N 130 
HIS N   H2   sing N N 131 
HIS CA  C    sing N N 132 
HIS CA  CB   sing N N 133 
HIS CA  HA   sing N N 134 
HIS C   O    doub N N 135 
HIS C   OXT  sing N N 136 
HIS CB  CG   sing N N 137 
HIS CB  HB2  sing N N 138 
HIS CB  HB3  sing N N 139 
HIS CG  ND1  sing Y N 140 
HIS CG  CD2  doub Y N 141 
HIS ND1 CE1  doub Y N 142 
HIS ND1 HD1  sing N N 143 
HIS CD2 NE2  sing Y N 144 
HIS CD2 HD2  sing N N 145 
HIS CE1 NE2  sing Y N 146 
HIS CE1 HE1  sing N N 147 
HIS NE2 HE2  sing N N 148 
HIS OXT HXT  sing N N 149 
HOH O   H1   sing N N 150 
HOH O   H2   sing N N 151 
ILE N   CA   sing N N 152 
ILE N   H    sing N N 153 
ILE N   H2   sing N N 154 
ILE CA  C    sing N N 155 
ILE CA  CB   sing N N 156 
ILE CA  HA   sing N N 157 
ILE C   O    doub N N 158 
ILE C   OXT  sing N N 159 
ILE CB  CG1  sing N N 160 
ILE CB  CG2  sing N N 161 
ILE CB  HB   sing N N 162 
ILE CG1 CD1  sing N N 163 
ILE CG1 HG12 sing N N 164 
ILE CG1 HG13 sing N N 165 
ILE CG2 HG21 sing N N 166 
ILE CG2 HG22 sing N N 167 
ILE CG2 HG23 sing N N 168 
ILE CD1 HD11 sing N N 169 
ILE CD1 HD12 sing N N 170 
ILE CD1 HD13 sing N N 171 
ILE OXT HXT  sing N N 172 
LEU N   CA   sing N N 173 
LEU N   H    sing N N 174 
LEU N   H2   sing N N 175 
LEU CA  C    sing N N 176 
LEU CA  CB   sing N N 177 
LEU CA  HA   sing N N 178 
LEU C   O    doub N N 179 
LEU C   OXT  sing N N 180 
LEU CB  CG   sing N N 181 
LEU CB  HB2  sing N N 182 
LEU CB  HB3  sing N N 183 
LEU CG  CD1  sing N N 184 
LEU CG  CD2  sing N N 185 
LEU CG  HG   sing N N 186 
LEU CD1 HD11 sing N N 187 
LEU CD1 HD12 sing N N 188 
LEU CD1 HD13 sing N N 189 
LEU CD2 HD21 sing N N 190 
LEU CD2 HD22 sing N N 191 
LEU CD2 HD23 sing N N 192 
LEU OXT HXT  sing N N 193 
LYS N   CA   sing N N 194 
LYS N   H    sing N N 195 
LYS N   H2   sing N N 196 
LYS CA  C    sing N N 197 
LYS CA  CB   sing N N 198 
LYS CA  HA   sing N N 199 
LYS C   O    doub N N 200 
LYS C   OXT  sing N N 201 
LYS CB  CG   sing N N 202 
LYS CB  HB2  sing N N 203 
LYS CB  HB3  sing N N 204 
LYS CG  CD   sing N N 205 
LYS CG  HG2  sing N N 206 
LYS CG  HG3  sing N N 207 
LYS CD  CE   sing N N 208 
LYS CD  HD2  sing N N 209 
LYS CD  HD3  sing N N 210 
LYS CE  NZ   sing N N 211 
LYS CE  HE2  sing N N 212 
LYS CE  HE3  sing N N 213 
LYS NZ  HZ1  sing N N 214 
LYS NZ  HZ2  sing N N 215 
LYS NZ  HZ3  sing N N 216 
LYS OXT HXT  sing N N 217 
MET N   CA   sing N N 218 
MET N   H    sing N N 219 
MET N   H2   sing N N 220 
MET CA  C    sing N N 221 
MET CA  CB   sing N N 222 
MET CA  HA   sing N N 223 
MET C   O    doub N N 224 
MET C   OXT  sing N N 225 
MET CB  CG   sing N N 226 
MET CB  HB2  sing N N 227 
MET CB  HB3  sing N N 228 
MET CG  SD   sing N N 229 
MET CG  HG2  sing N N 230 
MET CG  HG3  sing N N 231 
MET SD  CE   sing N N 232 
MET CE  HE1  sing N N 233 
MET CE  HE2  sing N N 234 
MET CE  HE3  sing N N 235 
MET OXT HXT  sing N N 236 
PHE N   CA   sing N N 237 
PHE N   H    sing N N 238 
PHE N   H2   sing N N 239 
PHE CA  C    sing N N 240 
PHE CA  CB   sing N N 241 
PHE CA  HA   sing N N 242 
PHE C   O    doub N N 243 
PHE C   OXT  sing N N 244 
PHE CB  CG   sing N N 245 
PHE CB  HB2  sing N N 246 
PHE CB  HB3  sing N N 247 
PHE CG  CD1  doub Y N 248 
PHE CG  CD2  sing Y N 249 
PHE CD1 CE1  sing Y N 250 
PHE CD1 HD1  sing N N 251 
PHE CD2 CE2  doub Y N 252 
PHE CD2 HD2  sing N N 253 
PHE CE1 CZ   doub Y N 254 
PHE CE1 HE1  sing N N 255 
PHE CE2 CZ   sing Y N 256 
PHE CE2 HE2  sing N N 257 
PHE CZ  HZ   sing N N 258 
PHE OXT HXT  sing N N 259 
PRO N   CA   sing N N 260 
PRO N   CD   sing N N 261 
PRO N   H    sing N N 262 
PRO CA  C    sing N N 263 
PRO CA  CB   sing N N 264 
PRO CA  HA   sing N N 265 
PRO C   O    doub N N 266 
PRO C   OXT  sing N N 267 
PRO CB  CG   sing N N 268 
PRO CB  HB2  sing N N 269 
PRO CB  HB3  sing N N 270 
PRO CG  CD   sing N N 271 
PRO CG  HG2  sing N N 272 
PRO CG  HG3  sing N N 273 
PRO CD  HD2  sing N N 274 
PRO CD  HD3  sing N N 275 
PRO OXT HXT  sing N N 276 
SER N   CA   sing N N 277 
SER N   H    sing N N 278 
SER N   H2   sing N N 279 
SER CA  C    sing N N 280 
SER CA  CB   sing N N 281 
SER CA  HA   sing N N 282 
SER C   O    doub N N 283 
SER C   OXT  sing N N 284 
SER CB  OG   sing N N 285 
SER CB  HB2  sing N N 286 
SER CB  HB3  sing N N 287 
SER OG  HG   sing N N 288 
SER OXT HXT  sing N N 289 
THR N   CA   sing N N 290 
THR N   H    sing N N 291 
THR N   H2   sing N N 292 
THR CA  C    sing N N 293 
THR CA  CB   sing N N 294 
THR CA  HA   sing N N 295 
THR C   O    doub N N 296 
THR C   OXT  sing N N 297 
THR CB  OG1  sing N N 298 
THR CB  CG2  sing N N 299 
THR CB  HB   sing N N 300 
THR OG1 HG1  sing N N 301 
THR CG2 HG21 sing N N 302 
THR CG2 HG22 sing N N 303 
THR CG2 HG23 sing N N 304 
THR OXT HXT  sing N N 305 
TRP N   CA   sing N N 306 
TRP N   H    sing N N 307 
TRP N   H2   sing N N 308 
TRP CA  C    sing N N 309 
TRP CA  CB   sing N N 310 
TRP CA  HA   sing N N 311 
TRP C   O    doub N N 312 
TRP C   OXT  sing N N 313 
TRP CB  CG   sing N N 314 
TRP CB  HB2  sing N N 315 
TRP CB  HB3  sing N N 316 
TRP CG  CD1  doub Y N 317 
TRP CG  CD2  sing Y N 318 
TRP CD1 NE1  sing Y N 319 
TRP CD1 HD1  sing N N 320 
TRP CD2 CE2  doub Y N 321 
TRP CD2 CE3  sing Y N 322 
TRP NE1 CE2  sing Y N 323 
TRP NE1 HE1  sing N N 324 
TRP CE2 CZ2  sing Y N 325 
TRP CE3 CZ3  doub Y N 326 
TRP CE3 HE3  sing N N 327 
TRP CZ2 CH2  doub Y N 328 
TRP CZ2 HZ2  sing N N 329 
TRP CZ3 CH2  sing Y N 330 
TRP CZ3 HZ3  sing N N 331 
TRP CH2 HH2  sing N N 332 
TRP OXT HXT  sing N N 333 
TRS C   C1   sing N N 334 
TRS C   C2   sing N N 335 
TRS C   C3   sing N N 336 
TRS C   N    sing N N 337 
TRS C1  O1   sing N N 338 
TRS C1  H11  sing N N 339 
TRS C1  H12  sing N N 340 
TRS C2  O2   sing N N 341 
TRS C2  H21  sing N N 342 
TRS C2  H22  sing N N 343 
TRS C3  O3   sing N N 344 
TRS C3  H31  sing N N 345 
TRS C3  H32  sing N N 346 
TRS N   HN1  sing N N 347 
TRS N   HN2  sing N N 348 
TRS N   HN3  sing N N 349 
TRS O1  HO1  sing N N 350 
TRS O2  HO2  sing N N 351 
TRS O3  HO3  sing N N 352 
TYR N   CA   sing N N 353 
TYR N   H    sing N N 354 
TYR N   H2   sing N N 355 
TYR CA  C    sing N N 356 
TYR CA  CB   sing N N 357 
TYR CA  HA   sing N N 358 
TYR C   O    doub N N 359 
TYR C   OXT  sing N N 360 
TYR CB  CG   sing N N 361 
TYR CB  HB2  sing N N 362 
TYR CB  HB3  sing N N 363 
TYR CG  CD1  doub Y N 364 
TYR CG  CD2  sing Y N 365 
TYR CD1 CE1  sing Y N 366 
TYR CD1 HD1  sing N N 367 
TYR CD2 CE2  doub Y N 368 
TYR CD2 HD2  sing N N 369 
TYR CE1 CZ   doub Y N 370 
TYR CE1 HE1  sing N N 371 
TYR CE2 CZ   sing Y N 372 
TYR CE2 HE2  sing N N 373 
TYR CZ  OH   sing N N 374 
TYR OH  HH   sing N N 375 
TYR OXT HXT  sing N N 376 
VAL N   CA   sing N N 377 
VAL N   H    sing N N 378 
VAL N   H2   sing N N 379 
VAL CA  C    sing N N 380 
VAL CA  CB   sing N N 381 
VAL CA  HA   sing N N 382 
VAL C   O    doub N N 383 
VAL C   OXT  sing N N 384 
VAL CB  CG1  sing N N 385 
VAL CB  CG2  sing N N 386 
VAL CB  HB   sing N N 387 
VAL CG1 HG11 sing N N 388 
VAL CG1 HG12 sing N N 389 
VAL CG1 HG13 sing N N 390 
VAL CG2 HG21 sing N N 391 
VAL CG2 HG22 sing N N 392 
VAL CG2 HG23 sing N N 393 
VAL OXT HXT  sing N N 394 
# 
_pdbx_audit_support.funding_organization   'National Natural Science Foundation of China' 
_pdbx_audit_support.country                China 
_pdbx_audit_support.grant_number           31500637 
_pdbx_audit_support.ordinal                1 
# 
_atom_sites.entry_id                    6A65 
_atom_sites.fract_transf_matrix[1][1]   0.00081906 
_atom_sites.fract_transf_matrix[1][2]   -0.00620052 
_atom_sites.fract_transf_matrix[1][3]   -0.01628743 
_atom_sites.fract_transf_matrix[2][1]   -0.00266383 
_atom_sites.fract_transf_matrix[2][2]   0.00983749 
_atom_sites.fract_transf_matrix[2][3]   -0.00387903 
_atom_sites.fract_transf_matrix[3][1]   0.01924062 
_atom_sites.fract_transf_matrix[3][2]   0.00486177 
_atom_sites.fract_transf_matrix[3][3]   -0.00088327 
_atom_sites.fract_transf_vector[1]      -0.273594 
_atom_sites.fract_transf_vector[2]      -0.098942 
_atom_sites.fract_transf_vector[3]      0.231444 
# 
loop_
_atom_type.symbol 
C 
N 
O 
S 
# 
loop_
_atom_site.group_PDB 
_atom_site.id 
_atom_site.type_symbol 
_atom_site.label_atom_id 
_atom_site.label_alt_id 
_atom_site.label_comp_id 
_atom_site.label_asym_id 
_atom_site.label_entity_id 
_atom_site.label_seq_id 
_atom_site.pdbx_PDB_ins_code 
_atom_site.Cartn_x 
_atom_site.Cartn_y 
_atom_site.Cartn_z 
_atom_site.occupancy 
_atom_site.B_iso_or_equiv 
_atom_site.pdbx_formal_charge 
_atom_site.auth_seq_id 
_atom_site.auth_comp_id 
_atom_site.auth_asym_id 
_atom_site.auth_atom_id 
_atom_site.pdbx_PDB_model_num 
ATOM   1    N N   . SER A 1 1   ? -12.564 -10.490 9.705   1.00 51.64 ? 2   SER A N   1 
ATOM   2    C CA  . SER A 1 1   ? -12.243 -9.398  8.785   1.00 49.98 ? 2   SER A CA  1 
ATOM   3    C C   . SER A 1 1   ? -13.476 -8.985  7.983   1.00 50.39 ? 2   SER A C   1 
ATOM   4    O O   . SER A 1 1   ? -14.230 -9.831  7.502   1.00 51.40 ? 2   SER A O   1 
ATOM   5    C CB  . SER A 1 1   ? -11.108 -9.806  7.839   1.00 47.82 ? 2   SER A CB  1 
ATOM   6    O OG  . SER A 1 1   ? -10.523 -8.678  7.198   1.00 43.62 ? 2   SER A OG  1 
ATOM   7    N N   . SER A 1 2   ? -13.675 -7.673  7.839   1.00 49.35 ? 3   SER A N   1 
ATOM   8    C CA  . SER A 1 2   ? -14.834 -7.186  7.095   1.00 49.21 ? 3   SER A CA  1 
ATOM   9    C C   . SER A 1 2   ? -14.699 -7.456  5.601   1.00 47.72 ? 3   SER A C   1 
ATOM   10   O O   . SER A 1 2   ? -15.710 -7.643  4.911   1.00 50.49 ? 3   SER A O   1 
ATOM   11   C CB  . SER A 1 2   ? -15.026 -5.692  7.357   1.00 49.04 ? 3   SER A CB  1 
ATOM   12   O OG  . SER A 1 2   ? -15.008 -5.423  8.752   1.00 50.75 ? 3   SER A OG  1 
ATOM   13   N N   . LEU A 1 3   ? -13.470 -7.489  5.091   1.00 47.49 ? 4   LEU A N   1 
ATOM   14   C CA  . LEU A 1 3   ? -13.190 -7.699  3.682   1.00 44.68 ? 4   LEU A CA  1 
ATOM   15   C C   . LEU A 1 3   ? -12.230 -8.864  3.512   1.00 42.12 ? 4   LEU A C   1 
ATOM   16   O O   . LEU A 1 3   ? -11.299 -9.019  4.311   1.00 44.93 ? 4   LEU A O   1 
ATOM   17   C CB  . LEU A 1 3   ? -12.576 -6.440  3.062   1.00 36.29 ? 4   LEU A CB  1 
ATOM   18   C CG  . LEU A 1 3   ? -13.323 -5.149  3.381   1.00 34.98 ? 4   LEU A CG  1 
ATOM   19   C CD1 . LEU A 1 3   ? -12.532 -3.951  2.911   1.00 34.52 ? 4   LEU A CD1 1 
ATOM   20   C CD2 . LEU A 1 3   ? -14.704 -5.171  2.733   1.00 43.50 ? 4   LEU A CD2 1 
ATOM   21   N N   . PRO A 1 4   ? -12.398 -9.669  2.468   1.00 41.85 ? 5   PRO A N   1 
ATOM   22   C CA  . PRO A 1 4   ? -11.506 -10.818 2.268   1.00 40.97 ? 5   PRO A CA  1 
ATOM   23   C C   . PRO A 1 4   ? -10.094 -10.368 1.923   1.00 37.36 ? 5   PRO A C   1 
ATOM   24   O O   . PRO A 1 4   ? -9.867  -9.268  1.433   1.00 38.52 ? 5   PRO A O   1 
ATOM   25   C CB  . PRO A 1 4   ? -12.149 -11.569 1.099   1.00 45.68 ? 5   PRO A CB  1 
ATOM   26   C CG  . PRO A 1 4   ? -12.914 -10.513 0.357   1.00 48.91 ? 5   PRO A CG  1 
ATOM   27   C CD  . PRO A 1 4   ? -13.398 -9.538  1.394   1.00 47.17 ? 5   PRO A CD  1 
ATOM   28   N N   . VAL A 1 5   ? -9.133  -11.243 2.206   1.00 38.60 ? 6   VAL A N   1 
ATOM   29   C CA  . VAL A 1 5   ? -7.718  -10.955 1.961   1.00 37.24 ? 6   VAL A CA  1 
ATOM   30   C C   . VAL A 1 5   ? -7.095  -12.138 1.223   1.00 37.86 ? 6   VAL A C   1 
ATOM   31   O O   . VAL A 1 5   ? -7.233  -13.281 1.683   1.00 38.90 ? 6   VAL A O   1 
ATOM   32   C CB  . VAL A 1 5   ? -6.983  -10.666 3.278   1.00 38.82 ? 6   VAL A CB  1 
ATOM   33   C CG1 . VAL A 1 5   ? -5.481  -10.831 3.097   1.00 40.93 ? 6   VAL A CG1 1 
ATOM   34   C CG2 . VAL A 1 5   ? -7.328  -9.260  3.782   1.00 38.88 ? 6   VAL A CG2 1 
ATOM   35   N N   . PRO A 1 6   ? -6.412  -11.944 0.079   1.00 37.59 ? 7   PRO A N   1 
ATOM   36   C CA  . PRO A 1 6   ? -6.114  -10.703 -0.652  1.00 34.11 ? 7   PRO A CA  1 
ATOM   37   C C   . PRO A 1 6   ? -7.381  -9.977  -1.093  1.00 33.77 ? 7   PRO A C   1 
ATOM   38   O O   . PRO A 1 6   ? -8.304  -10.598 -1.625  1.00 37.17 ? 7   PRO A O   1 
ATOM   39   C CB  . PRO A 1 6   ? -5.326  -11.184 -1.879  1.00 33.81 ? 7   PRO A CB  1 
ATOM   40   C CG  . PRO A 1 6   ? -4.808  -12.500 -1.523  1.00 37.92 ? 7   PRO A CG  1 
ATOM   41   C CD  . PRO A 1 6   ? -5.792  -13.119 -0.565  1.00 37.72 ? 7   PRO A CD  1 
ATOM   42   N N   . TYR A 1 7   ? -7.442  -8.689  -0.809  1.00 32.61 ? 8   TYR A N   1 
ATOM   43   C CA  . TYR A 1 7   ? -8.545  -7.832  -1.218  1.00 29.33 ? 8   TYR A CA  1 
ATOM   44   C C   . TYR A 1 7   ? -8.129  -7.119  -2.499  1.00 31.59 ? 8   TYR A C   1 
ATOM   45   O O   . TYR A 1 7   ? -7.163  -6.350  -2.494  1.00 31.11 ? 8   TYR A O   1 
ATOM   46   C CB  . TYR A 1 7   ? -8.867  -6.840  -0.102  1.00 32.76 ? 8   TYR A CB  1 
ATOM   47   C CG  . TYR A 1 7   ? -9.958  -5.832  -0.409  1.00 30.19 ? 8   TYR A CG  1 
ATOM   48   C CD1 . TYR A 1 7   ? -11.281 -6.222  -0.516  1.00 36.57 ? 8   TYR A CD1 1 
ATOM   49   C CD2 . TYR A 1 7   ? -9.659  -4.482  -0.537  1.00 32.25 ? 8   TYR A CD2 1 
ATOM   50   C CE1 . TYR A 1 7   ? -12.277 -5.299  -0.782  1.00 31.04 ? 8   TYR A CE1 1 
ATOM   51   C CE2 . TYR A 1 7   ? -10.656 -3.544  -0.801  1.00 34.94 ? 8   TYR A CE2 1 
ATOM   52   C CZ  . TYR A 1 7   ? -11.957 -3.963  -0.920  1.00 35.53 ? 8   TYR A CZ  1 
ATOM   53   O OH  . TYR A 1 7   ? -12.939 -3.026  -1.188  1.00 37.30 ? 8   TYR A OH  1 
ATOM   54   N N   . LYS A 1 8   ? -8.819  -7.410  -3.602  1.00 28.57 ? 9   LYS A N   1 
ATOM   55   C CA  . LYS A 1 8   ? -8.509  -6.800  -4.899  1.00 29.47 ? 9   LYS A CA  1 
ATOM   56   C C   . LYS A 1 8   ? -9.603  -5.790  -5.226  1.00 30.79 ? 9   LYS A C   1 
ATOM   57   O O   . LYS A 1 8   ? -10.721 -6.176  -5.582  1.00 30.87 ? 9   LYS A O   1 
ATOM   58   C CB  . LYS A 1 8   ? -8.401  -7.860  -5.992  1.00 30.64 ? 9   LYS A CB  1 
ATOM   59   C CG  . LYS A 1 8   ? -7.243  -8.850  -5.794  1.00 29.92 ? 9   LYS A CG  1 
ATOM   60   C CD  . LYS A 1 8   ? -7.564  -10.214 -6.357  1.00 41.23 ? 9   LYS A CD  1 
ATOM   61   C CE  . LYS A 1 8   ? -7.729  -10.174 -7.859  1.00 45.74 ? 9   LYS A CE  1 
ATOM   62   N NZ  . LYS A 1 8   ? -6.434  -10.038 -8.579  1.00 40.70 ? 9   LYS A NZ  1 
ATOM   63   N N   . LEU A 1 9   ? -9.285  -4.503  -5.120  1.00 28.30 ? 10  LEU A N   1 
ATOM   64   C CA  . LEU A 1 9   ? -10.291 -3.465  -5.302  1.00 27.82 ? 10  LEU A CA  1 
ATOM   65   C C   . LEU A 1 9   ? -10.079 -2.757  -6.627  1.00 32.58 ? 10  LEU A C   1 
ATOM   66   O O   . LEU A 1 9   ? -9.017  -2.151  -6.829  1.00 33.22 ? 10  LEU A O   1 
ATOM   67   C CB  . LEU A 1 9   ? -10.233 -2.465  -4.152  1.00 30.35 ? 10  LEU A CB  1 
ATOM   68   C CG  . LEU A 1 9   ? -11.025 -1.163  -4.295  1.00 32.70 ? 10  LEU A CG  1 
ATOM   69   C CD1 . LEU A 1 9   ? -12.545 -1.372  -4.198  1.00 30.59 ? 10  LEU A CD1 1 
ATOM   70   C CD2 . LEU A 1 9   ? -10.552 -0.135  -3.265  1.00 36.14 ? 10  LEU A CD2 1 
ATOM   71   N N   . PRO A 1 10  ? -11.036 -2.798  -7.552  1.00 32.72 ? 11  PRO A N   1 
ATOM   72   C CA  . PRO A 1 10  ? -10.944 -1.928  -8.730  1.00 32.85 ? 11  PRO A CA  1 
ATOM   73   C C   . PRO A 1 10  ? -10.970 -0.472  -8.299  1.00 29.88 ? 11  PRO A C   1 
ATOM   74   O O   . PRO A 1 10  ? -11.774 -0.067  -7.458  1.00 32.48 ? 11  PRO A O   1 
ATOM   75   C CB  . PRO A 1 10  ? -12.186 -2.304  -9.553  1.00 35.84 ? 11  PRO A CB  1 
ATOM   76   C CG  . PRO A 1 10  ? -12.636 -3.630  -8.993  1.00 35.16 ? 11  PRO A CG  1 
ATOM   77   C CD  . PRO A 1 10  ? -12.263 -3.615  -7.552  1.00 33.10 ? 11  PRO A CD  1 
ATOM   78   N N   . VAL A 1 11  ? -10.068 0.324   -8.862  1.00 32.46 ? 12  VAL A N   1 
ATOM   79   C CA  . VAL A 1 11  ? -9.989  1.731   -8.505  1.00 33.33 ? 12  VAL A CA  1 
ATOM   80   C C   . VAL A 1 11  ? -9.799  2.563   -9.760  1.00 34.65 ? 12  VAL A C   1 
ATOM   81   O O   . VAL A 1 11  ? -9.418  2.065   -10.822 1.00 31.89 ? 12  VAL A O   1 
ATOM   82   C CB  . VAL A 1 11  ? -8.840  2.048   -7.522  1.00 35.45 ? 12  VAL A CB  1 
ATOM   83   C CG1 . VAL A 1 11  ? -8.986  1.285   -6.230  1.00 36.94 ? 12  VAL A CG1 1 
ATOM   84   C CG2 . VAL A 1 11  ? -7.495  1.790   -8.181  1.00 30.47 ? 12  VAL A CG2 1 
ATOM   85   N N   . SER A 1 12  ? -10.097 3.846   -9.618  1.00 31.10 ? 13  SER A N   1 
ATOM   86   C CA  . SER A 1 12  ? -9.646  4.875   -10.545 1.00 32.10 ? 13  SER A CA  1 
ATOM   87   C C   . SER A 1 12  ? -8.946  5.935   -9.713  1.00 37.90 ? 13  SER A C   1 
ATOM   88   O O   . SER A 1 12  ? -9.529  6.457   -8.758  1.00 40.09 ? 13  SER A O   1 
ATOM   89   C CB  . SER A 1 12  ? -10.819 5.479   -11.328 1.00 37.68 ? 13  SER A CB  1 
ATOM   90   O OG  . SER A 1 12  ? -10.340 6.359   -12.323 1.00 41.25 ? 13  SER A OG  1 
ATOM   91   N N   . LEU A 1 13  ? -7.700  6.244   -10.054 1.00 35.17 ? 14  LEU A N   1 
ATOM   92   C CA  . LEU A 1 13  ? -6.914  7.167   -9.257  1.00 34.54 ? 14  LEU A CA  1 
ATOM   93   C C   . LEU A 1 13  ? -6.568  8.393   -10.079 1.00 34.78 ? 14  LEU A C   1 
ATOM   94   O O   . LEU A 1 13  ? -6.315  8.300   -11.281 1.00 35.68 ? 14  LEU A O   1 
ATOM   95   C CB  . LEU A 1 13  ? -5.630  6.511   -8.736  1.00 33.19 ? 14  LEU A CB  1 
ATOM   96   C CG  . LEU A 1 13  ? -5.848  5.389   -7.715  1.00 31.38 ? 14  LEU A CG  1 
ATOM   97   C CD1 . LEU A 1 13  ? -4.542  4.974   -7.082  1.00 32.10 ? 14  LEU A CD1 1 
ATOM   98   C CD2 . LEU A 1 13  ? -6.866  5.804   -6.644  1.00 32.08 ? 14  LEU A CD2 1 
ATOM   99   N N   . SER A 1 14  ? -6.577  9.539   -9.419  1.00 30.61 ? 15  SER A N   1 
ATOM   100  C CA  . SER A 1 14  ? -6.157  10.784  -10.035 1.00 34.50 ? 15  SER A CA  1 
ATOM   101  C C   . SER A 1 14  ? -5.400  11.577  -8.990  1.00 37.29 ? 15  SER A C   1 
ATOM   102  O O   . SER A 1 14  ? -5.462  11.274  -7.799  1.00 37.57 ? 15  SER A O   1 
ATOM   103  C CB  . SER A 1 14  ? -7.355  11.581  -10.569 1.00 34.39 ? 15  SER A CB  1 
ATOM   104  O OG  . SER A 1 14  ? -8.184  12.020  -9.507  1.00 36.78 ? 15  SER A OG  1 
ATOM   105  N N   . VAL A 1 15  ? -4.679  12.605  -9.441  1.00 36.41 ? 16  VAL A N   1 
ATOM   106  C CA  . VAL A 1 15  ? -4.014  13.480  -8.493  1.00 34.80 ? 16  VAL A CA  1 
ATOM   107  C C   . VAL A 1 15  ? -5.057  14.056  -7.550  1.00 34.73 ? 16  VAL A C   1 
ATOM   108  O O   . VAL A 1 15  ? -6.112  14.540  -7.982  1.00 35.59 ? 16  VAL A O   1 
ATOM   109  C CB  . VAL A 1 15  ? -3.236  14.577  -9.234  1.00 35.17 ? 16  VAL A CB  1 
ATOM   110  C CG1 . VAL A 1 15  ? -2.643  15.563  -8.236  1.00 36.73 ? 16  VAL A CG1 1 
ATOM   111  C CG2 . VAL A 1 15  ? -2.151  13.949  -10.093 1.00 37.01 ? 16  VAL A CG2 1 
ATOM   112  N N   . GLY A 1 16  ? -4.784  13.971  -6.252  1.00 34.57 ? 17  GLY A N   1 
ATOM   113  C CA  . GLY A 1 16  ? -5.729  14.349  -5.224  1.00 37.36 ? 17  GLY A CA  1 
ATOM   114  C C   . GLY A 1 16  ? -6.475  13.198  -4.576  1.00 39.14 ? 17  GLY A C   1 
ATOM   115  O O   . GLY A 1 16  ? -7.126  13.411  -3.547  1.00 38.06 ? 17  GLY A O   1 
ATOM   116  N N   . SER A 1 17  ? -6.398  11.993  -5.134  1.00 33.50 ? 18  SER A N   1 
ATOM   117  C CA  . SER A 1 17  ? -7.055  10.845  -4.520  1.00 33.54 ? 18  SER A CA  1 
ATOM   118  C C   . SER A 1 17  ? -6.332  10.418  -3.249  1.00 37.05 ? 18  SER A C   1 
ATOM   119  O O   . SER A 1 17  ? -5.130  10.642  -3.075  1.00 37.04 ? 18  SER A O   1 
ATOM   120  C CB  . SER A 1 17  ? -7.119  9.665   -5.493  1.00 32.55 ? 18  SER A CB  1 
ATOM   121  O OG  . SER A 1 17  ? -7.596  10.055  -6.762  1.00 36.45 ? 18  SER A OG  1 
ATOM   122  N N   . CYS A 1 18  ? -7.079  9.799   -2.346  1.00 35.77 ? 19  CYS A N   1 
ATOM   123  C CA  . CYS A 1 18  ? -6.503  9.212   -1.146  1.00 35.89 ? 19  CYS A CA  1 
ATOM   124  C C   . CYS A 1 18  ? -7.030  7.796   -1.014  1.00 37.03 ? 19  CYS A C   1 
ATOM   125  O O   . CYS A 1 18  ? -8.230  7.570   -1.180  1.00 31.58 ? 19  CYS A O   1 
ATOM   126  C CB  . CYS A 1 18  ? -6.846  10.023  0.108   1.00 38.72 ? 19  CYS A CB  1 
ATOM   127  S SG  . CYS A 1 18  ? -5.722  9.701   1.484   1.00 54.60 ? 19  CYS A SG  1 
ATOM   128  N N   . VAL A 1 19  ? -6.135  6.847   -0.747  1.00 32.47 ? 20  VAL A N   1 
ATOM   129  C CA  . VAL A 1 19  ? -6.516  5.477   -0.437  1.00 33.26 ? 20  VAL A CA  1 
ATOM   130  C C   . VAL A 1 19  ? -6.288  5.290   1.054   1.00 34.30 ? 20  VAL A C   1 
ATOM   131  O O   . VAL A 1 19  ? -5.159  5.430   1.539   1.00 35.19 ? 20  VAL A O   1 
ATOM   132  C CB  . VAL A 1 19  ? -5.715  4.460   -1.263  1.00 34.09 ? 20  VAL A CB  1 
ATOM   133  C CG1 . VAL A 1 19  ? -6.048  3.036   -0.838  1.00 34.09 ? 20  VAL A CG1 1 
ATOM   134  C CG2 . VAL A 1 19  ? -5.993  4.654   -2.742  1.00 36.69 ? 20  VAL A CG2 1 
ATOM   135  N N   . ILE A 1 20  ? -7.354  5.002   1.790   1.00 32.10 ? 21  ILE A N   1 
ATOM   136  C CA  . ILE A 1 20  ? -7.276  4.872   3.239   1.00 33.87 ? 21  ILE A CA  1 
ATOM   137  C C   . ILE A 1 20  ? -7.568  3.423   3.599   1.00 33.52 ? 21  ILE A C   1 
ATOM   138  O O   . ILE A 1 20  ? -8.648  2.901   3.298   1.00 34.46 ? 21  ILE A O   1 
ATOM   139  C CB  . ILE A 1 20  ? -8.228  5.843   3.954   1.00 33.02 ? 21  ILE A CB  1 
ATOM   140  C CG1 . ILE A 1 20  ? -7.981  7.270   3.458   1.00 37.44 ? 21  ILE A CG1 1 
ATOM   141  C CG2 . ILE A 1 20  ? -8.014  5.773   5.462   1.00 35.41 ? 21  ILE A CG2 1 
ATOM   142  C CD1 . ILE A 1 20  ? -9.058  7.795   2.528   1.00 40.39 ? 21  ILE A CD1 1 
ATOM   143  N N   . ILE A 1 21  ? -6.595  2.771   4.225   1.00 29.23 ? 22  ILE A N   1 
ATOM   144  C CA  . ILE A 1 21  ? -6.669  1.351   4.543   1.00 33.53 ? 22  ILE A CA  1 
ATOM   145  C C   . ILE A 1 21  ? -6.666  1.218   6.056   1.00 33.31 ? 22  ILE A C   1 
ATOM   146  O O   . ILE A 1 21  ? -5.743  1.700   6.723   1.00 37.02 ? 22  ILE A O   1 
ATOM   147  C CB  . ILE A 1 21  ? -5.506  0.577   3.908   1.00 34.27 ? 22  ILE A CB  1 
ATOM   148  C CG1 . ILE A 1 21  ? -5.698  0.510   2.392   1.00 31.49 ? 22  ILE A CG1 1 
ATOM   149  C CG2 . ILE A 1 21  ? -5.391  -0.815  4.501   1.00 30.63 ? 22  ILE A CG2 1 
ATOM   150  C CD1 . ILE A 1 21  ? -4.385  0.310   1.633   1.00 33.84 ? 22  ILE A CD1 1 
ATOM   151  N N   . LYS A 1 22  ? -7.700  0.589   6.604   1.00 30.70 ? 23  LYS A N   1 
ATOM   152  C CA  . LYS A 1 22  ? -7.795  0.391   8.043   1.00 32.16 ? 23  LYS A CA  1 
ATOM   153  C C   . LYS A 1 22  ? -7.859  -1.097  8.335   1.00 34.21 ? 23  LYS A C   1 
ATOM   154  O O   . LYS A 1 22  ? -8.721  -1.807  7.803   1.00 33.94 ? 23  LYS A O   1 
ATOM   155  C CB  . LYS A 1 22  ? -9.003  1.118   8.636   1.00 33.76 ? 23  LYS A CB  1 
ATOM   156  C CG  . LYS A 1 22  ? -8.688  2.576   8.979   1.00 41.08 ? 23  LYS A CG  1 
ATOM   157  C CD  . LYS A 1 22  ? -9.857  3.278   9.648   1.00 38.75 ? 23  LYS A CD  1 
ATOM   158  C CE  . LYS A 1 22  ? -10.411 4.374   8.770   1.00 47.68 ? 23  LYS A CE  1 
ATOM   159  N NZ  . LYS A 1 22  ? -11.099 5.404   9.596   1.00 49.54 ? 23  LYS A NZ  1 
ATOM   160  N N   . GLY A 1 23  ? -6.942  -1.561  9.171   1.00 34.04 ? 24  GLY A N   1 
ATOM   161  C CA  . GLY A 1 23  ? -6.906  -2.963  9.506   1.00 35.66 ? 24  GLY A CA  1 
ATOM   162  C C   . GLY A 1 23  ? -6.018  -3.210  10.706  1.00 37.71 ? 24  GLY A C   1 
ATOM   163  O O   . GLY A 1 23  ? -5.532  -2.278  11.348  1.00 38.52 ? 24  GLY A O   1 
ATOM   164  N N   . THR A 1 24  ? -5.811  -4.496  10.992  1.00 33.45 ? 25  THR A N   1 
ATOM   165  C CA  . THR A 1 24  ? -5.111  -4.941  12.184  1.00 37.09 ? 25  THR A CA  1 
ATOM   166  C C   . THR A 1 24  ? -4.215  -6.115  11.798  1.00 31.17 ? 25  THR A C   1 
ATOM   167  O O   . THR A 1 24  ? -4.675  -7.034  11.097  1.00 34.39 ? 25  THR A O   1 
ATOM   168  C CB  . THR A 1 24  ? -6.113  -5.364  13.268  1.00 35.08 ? 25  THR A CB  1 
ATOM   169  O OG1 . THR A 1 24  ? -7.081  -4.326  13.452  1.00 40.01 ? 25  THR A OG1 1 
ATOM   170  C CG2 . THR A 1 24  ? -5.414  -5.630  14.591  1.00 37.99 ? 25  THR A CG2 1 
ATOM   171  N N   . PRO A 1 25  ? -2.957  -6.127  12.231  1.00 29.94 ? 26  PRO A N   1 
ATOM   172  C CA  . PRO A 1 25  ? -2.114  -7.301  11.977  1.00 32.17 ? 26  PRO A CA  1 
ATOM   173  C C   . PRO A 1 25  ? -2.715  -8.517  12.647  1.00 29.62 ? 26  PRO A C   1 
ATOM   174  O O   . PRO A 1 25  ? -3.231  -8.427  13.760  1.00 32.68 ? 26  PRO A O   1 
ATOM   175  C CB  . PRO A 1 25  ? -0.769  -6.929  12.613  1.00 31.29 ? 26  PRO A CB  1 
ATOM   176  C CG  . PRO A 1 25  ? -0.810  -5.457  12.819  1.00 34.54 ? 26  PRO A CG  1 
ATOM   177  C CD  . PRO A 1 25  ? -2.264  -5.112  13.037  1.00 32.62 ? 26  PRO A CD  1 
ATOM   178  N N   . ILE A 1 26  ? -2.636  -9.665  11.962  1.00 27.46 ? 27  ILE A N   1 
ATOM   179  C CA  . ILE A 1 26  ? -3.193  -10.909 12.498  1.00 27.26 ? 27  ILE A CA  1 
ATOM   180  C C   . ILE A 1 26  ? -2.172  -11.719 13.294  1.00 32.33 ? 27  ILE A C   1 
ATOM   181  O O   . ILE A 1 26  ? -2.514  -12.791 13.816  1.00 31.24 ? 27  ILE A O   1 
ATOM   182  C CB  . ILE A 1 26  ? -3.790  -11.795 11.385  1.00 32.64 ? 27  ILE A CB  1 
ATOM   183  C CG1 . ILE A 1 26  ? -2.698  -12.412 10.514  1.00 35.64 ? 27  ILE A CG1 1 
ATOM   184  C CG2 . ILE A 1 26  ? -4.755  -10.982 10.539  1.00 33.74 ? 27  ILE A CG2 1 
ATOM   185  C CD1 . ILE A 1 26  ? -3.202  -13.487 9.552   1.00 35.63 ? 27  ILE A CD1 1 
ATOM   186  N N   . HIS A 1 27  ? -0.930  -11.256 13.389  1.00 29.97 ? 28  HIS A N   1 
ATOM   187  C CA  . HIS A 1 27  ? 0.067   -11.884 14.248  1.00 32.49 ? 28  HIS A CA  1 
ATOM   188  C C   . HIS A 1 27  ? 0.796   -10.807 15.036  1.00 31.86 ? 28  HIS A C   1 
ATOM   189  O O   . HIS A 1 27  ? 0.950   -9.679  14.568  1.00 31.63 ? 28  HIS A O   1 
ATOM   190  C CB  . HIS A 1 27  ? 1.095   -12.702 13.455  1.00 32.42 ? 28  HIS A CB  1 
ATOM   191  C CG  . HIS A 1 27  ? 0.493   -13.660 12.478  1.00 31.24 ? 28  HIS A CG  1 
ATOM   192  N ND1 . HIS A 1 27  ? -0.342  -14.687 12.861  1.00 34.56 ? 28  HIS A ND1 1 
ATOM   193  C CD2 . HIS A 1 27  ? 0.623   -13.763 11.134  1.00 30.31 ? 28  HIS A CD2 1 
ATOM   194  C CE1 . HIS A 1 27  ? -0.711  -15.375 11.795  1.00 34.40 ? 28  HIS A CE1 1 
ATOM   195  N NE2 . HIS A 1 27  ? -0.149  -14.827 10.732  1.00 32.11 ? 28  HIS A NE2 1 
ATOM   196  N N   . SER A 1 28  ? 1.251   -11.169 16.235  1.00 32.09 ? 29  SER A N   1 
ATOM   197  C CA  . SER A 1 28  ? 2.086   -10.267 17.014  1.00 33.66 ? 29  SER A CA  1 
ATOM   198  C C   . SER A 1 28  ? 3.412   -10.019 16.299  1.00 30.88 ? 29  SER A C   1 
ATOM   199  O O   . SER A 1 28  ? 3.854   -10.812 15.458  1.00 31.39 ? 29  SER A O   1 
ATOM   200  C CB  . SER A 1 28  ? 2.361   -10.859 18.390  1.00 36.01 ? 29  SER A CB  1 
ATOM   201  O OG  . SER A 1 28  ? 2.846   -12.175 18.237  1.00 33.56 ? 29  SER A OG  1 
ATOM   202  N N   . PHE A 1 29  ? 4.075   -8.925  16.682  1.00 31.06 ? 30  PHE A N   1 
ATOM   203  C CA  . PHE A 1 29  ? 5.246   -8.467  15.936  1.00 27.03 ? 30  PHE A CA  1 
ATOM   204  C C   . PHE A 1 29  ? 6.418   -9.434  16.066  1.00 31.20 ? 30  PHE A C   1 
ATOM   205  O O   . PHE A 1 29  ? 7.266   -9.506  15.168  1.00 33.36 ? 30  PHE A O   1 
ATOM   206  C CB  . PHE A 1 29  ? 5.659   -7.068  16.396  1.00 35.80 ? 30  PHE A CB  1 
ATOM   207  C CG  . PHE A 1 29  ? 4.820   -5.957  15.800  1.00 35.46 ? 30  PHE A CG  1 
ATOM   208  C CD1 . PHE A 1 29  ? 3.690   -6.255  15.057  1.00 37.81 ? 30  PHE A CD1 1 
ATOM   209  C CD2 . PHE A 1 29  ? 5.165   -4.634  15.993  1.00 35.77 ? 30  PHE A CD2 1 
ATOM   210  C CE1 . PHE A 1 29  ? 2.915   -5.243  14.515  1.00 39.05 ? 30  PHE A CE1 1 
ATOM   211  C CE2 . PHE A 1 29  ? 4.398   -3.621  15.453  1.00 39.35 ? 30  PHE A CE2 1 
ATOM   212  C CZ  . PHE A 1 29  ? 3.277   -3.927  14.714  1.00 39.42 ? 30  PHE A CZ  1 
ATOM   213  N N   . ILE A 1 30  ? 6.469   -10.207 17.152  1.00 34.52 ? 31  ILE A N   1 
ATOM   214  C CA  . ILE A 1 30  ? 7.523   -11.205 17.287  1.00 34.73 ? 31  ILE A CA  1 
ATOM   215  C C   . ILE A 1 30  ? 7.377   -12.312 16.257  1.00 32.64 ? 31  ILE A C   1 
ATOM   216  O O   . ILE A 1 30  ? 8.328   -13.065 16.026  1.00 32.20 ? 31  ILE A O   1 
ATOM   217  C CB  . ILE A 1 30  ? 7.540   -11.762 18.725  1.00 32.64 ? 31  ILE A CB  1 
ATOM   218  C CG1 . ILE A 1 30  ? 8.840   -12.535 19.000  1.00 33.99 ? 31  ILE A CG1 1 
ATOM   219  C CG2 . ILE A 1 30  ? 6.321   -12.639 18.981  1.00 33.84 ? 31  ILE A CG2 1 
ATOM   220  C CD1 . ILE A 1 30  ? 10.091  -11.717 18.833  1.00 37.17 ? 31  ILE A CD1 1 
ATOM   221  N N   . ASN A 1 31  ? 6.226   -12.388 15.592  1.00 30.04 ? 32  ASN A N   1 
ATOM   222  C CA  . ASN A 1 31  ? 5.977   -13.360 14.543  1.00 32.20 ? 32  ASN A CA  1 
ATOM   223  C C   . ASN A 1 31  ? 6.187   -12.792 13.146  1.00 32.49 ? 32  ASN A C   1 
ATOM   224  O O   . ASN A 1 31  ? 5.843   -13.452 12.158  1.00 32.47 ? 32  ASN A O   1 
ATOM   225  C CB  . ASN A 1 31  ? 4.571   -13.923 14.697  1.00 30.03 ? 32  ASN A CB  1 
ATOM   226  C CG  . ASN A 1 31  ? 4.485   -14.906 15.844  1.00 31.30 ? 32  ASN A CG  1 
ATOM   227  O OD1 . ASN A 1 31  ? 5.140   -15.940 15.820  1.00 32.55 ? 32  ASN A OD1 1 
ATOM   228  N ND2 . ASN A 1 31  ? 3.706   -14.574 16.864  1.00 33.45 ? 32  ASN A ND2 1 
ATOM   229  N N   . ASP A 1 32  ? 6.761   -11.599 13.047  1.00 31.30 ? 33  ASP A N   1 
ATOM   230  C CA  . ASP A 1 32  ? 7.178   -10.981 11.791  1.00 31.30 ? 33  ASP A CA  1 
ATOM   231  C C   . ASP A 1 32  ? 6.062   -10.899 10.753  1.00 31.85 ? 33  ASP A C   1 
ATOM   232  O O   . ASP A 1 32  ? 6.236   -11.351 9.616   1.00 34.82 ? 33  ASP A O   1 
ATOM   233  C CB  . ASP A 1 32  ? 8.373   -11.754 11.242  1.00 35.79 ? 33  ASP A CB  1 
ATOM   234  C CG  . ASP A 1 32  ? 9.532   -11.739 12.201  1.00 38.70 ? 33  ASP A CG  1 
ATOM   235  O OD1 . ASP A 1 32  ? 9.858   -10.635 12.689  1.00 38.90 ? 33  ASP A OD1 1 
ATOM   236  O OD2 . ASP A 1 32  ? 10.088  -12.822 12.494  1.00 38.43 ? 33  ASP A OD2 1 
ATOM   237  N N   . PRO A 1 33  ? 4.910   -10.335 11.097  1.00 28.92 ? 34  PRO A N   1 
ATOM   238  C CA  . PRO A 1 33  ? 3.837   -10.203 10.108  1.00 30.52 ? 34  PRO A CA  1 
ATOM   239  C C   . PRO A 1 33  ? 4.175   -9.148  9.060   1.00 28.51 ? 34  PRO A C   1 
ATOM   240  O O   . PRO A 1 33  ? 4.996   -8.251  9.273   1.00 30.10 ? 34  PRO A O   1 
ATOM   241  C CB  . PRO A 1 33  ? 2.633   -9.781  10.953  1.00 30.10 ? 34  PRO A CB  1 
ATOM   242  C CG  . PRO A 1 33  ? 3.242   -9.027  12.099  1.00 30.01 ? 34  PRO A CG  1 
ATOM   243  C CD  . PRO A 1 33  ? 4.569   -9.691  12.378  1.00 31.77 ? 34  PRO A CD  1 
ATOM   244  N N   . GLN A 1 34  ? 3.522   -9.267  7.902   1.00 31.16 ? 35  GLN A N   1 
ATOM   245  C CA  . GLN A 1 34  ? 3.710   -8.312  6.815   1.00 29.43 ? 35  GLN A CA  1 
ATOM   246  C C   . GLN A 1 34  ? 2.371   -7.741  6.363   1.00 31.14 ? 35  GLN A C   1 
ATOM   247  O O   . GLN A 1 34  ? 1.316   -8.335  6.572   1.00 32.09 ? 35  GLN A O   1 
ATOM   248  C CB  . GLN A 1 34  ? 4.418   -8.948  5.609   1.00 31.78 ? 35  GLN A CB  1 
ATOM   249  C CG  . GLN A 1 34  ? 5.758   -9.593  5.936   1.00 35.77 ? 35  GLN A CG  1 
ATOM   250  C CD  . GLN A 1 34  ? 6.171   -10.612 4.884   1.00 41.67 ? 35  GLN A CD  1 
ATOM   251  O OE1 . GLN A 1 34  ? 6.203   -10.306 3.690   1.00 40.94 ? 35  GLN A OE1 1 
ATOM   252  N NE2 . GLN A 1 34  ? 6.473   -11.834 5.323   1.00 39.82 ? 35  GLN A NE2 1 
ATOM   253  N N   . LEU A 1 35  ? 2.426   -6.568  5.730   1.00 25.88 ? 36  LEU A N   1 
ATOM   254  C CA  . LEU A 1 35  ? 1.259   -5.981  5.074   1.00 29.63 ? 36  LEU A CA  1 
ATOM   255  C C   . LEU A 1 35  ? 1.717   -5.498  3.710   1.00 32.00 ? 36  LEU A C   1 
ATOM   256  O O   . LEU A 1 35  ? 2.674   -4.724  3.622   1.00 33.53 ? 36  LEU A O   1 
ATOM   257  C CB  . LEU A 1 35  ? 0.682   -4.820  5.882   1.00 28.40 ? 36  LEU A CB  1 
ATOM   258  C CG  . LEU A 1 35  ? -0.127  -3.805  5.062   1.00 34.36 ? 36  LEU A CG  1 
ATOM   259  C CD1 . LEU A 1 35  ? -1.423  -4.440  4.555   1.00 29.73 ? 36  LEU A CD1 1 
ATOM   260  C CD2 . LEU A 1 35  ? -0.397  -2.525  5.846   1.00 36.01 ? 36  LEU A CD2 1 
ATOM   261  N N   . GLN A 1 36  ? 1.046   -5.950  2.655   1.00 29.49 ? 37  GLN A N   1 
ATOM   262  C CA  . GLN A 1 36  ? 1.450   -5.601  1.302   1.00 30.94 ? 37  GLN A CA  1 
ATOM   263  C C   . GLN A 1 36  ? 0.330   -4.869  0.582   1.00 30.92 ? 37  GLN A C   1 
ATOM   264  O O   . GLN A 1 36  ? -0.843  -5.257  0.668   1.00 29.92 ? 37  GLN A O   1 
ATOM   265  C CB  . GLN A 1 36  ? 1.870   -6.841  0.501   1.00 32.18 ? 37  GLN A CB  1 
ATOM   266  C CG  . GLN A 1 36  ? 2.455   -6.487  -0.868  1.00 31.77 ? 37  GLN A CG  1 
ATOM   267  C CD  . GLN A 1 36  ? 3.227   -7.624  -1.497  1.00 33.45 ? 37  GLN A CD  1 
ATOM   268  O OE1 . GLN A 1 36  ? 4.022   -8.296  -0.834  1.00 33.02 ? 37  GLN A OE1 1 
ATOM   269  N NE2 . GLN A 1 36  ? 3.012   -7.836  -2.792  1.00 34.74 ? 37  GLN A NE2 1 
ATOM   270  N N   . VAL A 1 37  ? 0.694   -3.794  -0.121  1.00 27.45 ? 38  VAL A N   1 
ATOM   271  C CA  . VAL A 1 37  ? -0.258  -3.030  -0.918  1.00 28.65 ? 38  VAL A CA  1 
ATOM   272  C C   . VAL A 1 37  ? 0.349   -2.843  -2.300  1.00 30.89 ? 38  VAL A C   1 
ATOM   273  O O   . VAL A 1 37  ? 1.495   -2.407  -2.416  1.00 30.04 ? 38  VAL A O   1 
ATOM   274  C CB  . VAL A 1 37  ? -0.594  -1.677  -0.268  1.00 28.91 ? 38  VAL A CB  1 
ATOM   275  C CG1 . VAL A 1 37  ? -1.653  -0.936  -1.096  1.00 28.74 ? 38  VAL A CG1 1 
ATOM   276  C CG2 . VAL A 1 37  ? -1.092  -1.881  1.149   1.00 31.58 ? 38  VAL A CG2 1 
ATOM   277  N N   . ASP A 1 38  ? -0.392  -3.230  -3.339  1.00 29.00 ? 39  ASP A N   1 
ATOM   278  C CA  . ASP A 1 38  ? 0.092   -3.161  -4.713  1.00 25.23 ? 39  ASP A CA  1 
ATOM   279  C C   . ASP A 1 38  ? -0.848  -2.285  -5.517  1.00 26.61 ? 39  ASP A C   1 
ATOM   280  O O   . ASP A 1 38  ? -2.057  -2.544  -5.559  1.00 26.62 ? 39  ASP A O   1 
ATOM   281  C CB  . ASP A 1 38  ? 0.180   -4.547  -5.345  1.00 25.81 ? 39  ASP A CB  1 
ATOM   282  C CG  . ASP A 1 38  ? 1.330   -5.378  -4.779  1.00 29.97 ? 39  ASP A CG  1 
ATOM   283  O OD1 . ASP A 1 38  ? 2.494   -5.016  -5.024  1.00 31.58 ? 39  ASP A OD1 1 
ATOM   284  O OD2 . ASP A 1 38  ? 1.062   -6.366  -4.071  1.00 33.28 ? 39  ASP A OD2 1 
ATOM   285  N N   . PHE A 1 39  ? -0.292  -1.265  -6.168  1.00 26.22 ? 40  PHE A N   1 
ATOM   286  C CA  . PHE A 1 39  ? -1.067  -0.434  -7.078  1.00 26.74 ? 40  PHE A CA  1 
ATOM   287  C C   . PHE A 1 39  ? -0.897  -1.020  -8.472  1.00 27.94 ? 40  PHE A C   1 
ATOM   288  O O   . PHE A 1 39  ? 0.063   -0.728  -9.181  1.00 26.45 ? 40  PHE A O   1 
ATOM   289  C CB  . PHE A 1 39  ? -0.614  1.019   -6.986  1.00 28.40 ? 40  PHE A CB  1 
ATOM   290  C CG  . PHE A 1 39  ? -1.207  1.748   -5.820  1.00 27.65 ? 40  PHE A CG  1 
ATOM   291  C CD1 . PHE A 1 39  ? -1.591  1.063   -4.680  1.00 36.61 ? 40  PHE A CD1 1 
ATOM   292  C CD2 . PHE A 1 39  ? -1.430  3.107   -5.872  1.00 31.65 ? 40  PHE A CD2 1 
ATOM   293  C CE1 . PHE A 1 39  ? -2.152  1.736   -3.608  1.00 37.74 ? 40  PHE A CE1 1 
ATOM   294  C CE2 . PHE A 1 39  ? -1.986  3.775   -4.806  1.00 33.63 ? 40  PHE A CE2 1 
ATOM   295  C CZ  . PHE A 1 39  ? -2.348  3.101   -3.681  1.00 31.96 ? 40  PHE A CZ  1 
ATOM   296  N N   . TYR A 1 40  ? -1.848  -1.858  -8.866  1.00 26.33 ? 41  TYR A N   1 
ATOM   297  C CA  . TYR A 1 40  ? -1.785  -2.607  -10.111 1.00 24.30 ? 41  TYR A CA  1 
ATOM   298  C C   . TYR A 1 40  ? -2.388  -1.804  -11.253 1.00 27.66 ? 41  TYR A C   1 
ATOM   299  O O   . TYR A 1 40  ? -3.323  -1.022  -11.060 1.00 28.80 ? 41  TYR A O   1 
ATOM   300  C CB  . TYR A 1 40  ? -2.549  -3.919  -9.982  1.00 26.29 ? 41  TYR A CB  1 
ATOM   301  C CG  . TYR A 1 40  ? -1.785  -5.108  -9.467  1.00 24.69 ? 41  TYR A CG  1 
ATOM   302  C CD1 . TYR A 1 40  ? -0.925  -5.819  -10.296 1.00 25.46 ? 41  TYR A CD1 1 
ATOM   303  C CD2 . TYR A 1 40  ? -1.974  -5.568  -8.167  1.00 28.95 ? 41  TYR A CD2 1 
ATOM   304  C CE1 . TYR A 1 40  ? -0.242  -6.953  -9.834  1.00 25.41 ? 41  TYR A CE1 1 
ATOM   305  C CE2 . TYR A 1 40  ? -1.309  -6.697  -7.696  1.00 28.05 ? 41  TYR A CE2 1 
ATOM   306  C CZ  . TYR A 1 40  ? -0.437  -7.375  -8.532  1.00 29.90 ? 41  TYR A CZ  1 
ATOM   307  O OH  . TYR A 1 40  ? 0.224   -8.493  -8.072  1.00 32.49 ? 41  TYR A OH  1 
ATOM   308  N N   . THR A 1 41  ? -1.859  -2.012  -12.459 1.00 27.07 ? 42  THR A N   1 
ATOM   309  C CA  . THR A 1 41  ? -2.397  -1.296  -13.610 1.00 25.62 ? 42  THR A CA  1 
ATOM   310  C C   . THR A 1 41  ? -3.555  -2.031  -14.265 1.00 30.42 ? 42  THR A C   1 
ATOM   311  O O   . THR A 1 41  ? -4.203  -1.470  -15.157 1.00 33.83 ? 42  THR A O   1 
ATOM   312  C CB  . THR A 1 41  ? -1.311  -1.048  -14.657 1.00 29.42 ? 42  THR A CB  1 
ATOM   313  O OG1 . THR A 1 41  ? -0.779  -2.305  -15.107 1.00 31.47 ? 42  THR A OG1 1 
ATOM   314  C CG2 . THR A 1 41  ? -0.206  -0.199  -14.070 1.00 29.48 ? 42  THR A CG2 1 
ATOM   315  N N   . ASP A 1 42  ? -3.814  -3.266  -13.847 1.00 30.77 ? 43  ASP A N   1 
ATOM   316  C CA  . ASP A 1 42  ? -4.932  -4.057  -14.343 1.00 32.53 ? 43  ASP A CA  1 
ATOM   317  C C   . ASP A 1 42  ? -5.301  -5.058  -13.256 1.00 30.93 ? 43  ASP A C   1 
ATOM   318  O O   . ASP A 1 42  ? -4.536  -5.293  -12.321 1.00 31.30 ? 43  ASP A O   1 
ATOM   319  C CB  . ASP A 1 42  ? -4.573  -4.758  -15.656 1.00 32.94 ? 43  ASP A CB  1 
ATOM   320  C CG  . ASP A 1 42  ? -5.764  -5.482  -16.273 1.00 36.21 ? 43  ASP A CG  1 
ATOM   321  O OD1 . ASP A 1 42  ? -6.578  -4.814  -16.933 1.00 40.33 ? 43  ASP A OD1 1 
ATOM   322  O OD2 . ASP A 1 42  ? -5.895  -6.713  -16.062 1.00 34.85 ? 43  ASP A OD2 1 
ATOM   323  N N   . MET A 1 43  ? -6.486  -5.666  -13.391 1.00 28.71 ? 44  MET A N   1 
ATOM   324  C CA  . MET A 1 43  ? -6.901  -6.670  -12.414 1.00 30.74 ? 44  MET A CA  1 
ATOM   325  C C   . MET A 1 43  ? -6.013  -7.913  -12.447 1.00 32.30 ? 44  MET A C   1 
ATOM   326  O O   . MET A 1 43  ? -5.875  -8.595  -11.424 1.00 33.89 ? 44  MET A O   1 
ATOM   327  C CB  . MET A 1 43  ? -8.374  -7.049  -12.643 1.00 32.65 ? 44  MET A CB  1 
ATOM   328  C CG  . MET A 1 43  ? -8.890  -8.156  -11.742 1.00 38.88 ? 44  MET A CG  1 
ATOM   329  S SD  . MET A 1 43  ? -9.045  -7.663  -10.011 1.00 41.33 ? 44  MET A SD  1 
ATOM   330  C CE  . MET A 1 43  ? -10.064 -6.201  -10.185 1.00 39.46 ? 44  MET A CE  1 
ATOM   331  N N   . ASP A 1 44  ? -5.405  -8.227  -13.593 1.00 31.79 ? 45  ASP A N   1 
ATOM   332  C CA  . ASP A 1 44  ? -4.524  -9.382  -13.680 1.00 34.60 ? 45  ASP A CA  1 
ATOM   333  C C   . ASP A 1 44  ? -3.275  -9.155  -12.840 1.00 34.50 ? 45  ASP A C   1 
ATOM   334  O O   . ASP A 1 44  ? -2.619  -8.118  -12.966 1.00 32.27 ? 45  ASP A O   1 
ATOM   335  C CB  . ASP A 1 44  ? -4.138  -9.656  -15.130 1.00 33.69 ? 45  ASP A CB  1 
ATOM   336  C CG  . ASP A 1 44  ? -3.459  -10.998 -15.297 1.00 41.08 ? 45  ASP A CG  1 
ATOM   337  O OD1 . ASP A 1 44  ? -2.233  -11.053 -15.115 1.00 38.90 ? 45  ASP A OD1 1 
ATOM   338  O OD2 . ASP A 1 44  ? -4.150  -12.002 -15.591 1.00 44.42 ? 45  ASP A OD2 1 
ATOM   339  N N   . GLU A 1 45  ? -2.937  -10.135 -11.995 1.00 32.95 ? 46  GLU A N   1 
ATOM   340  C CA  . GLU A 1 45  ? -1.829  -9.965  -11.051 1.00 29.98 ? 46  GLU A CA  1 
ATOM   341  C C   . GLU A 1 45  ? -0.460  -9.998  -11.718 1.00 31.43 ? 46  GLU A C   1 
ATOM   342  O O   . GLU A 1 45  ? 0.539   -9.724  -11.043 1.00 27.94 ? 46  GLU A O   1 
ATOM   343  C CB  . GLU A 1 45  ? -1.891  -11.038 -9.962  1.00 34.42 ? 46  GLU A CB  1 
ATOM   344  C CG  . GLU A 1 45  ? -1.520  -12.394 -10.461 1.00 34.60 ? 46  GLU A CG  1 
ATOM   345  C CD  . GLU A 1 45  ? -1.284  -13.402 -9.347  1.00 38.42 ? 46  GLU A CD  1 
ATOM   346  O OE1 . GLU A 1 45  ? -0.804  -14.484 -9.687  1.00 36.05 ? 46  GLU A OE1 1 
ATOM   347  O OE2 . GLU A 1 45  ? -1.594  -13.125 -8.162  1.00 42.68 ? 46  GLU A OE2 1 
ATOM   348  N N   . ASP A 1 46  ? -0.378  -10.331 -13.004 1.00 30.21 ? 47  ASP A N   1 
ATOM   349  C CA  . ASP A 1 46  ? 0.888   -10.232 -13.713 1.00 31.81 ? 47  ASP A CA  1 
ATOM   350  C C   . ASP A 1 46  ? 1.078   -8.888  -14.404 1.00 28.95 ? 47  ASP A C   1 
ATOM   351  O O   . ASP A 1 46  ? 2.128   -8.675  -15.018 1.00 31.89 ? 47  ASP A O   1 
ATOM   352  C CB  . ASP A 1 46  ? 1.019   -11.358 -14.737 1.00 33.46 ? 47  ASP A CB  1 
ATOM   353  C CG  . ASP A 1 46  ? 1.293   -12.699 -14.084 1.00 37.79 ? 47  ASP A CG  1 
ATOM   354  O OD1 . ASP A 1 46  ? 1.473   -12.727 -12.847 1.00 39.56 ? 47  ASP A OD1 1 
ATOM   355  O OD2 . ASP A 1 46  ? 1.341   -13.715 -14.804 1.00 42.30 ? 47  ASP A OD2 1 
ATOM   356  N N   . SER A 1 47  ? 0.099   -7.991  -14.306 1.00 28.13 ? 48  SER A N   1 
ATOM   357  C CA  . SER A 1 47  ? 0.182   -6.680  -14.928 1.00 29.94 ? 48  SER A CA  1 
ATOM   358  C C   . SER A 1 47  ? 1.217   -5.814  -14.204 1.00 26.57 ? 48  SER A C   1 
ATOM   359  O O   . SER A 1 47  ? 1.677   -6.130  -13.111 1.00 26.96 ? 48  SER A O   1 
ATOM   360  C CB  . SER A 1 47  ? -1.192  -6.008  -14.930 1.00 30.56 ? 48  SER A CB  1 
ATOM   361  O OG  . SER A 1 47  ? -1.646  -5.687  -13.621 1.00 29.83 ? 48  SER A OG  1 
ATOM   362  N N   . ASP A 1 48  ? 1.583   -4.698  -14.821 1.00 28.26 ? 49  ASP A N   1 
ATOM   363  C CA  . ASP A 1 48  ? 2.601   -3.862  -14.203 1.00 25.57 ? 49  ASP A CA  1 
ATOM   364  C C   . ASP A 1 48  ? 2.056   -3.245  -12.913 1.00 26.74 ? 49  ASP A C   1 
ATOM   365  O O   . ASP A 1 48  ? 0.844   -3.101  -12.720 1.00 27.13 ? 49  ASP A O   1 
ATOM   366  C CB  . ASP A 1 48  ? 3.065   -2.779  -15.178 1.00 26.59 ? 49  ASP A CB  1 
ATOM   367  C CG  . ASP A 1 48  ? 4.147   -3.284  -16.129 1.00 29.81 ? 49  ASP A CG  1 
ATOM   368  O OD1 . ASP A 1 48  ? 4.514   -4.486  -16.067 1.00 30.44 ? 49  ASP A OD1 1 
ATOM   369  O OD2 . ASP A 1 48  ? 4.639   -2.481  -16.943 1.00 30.21 ? 49  ASP A OD2 1 
ATOM   370  N N   . ILE A 1 49  ? 2.971   -2.882  -12.024 1.00 25.19 ? 50  ILE A N   1 
ATOM   371  C CA  . ILE A 1 49  ? 2.662   -2.338  -10.703 1.00 24.85 ? 50  ILE A CA  1 
ATOM   372  C C   . ILE A 1 49  ? 3.321   -0.966  -10.592 1.00 27.29 ? 50  ILE A C   1 
ATOM   373  O O   . ILE A 1 49  ? 4.555   -0.868  -10.610 1.00 29.22 ? 50  ILE A O   1 
ATOM   374  C CB  . ILE A 1 49  ? 3.159   -3.257  -9.579  1.00 27.57 ? 50  ILE A CB  1 
ATOM   375  C CG1 . ILE A 1 49  ? 2.455   -4.618  -9.634  1.00 26.79 ? 50  ILE A CG1 1 
ATOM   376  C CG2 . ILE A 1 49  ? 2.996   -2.591  -8.209  1.00 26.47 ? 50  ILE A CG2 1 
ATOM   377  C CD1 . ILE A 1 49  ? 3.114   -5.664  -8.735  1.00 29.81 ? 50  ILE A CD1 1 
ATOM   378  N N   . ALA A 1 50  ? 2.504   0.089   -10.468 1.00 25.77 ? 51  ALA A N   1 
ATOM   379  C CA  . ALA A 1 50  ? 3.048   1.439   -10.339 1.00 26.23 ? 51  ALA A CA  1 
ATOM   380  C C   . ALA A 1 50  ? 3.688   1.682   -8.978  1.00 28.16 ? 51  ALA A C   1 
ATOM   381  O O   . ALA A 1 50  ? 4.565   2.545   -8.857  1.00 27.53 ? 51  ALA A O   1 
ATOM   382  C CB  . ALA A 1 50  ? 1.948   2.480   -10.572 1.00 27.52 ? 51  ALA A CB  1 
ATOM   383  N N   . PHE A 1 51  ? 3.262   0.956   -7.949  1.00 26.36 ? 52  PHE A N   1 
ATOM   384  C CA  . PHE A 1 51  ? 3.743   1.199   -6.592  1.00 26.94 ? 52  PHE A CA  1 
ATOM   385  C C   . PHE A 1 51  ? 3.458   -0.044  -5.775  1.00 30.06 ? 52  PHE A C   1 
ATOM   386  O O   . PHE A 1 51  ? 2.293   -0.431  -5.626  1.00 28.77 ? 52  PHE A O   1 
ATOM   387  C CB  . PHE A 1 51  ? 3.066   2.425   -5.975  1.00 29.63 ? 52  PHE A CB  1 
ATOM   388  C CG  . PHE A 1 51  ? 3.430   2.670   -4.527  1.00 30.18 ? 52  PHE A CG  1 
ATOM   389  C CD1 . PHE A 1 51  ? 4.743   2.580   -4.100  1.00 30.58 ? 52  PHE A CD1 1 
ATOM   390  C CD2 . PHE A 1 51  ? 2.458   3.024   -3.605  1.00 34.05 ? 52  PHE A CD2 1 
ATOM   391  C CE1 . PHE A 1 51  ? 5.078   2.821   -2.773  1.00 33.10 ? 52  PHE A CE1 1 
ATOM   392  C CE2 . PHE A 1 51  ? 2.785   3.266   -2.277  1.00 36.94 ? 52  PHE A CE2 1 
ATOM   393  C CZ  . PHE A 1 51  ? 4.094   3.173   -1.863  1.00 35.14 ? 52  PHE A CZ  1 
ATOM   394  N N   . HIS A 1 52  ? 4.523   -0.671  -5.285  1.00 27.92 ? 53  HIS A N   1 
ATOM   395  C CA  . HIS A 1 52  ? 4.473   -1.848  -4.439  1.00 26.93 ? 53  HIS A CA  1 
ATOM   396  C C   . HIS A 1 52  ? 5.009   -1.463  -3.067  1.00 29.69 ? 53  HIS A C   1 
ATOM   397  O O   . HIS A 1 52  ? 6.011   -0.752  -2.960  1.00 30.07 ? 53  HIS A O   1 
ATOM   398  C CB  . HIS A 1 52  ? 5.303   -2.980  -5.057  1.00 31.84 ? 53  HIS A CB  1 
ATOM   399  C CG  . HIS A 1 52  ? 5.787   -4.003  -4.076  1.00 29.79 ? 53  HIS A CG  1 
ATOM   400  N ND1 . HIS A 1 52  ? 4.994   -5.034  -3.619  1.00 29.73 ? 53  HIS A ND1 1 
ATOM   401  C CD2 . HIS A 1 52  ? 6.993   -4.165  -3.481  1.00 28.80 ? 53  HIS A CD2 1 
ATOM   402  C CE1 . HIS A 1 52  ? 5.693   -5.789  -2.788  1.00 31.41 ? 53  HIS A CE1 1 
ATOM   403  N NE2 . HIS A 1 52  ? 6.910   -5.282  -2.687  1.00 27.08 ? 53  HIS A NE2 1 
ATOM   404  N N   . PHE A 1 53  ? 4.331   -1.920  -2.023  1.00 28.98 ? 54  PHE A N   1 
ATOM   405  C CA  . PHE A 1 53  ? 4.560   -1.456  -0.659  1.00 30.64 ? 54  PHE A CA  1 
ATOM   406  C C   . PHE A 1 53  ? 4.439   -2.673  0.253   1.00 31.13 ? 54  PHE A C   1 
ATOM   407  O O   . PHE A 1 53  ? 3.369   -3.266  0.329   1.00 30.64 ? 54  PHE A O   1 
ATOM   408  C CB  . PHE A 1 53  ? 3.516   -0.384  -0.338  1.00 33.70 ? 54  PHE A CB  1 
ATOM   409  C CG  . PHE A 1 53  ? 3.552   0.156   1.046   1.00 32.58 ? 54  PHE A CG  1 
ATOM   410  C CD1 . PHE A 1 53  ? 4.442   1.161   1.394   1.00 41.58 ? 54  PHE A CD1 1 
ATOM   411  C CD2 . PHE A 1 53  ? 2.618   -0.262  1.976   1.00 36.49 ? 54  PHE A CD2 1 
ATOM   412  C CE1 . PHE A 1 53  ? 4.431   1.702   2.667   1.00 42.73 ? 54  PHE A CE1 1 
ATOM   413  C CE2 . PHE A 1 53  ? 2.601   0.268   3.242   1.00 40.95 ? 54  PHE A CE2 1 
ATOM   414  C CZ  . PHE A 1 53  ? 3.512   1.249   3.595   1.00 42.19 ? 54  PHE A CZ  1 
ATOM   415  N N   . ASN A 1 54  ? 5.525   -3.090  0.904   1.00 29.55 ? 55  ASN A N   1 
ATOM   416  C CA  . ASN A 1 54  ? 5.470   -4.243  1.808   1.00 28.95 ? 55  ASN A CA  1 
ATOM   417  C C   . ASN A 1 54  ? 6.037   -3.823  3.155   1.00 36.15 ? 55  ASN A C   1 
ATOM   418  O O   . ASN A 1 54  ? 7.251   -3.630  3.293   1.00 32.69 ? 55  ASN A O   1 
ATOM   419  C CB  . ASN A 1 54  ? 6.225   -5.450  1.240   1.00 33.38 ? 55  ASN A CB  1 
ATOM   420  C CG  . ASN A 1 54  ? 5.956   -6.741  2.010   1.00 37.24 ? 55  ASN A CG  1 
ATOM   421  O OD1 . ASN A 1 54  ? 6.438   -7.805  1.626   1.00 47.89 ? 55  ASN A OD1 1 
ATOM   422  N ND2 . ASN A 1 54  ? 5.201   -6.655  3.095   1.00 37.93 ? 55  ASN A ND2 1 
ATOM   423  N N   . VAL A 1 55  ? 5.158   -3.667  4.139   1.00 30.68 ? 56  VAL A N   1 
ATOM   424  C CA  . VAL A 1 55  ? 5.590   -3.372  5.498   1.00 32.97 ? 56  VAL A CA  1 
ATOM   425  C C   . VAL A 1 55  ? 5.990   -4.670  6.176   1.00 35.11 ? 56  VAL A C   1 
ATOM   426  O O   . VAL A 1 55  ? 5.222   -5.639  6.194   1.00 32.80 ? 56  VAL A O   1 
ATOM   427  C CB  . VAL A 1 55  ? 4.479   -2.672  6.296   1.00 33.29 ? 56  VAL A CB  1 
ATOM   428  C CG1 . VAL A 1 55  ? 4.944   -2.447  7.719   1.00 37.80 ? 56  VAL A CG1 1 
ATOM   429  C CG2 . VAL A 1 55  ? 4.110   -1.368  5.661   1.00 36.88 ? 56  VAL A CG2 1 
ATOM   430  N N   . HIS A 1 56  ? 7.188   -4.693  6.742   1.00 32.30 ? 57  HIS A N   1 
ATOM   431  C CA  . HIS A 1 56  ? 7.581   -5.744  7.676   1.00 29.49 ? 57  HIS A CA  1 
ATOM   432  C C   . HIS A 1 56  ? 7.445   -5.142  9.067   1.00 33.35 ? 57  HIS A C   1 
ATOM   433  O O   . HIS A 1 56  ? 8.315   -4.400  9.524   1.00 31.70 ? 57  HIS A O   1 
ATOM   434  C CB  . HIS A 1 56  ? 8.988   -6.245  7.384   1.00 33.45 ? 57  HIS A CB  1 
ATOM   435  C CG  . HIS A 1 56  ? 9.127   -6.871  6.033   1.00 35.91 ? 57  HIS A CG  1 
ATOM   436  N ND1 . HIS A 1 56  ? 9.241   -8.232  5.849   1.00 36.99 ? 57  HIS A ND1 1 
ATOM   437  C CD2 . HIS A 1 56  ? 9.143   -6.321  4.796   1.00 38.16 ? 57  HIS A CD2 1 
ATOM   438  C CE1 . HIS A 1 56  ? 9.332   -8.493  4.556   1.00 38.24 ? 57  HIS A CE1 1 
ATOM   439  N NE2 . HIS A 1 56  ? 9.279   -7.350  3.896   1.00 37.93 ? 57  HIS A NE2 1 
ATOM   440  N N   . PHE A 1 57  ? 6.325   -5.443  9.721   1.00 32.78 ? 58  PHE A N   1 
ATOM   441  C CA  . PHE A 1 57  ? 5.957   -4.782  10.967  1.00 33.97 ? 58  PHE A CA  1 
ATOM   442  C C   . PHE A 1 57  ? 7.076   -4.892  11.990  1.00 33.47 ? 58  PHE A C   1 
ATOM   443  O O   . PHE A 1 57  ? 7.669   -5.965  12.178  1.00 34.47 ? 58  PHE A O   1 
ATOM   444  C CB  . PHE A 1 57  ? 4.686   -5.402  11.539  1.00 30.80 ? 58  PHE A CB  1 
ATOM   445  C CG  . PHE A 1 57  ? 3.430   -5.001  10.823  1.00 31.71 ? 58  PHE A CG  1 
ATOM   446  C CD1 . PHE A 1 57  ? 2.938   -3.718  10.939  1.00 34.20 ? 58  PHE A CD1 1 
ATOM   447  C CD2 . PHE A 1 57  ? 2.713   -5.934  10.083  1.00 30.93 ? 58  PHE A CD2 1 
ATOM   448  C CE1 . PHE A 1 57  ? 1.759   -3.347  10.288  1.00 33.80 ? 58  PHE A CE1 1 
ATOM   449  C CE2 . PHE A 1 57  ? 1.549   -5.585  9.443   1.00 32.80 ? 58  PHE A CE2 1 
ATOM   450  C CZ  . PHE A 1 57  ? 1.068   -4.278  9.539   1.00 32.89 ? 58  PHE A CZ  1 
ATOM   451  N N   . GLY A 1 58  ? 7.356   -3.769  12.650  1.00 35.58 ? 59  GLY A N   1 
ATOM   452  C CA  . GLY A 1 58  ? 8.434   -3.693  13.613  1.00 34.68 ? 59  GLY A CA  1 
ATOM   453  C C   . GLY A 1 58  ? 9.821   -3.739  13.018  1.00 39.74 ? 59  GLY A C   1 
ATOM   454  O O   . GLY A 1 58  ? 10.793  -3.917  13.760  1.00 44.49 ? 59  GLY A O   1 
ATOM   455  N N   . ASN A 1 59  ? 9.950   -3.577  11.702  1.00 37.14 ? 60  ASN A N   1 
ATOM   456  C CA  . ASN A 1 59  ? 11.238  -3.768  11.045  1.00 38.23 ? 60  ASN A CA  1 
ATOM   457  C C   . ASN A 1 59  ? 11.510  -2.668  10.019  1.00 38.98 ? 60  ASN A C   1 
ATOM   458  O O   . ASN A 1 59  ? 12.297  -1.749  10.281  1.00 42.04 ? 60  ASN A O   1 
ATOM   459  C CB  . ASN A 1 59  ? 11.275  -5.154  10.397  1.00 39.24 ? 60  ASN A CB  1 
ATOM   460  C CG  . ASN A 1 59  ? 12.642  -5.534  9.883   1.00 44.71 ? 60  ASN A CG  1 
ATOM   461  O OD1 . ASN A 1 59  ? 13.564  -4.716  9.853   1.00 47.99 ? 60  ASN A OD1 1 
ATOM   462  N ND2 . ASN A 1 59  ? 12.784  -6.789  9.467   1.00 43.99 ? 60  ASN A ND2 1 
ATOM   463  N N   . HIS A 1 60  ? 10.885  -2.756  8.848   1.00 34.33 ? 61  HIS A N   1 
ATOM   464  C CA  . HIS A 1 60  ? 11.151  -1.809  7.769   1.00 36.06 ? 61  HIS A CA  1 
ATOM   465  C C   . HIS A 1 60  ? 10.054  -1.952  6.724   1.00 36.63 ? 61  HIS A C   1 
ATOM   466  O O   . HIS A 1 60  ? 9.217   -2.859  6.793   1.00 33.84 ? 61  HIS A O   1 
ATOM   467  C CB  . HIS A 1 60  ? 12.532  -2.043  7.148   1.00 37.06 ? 61  HIS A CB  1 
ATOM   468  C CG  . HIS A 1 60  ? 12.619  -3.301  6.342   1.00 42.66 ? 61  HIS A CG  1 
ATOM   469  N ND1 . HIS A 1 60  ? 13.186  -4.456  6.831   1.00 44.96 ? 61  HIS A ND1 1 
ATOM   470  C CD2 . HIS A 1 60  ? 12.207  -3.587  5.084   1.00 44.25 ? 61  HIS A CD2 1 
ATOM   471  C CE1 . HIS A 1 60  ? 13.119  -5.401  5.911   1.00 45.25 ? 61  HIS A CE1 1 
ATOM   472  N NE2 . HIS A 1 60  ? 12.528  -4.900  4.841   1.00 41.23 ? 61  HIS A NE2 1 
ATOM   473  N N   . VAL A 1 61  ? 10.077  -1.045  5.749   1.00 33.49 ? 62  VAL A N   1 
ATOM   474  C CA  . VAL A 1 61  ? 9.177   -1.094  4.605   1.00 31.57 ? 62  VAL A CA  1 
ATOM   475  C C   . VAL A 1 61  ? 10.009  -1.186  3.337   1.00 32.81 ? 62  VAL A C   1 
ATOM   476  O O   . VAL A 1 61  ? 11.044  -0.522  3.210   1.00 36.61 ? 62  VAL A O   1 
ATOM   477  C CB  . VAL A 1 61  ? 8.242   0.130   4.552   1.00 38.71 ? 62  VAL A CB  1 
ATOM   478  C CG1 . VAL A 1 61  ? 7.213   -0.078  3.466   1.00 35.14 ? 62  VAL A CG1 1 
ATOM   479  N N   . VAL A 1 62  ? 9.566   -2.031  2.413   1.00 29.75 ? 63  VAL A N   1 
ATOM   480  C CA  . VAL A 1 62  ? 10.199  -2.210  1.117   1.00 31.51 ? 63  VAL A CA  1 
ATOM   481  C C   . VAL A 1 62  ? 9.228   -1.713  0.060   1.00 32.78 ? 63  VAL A C   1 
ATOM   482  O O   . VAL A 1 62  ? 8.031   -2.025  0.120   1.00 33.01 ? 63  VAL A O   1 
ATOM   483  C CB  . VAL A 1 62  ? 10.579  -3.682  0.881   1.00 37.99 ? 63  VAL A CB  1 
ATOM   484  C CG1 . VAL A 1 62  ? 10.578  -4.016  -0.602  1.00 39.85 ? 63  VAL A CG1 1 
ATOM   485  C CG2 . VAL A 1 62  ? 11.949  -3.979  1.519   1.00 39.61 ? 63  VAL A CG2 1 
ATOM   486  N N   . MET A 1 63  ? 9.727   -0.917  -0.882  1.00 31.62 ? 64  MET A N   1 
ATOM   487  C CA  . MET A 1 63  ? 8.897   -0.354  -1.937  1.00 30.42 ? 64  MET A CA  1 
ATOM   488  C C   . MET A 1 63  ? 9.563   -0.542  -3.289  1.00 33.20 ? 64  MET A C   1 
ATOM   489  O O   . MET A 1 63  ? 10.791  -0.499  -3.407  1.00 33.87 ? 64  MET A O   1 
ATOM   490  C CB  . MET A 1 63  ? 8.618   1.136   -1.713  1.00 33.14 ? 64  MET A CB  1 
ATOM   491  C CG  . MET A 1 63  ? 7.665   1.416   -0.574  1.00 33.97 ? 64  MET A CG  1 
ATOM   492  S SD  . MET A 1 63  ? 7.925   3.077   0.045   1.00 37.29 ? 64  MET A SD  1 
ATOM   493  C CE  . MET A 1 63  ? 9.579   2.898   0.720   1.00 36.98 ? 64  MET A CE  1 
ATOM   494  N N   . ASN A 1 64  ? 8.743   -0.730  -4.318  1.00 28.63 ? 65  ASN A N   1 
ATOM   495  C CA  . ASN A 1 64  ? 9.283   -0.961  -5.651  1.00 31.25 ? 65  ASN A CA  1 
ATOM   496  C C   . ASN A 1 64  ? 8.190   -0.720  -6.677  1.00 31.42 ? 65  ASN A C   1 
ATOM   497  O O   . ASN A 1 64  ? 7.075   -0.292  -6.352  1.00 28.15 ? 65  ASN A O   1 
ATOM   498  C CB  . ASN A 1 64  ? 9.864   -2.376  -5.775  1.00 30.56 ? 65  ASN A CB  1 
ATOM   499  C CG  . ASN A 1 64  ? 11.020  -2.457  -6.772  1.00 29.01 ? 65  ASN A CG  1 
ATOM   500  O OD1 . ASN A 1 64  ? 11.108  -1.673  -7.710  1.00 28.52 ? 65  ASN A OD1 1 
ATOM   501  N ND2 . ASN A 1 64  ? 11.891  -3.434  -6.580  1.00 30.22 ? 65  ASN A ND2 1 
ATOM   502  N N   . ARG A 1 65  ? 8.532   -0.982  -7.934  1.00 28.57 ? 66  ARG A N   1 
ATOM   503  C CA  . ARG A 1 65  ? 7.547   -0.956  -9.003  1.00 27.56 ? 66  ARG A CA  1 
ATOM   504  C C   . ARG A 1 65  ? 7.978   -1.979  -10.041 1.00 28.58 ? 66  ARG A C   1 
ATOM   505  O O   . ARG A 1 65  ? 9.145   -2.377  -10.099 1.00 27.49 ? 66  ARG A O   1 
ATOM   506  C CB  . ARG A 1 65  ? 7.406   0.442   -9.603  1.00 31.87 ? 66  ARG A CB  1 
ATOM   507  C CG  . ARG A 1 65  ? 8.535   0.810   -10.486 1.00 34.87 ? 66  ARG A CG  1 
ATOM   508  C CD  . ARG A 1 65  ? 9.107   2.175   -10.143 1.00 38.45 ? 66  ARG A CD  1 
ATOM   509  N NE  . ARG A 1 65  ? 10.022  2.568   -11.202 1.00 33.94 ? 66  ARG A NE  1 
ATOM   510  C CZ  . ARG A 1 65  ? 11.331  2.721   -11.063 1.00 33.84 ? 66  ARG A CZ  1 
ATOM   511  N NH1 . ARG A 1 65  ? 11.924  2.536   -9.886  1.00 33.64 ? 66  ARG A NH1 1 
ATOM   512  N NH2 . ARG A 1 65  ? 12.051  3.068   -12.118 1.00 38.20 ? 66  ARG A NH2 1 
ATOM   513  N N   . ARG A 1 66  ? 7.013   -2.432  -10.835 1.00 25.89 ? 67  ARG A N   1 
ATOM   514  C CA  . ARG A 1 66  ? 7.239   -3.454  -11.846 1.00 25.80 ? 67  ARG A CA  1 
ATOM   515  C C   . ARG A 1 66  ? 6.807   -2.908  -13.196 1.00 30.79 ? 67  ARG A C   1 
ATOM   516  O O   . ARG A 1 66  ? 5.623   -2.592  -13.400 1.00 25.95 ? 67  ARG A O   1 
ATOM   517  C CB  . ARG A 1 66  ? 6.493   -4.748  -11.520 1.00 26.54 ? 67  ARG A CB  1 
ATOM   518  C CG  . ARG A 1 66  ? 6.892   -5.914  -12.415 1.00 24.31 ? 67  ARG A CG  1 
ATOM   519  C CD  . ARG A 1 66  ? 6.390   -7.221  -11.829 1.00 25.65 ? 67  ARG A CD  1 
ATOM   520  N NE  . ARG A 1 66  ? 4.934   -7.326  -11.990 1.00 25.56 ? 67  ARG A NE  1 
ATOM   521  C CZ  . ARG A 1 66  ? 4.145   -8.076  -11.215 1.00 28.33 ? 67  ARG A CZ  1 
ATOM   522  N NH1 . ARG A 1 66  ? 4.655   -8.764  -10.203 1.00 26.43 ? 67  ARG A NH1 1 
ATOM   523  N NH2 . ARG A 1 66  ? 2.838   -8.109  -11.428 1.00 27.85 ? 67  ARG A NH2 1 
ATOM   524  N N   . GLU A 1 67  ? 7.771   -2.791  -14.105 1.00 27.97 ? 68  GLU A N   1 
ATOM   525  C CA  . GLU A 1 67  ? 7.583   -2.166  -15.402 1.00 26.62 ? 68  GLU A CA  1 
ATOM   526  C C   . GLU A 1 67  ? 8.018   -3.150  -16.473 1.00 27.55 ? 68  GLU A C   1 
ATOM   527  O O   . GLU A 1 67  ? 9.120   -3.713  -16.396 1.00 29.65 ? 68  GLU A O   1 
ATOM   528  C CB  . GLU A 1 67  ? 8.382   -0.855  -15.510 1.00 29.49 ? 68  GLU A CB  1 
ATOM   529  C CG  . GLU A 1 67  ? 8.060   0.152   -14.403 1.00 29.38 ? 68  GLU A CG  1 
ATOM   530  C CD  . GLU A 1 67  ? 8.940   1.392   -14.434 1.00 37.75 ? 68  GLU A CD  1 
ATOM   531  O OE1 . GLU A 1 67  ? 8.875   2.191   -13.472 1.00 35.42 ? 68  GLU A OE1 1 
ATOM   532  O OE2 . GLU A 1 67  ? 9.692   1.566   -15.415 1.00 35.71 ? 68  GLU A OE2 1 
ATOM   533  N N   . PHE A 1 68  ? 7.166   -3.332  -17.476 1.00 24.99 ? 69  PHE A N   1 
ATOM   534  C CA  . PHE A 1 68  ? 7.345   -4.367  -18.492 1.00 29.06 ? 69  PHE A CA  1 
ATOM   535  C C   . PHE A 1 68  ? 7.678   -5.711  -17.841 1.00 29.66 ? 69  PHE A C   1 
ATOM   536  O O   . PHE A 1 68  ? 8.507   -6.485  -18.332 1.00 30.32 ? 69  PHE A O   1 
ATOM   537  C CB  . PHE A 1 68  ? 8.409   -3.966  -19.511 1.00 31.10 ? 69  PHE A CB  1 
ATOM   538  C CG  . PHE A 1 68  ? 7.999   -2.821  -20.400 1.00 29.11 ? 69  PHE A CG  1 
ATOM   539  C CD1 . PHE A 1 68  ? 7.407   -3.060  -21.628 1.00 29.84 ? 69  PHE A CD1 1 
ATOM   540  C CD2 . PHE A 1 68  ? 8.226   -1.508  -20.011 1.00 29.11 ? 69  PHE A CD2 1 
ATOM   541  C CE1 . PHE A 1 68  ? 7.021   -1.990  -22.457 1.00 29.88 ? 69  PHE A CE1 1 
ATOM   542  C CE2 . PHE A 1 68  ? 7.858   -0.440  -20.833 1.00 33.25 ? 69  PHE A CE2 1 
ATOM   543  C CZ  . PHE A 1 68  ? 7.251   -0.687  -22.054 1.00 31.78 ? 69  PHE A CZ  1 
ATOM   544  N N   . GLY A 1 69  ? 7.014   -5.990  -16.719 1.00 27.65 ? 70  GLY A N   1 
ATOM   545  C CA  . GLY A 1 69  ? 7.137   -7.270  -16.052 1.00 28.66 ? 70  GLY A CA  1 
ATOM   546  C C   . GLY A 1 69  ? 8.390   -7.448  -15.235 1.00 29.85 ? 70  GLY A C   1 
ATOM   547  O O   . GLY A 1 69  ? 8.644   -8.556  -14.749 1.00 28.26 ? 70  GLY A O   1 
ATOM   548  N N   . ILE A 1 70  ? 9.171   -6.388  -15.055 1.00 30.79 ? 71  ILE A N   1 
ATOM   549  C CA  . ILE A 1 70  ? 10.481  -6.455  -14.427 1.00 27.01 ? 71  ILE A CA  1 
ATOM   550  C C   . ILE A 1 70  ? 10.463  -5.585  -13.182 1.00 26.65 ? 71  ILE A C   1 
ATOM   551  O O   . ILE A 1 70  ? 10.029  -4.425  -13.232 1.00 30.52 ? 71  ILE A O   1 
ATOM   552  C CB  . ILE A 1 70  ? 11.570  -6.000  -15.411 1.00 27.88 ? 71  ILE A CB  1 
ATOM   553  C CG1 . ILE A 1 70  ? 11.481  -6.873  -16.667 1.00 31.16 ? 71  ILE A CG1 1 
ATOM   554  C CG2 . ILE A 1 70  ? 12.951  -6.029  -14.741 1.00 29.66 ? 71  ILE A CG2 1 
ATOM   555  C CD1 . ILE A 1 70  ? 12.447  -6.543  -17.722 1.00 36.41 ? 71  ILE A CD1 1 
ATOM   556  N N   . TRP A 1 71  ? 10.902  -6.147  -12.063 1.00 25.45 ? 72  TRP A N   1 
ATOM   557  C CA  . TRP A 1 71  ? 11.015  -5.369  -10.838 1.00 25.64 ? 72  TRP A CA  1 
ATOM   558  C C   . TRP A 1 71  ? 12.163  -4.370  -10.954 1.00 29.14 ? 72  TRP A C   1 
ATOM   559  O O   . TRP A 1 71  ? 13.275  -4.735  -11.347 1.00 27.63 ? 72  TRP A O   1 
ATOM   560  C CB  . TRP A 1 71  ? 11.245  -6.294  -9.651  1.00 27.39 ? 72  TRP A CB  1 
ATOM   561  C CG  . TRP A 1 71  ? 9.991   -7.012  -9.197  1.00 26.25 ? 72  TRP A CG  1 
ATOM   562  C CD1 . TRP A 1 71  ? 9.711   -8.340  -9.328  1.00 29.54 ? 72  TRP A CD1 1 
ATOM   563  C CD2 . TRP A 1 71  ? 8.868   -6.423  -8.540  1.00 28.14 ? 72  TRP A CD2 1 
ATOM   564  N NE1 . TRP A 1 71  ? 8.475   -8.625  -8.774  1.00 28.58 ? 72  TRP A NE1 1 
ATOM   565  C CE2 . TRP A 1 71  ? 7.940   -7.460  -8.288  1.00 28.19 ? 72  TRP A CE2 1 
ATOM   566  C CE3 . TRP A 1 71  ? 8.556   -5.124  -8.131  1.00 28.97 ? 72  TRP A CE3 1 
ATOM   567  C CZ2 . TRP A 1 71  ? 6.730   -7.233  -7.645  1.00 29.75 ? 72  TRP A CZ2 1 
ATOM   568  C CZ3 . TRP A 1 71  ? 7.356   -4.902  -7.493  1.00 30.78 ? 72  TRP A CZ3 1 
ATOM   569  C CH2 . TRP A 1 71  ? 6.455   -5.960  -7.259  1.00 25.60 ? 72  TRP A CH2 1 
ATOM   570  N N   . MET A 1 72  ? 11.896  -3.121  -10.580 1.00 26.00 ? 73  MET A N   1 
ATOM   571  C CA  . MET A 1 72  ? 12.816  -2.005  -10.752 1.00 27.29 ? 73  MET A CA  1 
ATOM   572  C C   . MET A 1 72  ? 13.709  -1.911  -9.505  1.00 31.13 ? 73  MET A C   1 
ATOM   573  O O   . MET A 1 72  ? 13.893  -2.901  -8.795  1.00 28.37 ? 73  MET A O   1 
ATOM   574  C CB  . MET A 1 72  ? 11.969  -0.767  -11.060 1.00 30.86 ? 73  MET A CB  1 
ATOM   575  C CG  . MET A 1 72  ? 11.275  -0.880  -12.439 1.00 30.96 ? 73  MET A CG  1 
ATOM   576  S SD  . MET A 1 72  ? 12.438  -1.208  -13.785 1.00 36.79 ? 73  MET A SD  1 
ATOM   577  C CE  . MET A 1 72  ? 11.803  -2.572  -14.731 1.00 37.69 ? 73  MET A CE  1 
ATOM   578  N N   . LEU A 1 73  ? 14.293  -0.745  -9.224  1.00 31.31 ? 74  LEU A N   1 
ATOM   579  C CA  . LEU A 1 73  ? 15.230  -0.657  -8.105  1.00 35.77 ? 74  LEU A CA  1 
ATOM   580  C C   . LEU A 1 73  ? 14.467  -0.445  -6.808  1.00 30.14 ? 74  LEU A C   1 
ATOM   581  O O   . LEU A 1 73  ? 13.721  0.524   -6.671  1.00 33.82 ? 74  LEU A O   1 
ATOM   582  C CB  . LEU A 1 73  ? 16.248  0.465   -8.303  1.00 37.94 ? 74  LEU A CB  1 
ATOM   583  C CG  . LEU A 1 73  ? 17.464  0.282   -7.374  1.00 36.52 ? 74  LEU A CG  1 
ATOM   584  C CD1 . LEU A 1 73  ? 18.325  -0.913  -7.776  1.00 37.78 ? 74  LEU A CD1 1 
ATOM   585  C CD2 . LEU A 1 73  ? 18.287  1.536   -7.303  1.00 38.22 ? 74  LEU A CD2 1 
ATOM   586  N N   . GLU A 1 74  ? 14.664  -1.355  -5.857  1.00 29.98 ? 75  GLU A N   1 
ATOM   587  C CA  . GLU A 1 74  ? 13.914  -1.340  -4.612  1.00 30.78 ? 75  GLU A CA  1 
ATOM   588  C C   . GLU A 1 74  ? 14.305  -0.155  -3.731  1.00 33.24 ? 75  GLU A C   1 
ATOM   589  O O   . GLU A 1 74  ? 15.479  0.235   -3.658  1.00 31.86 ? 75  GLU A O   1 
ATOM   590  C CB  . GLU A 1 74  ? 14.147  -2.660  -3.887  1.00 35.25 ? 75  GLU A CB  1 
ATOM   591  C CG  . GLU A 1 74  ? 13.889  -2.658  -2.420  1.00 37.44 ? 75  GLU A CG  1 
ATOM   592  C CD  . GLU A 1 74  ? 14.063  -4.050  -1.840  1.00 39.88 ? 75  GLU A CD  1 
ATOM   593  O OE1 . GLU A 1 74  ? 13.375  -4.986  -2.309  1.00 43.53 ? 75  GLU A OE1 1 
ATOM   594  O OE2 . GLU A 1 74  ? 14.902  -4.205  -0.937  1.00 36.86 ? 75  GLU A OE2 1 
ATOM   595  N N   . GLU A 1 75  ? 13.302  0.426   -3.068  1.00 29.49 ? 76  GLU A N   1 
ATOM   596  C CA  . GLU A 1 75  ? 13.467  1.506   -2.104  1.00 31.53 ? 76  GLU A CA  1 
ATOM   597  C C   . GLU A 1 75  ? 12.979  1.048   -0.737  1.00 35.17 ? 76  GLU A C   1 
ATOM   598  O O   . GLU A 1 75  ? 12.065  0.227   -0.635  1.00 33.28 ? 76  GLU A O   1 
ATOM   599  C CB  . GLU A 1 75  ? 12.699  2.768   -2.531  1.00 33.84 ? 76  GLU A CB  1 
ATOM   600  C CG  . GLU A 1 75  ? 13.121  3.355   -3.874  1.00 33.79 ? 76  GLU A CG  1 
ATOM   601  C CD  . GLU A 1 75  ? 12.194  4.467   -4.330  1.00 36.26 ? 76  GLU A CD  1 
ATOM   602  O OE1 . GLU A 1 75  ? 11.791  5.277   -3.475  1.00 35.57 ? 76  GLU A OE1 1 
ATOM   603  O OE2 . GLU A 1 75  ? 11.865  4.520   -5.534  1.00 34.72 ? 76  GLU A OE2 1 
ATOM   604  N N   . THR A 1 76  ? 13.597  1.569   0.325   1.00 35.46 ? 77  THR A N   1 
ATOM   605  C CA  . THR A 1 76  ? 13.266  1.115   1.671   1.00 34.52 ? 77  THR A CA  1 
ATOM   606  C C   . THR A 1 76  ? 13.339  2.271   2.656   1.00 37.36 ? 77  THR A C   1 
ATOM   607  O O   . THR A 1 76  ? 14.040  3.265   2.440   1.00 36.68 ? 77  THR A O   1 
ATOM   608  C CB  . THR A 1 76  ? 14.208  0.006   2.171   1.00 38.76 ? 77  THR A CB  1 
ATOM   609  O OG1 . THR A 1 76  ? 15.512  0.557   2.360   1.00 37.47 ? 77  THR A OG1 1 
ATOM   610  C CG2 . THR A 1 76  ? 14.302  -1.154  1.187   1.00 39.07 ? 77  THR A CG2 1 
ATOM   611  N N   . THR A 1 77  ? 12.612  2.119   3.761   1.00 34.89 ? 78  THR A N   1 
ATOM   612  C CA  . THR A 1 77  ? 12.751  3.004   4.911   1.00 39.66 ? 78  THR A CA  1 
ATOM   613  C C   . THR A 1 77  ? 12.537  2.187   6.177   1.00 42.35 ? 78  THR A C   1 
ATOM   614  O O   . THR A 1 77  ? 11.795  1.201   6.174   1.00 38.29 ? 78  THR A O   1 
ATOM   615  C CB  . THR A 1 77  ? 11.764  4.175   4.887   1.00 38.45 ? 78  THR A CB  1 
ATOM   616  O OG1 . THR A 1 77  ? 11.882  4.904   6.116   1.00 40.56 ? 78  THR A OG1 1 
ATOM   617  C CG2 . THR A 1 77  ? 10.328  3.674   4.747   1.00 36.27 ? 78  THR A CG2 1 
ATOM   618  N N   . ASP A 1 78  ? 13.204  2.603   7.259   1.00 40.20 ? 79  ASP A N   1 
ATOM   619  C CA  . ASP A 1 78  ? 13.104  1.954   8.561   1.00 40.85 ? 79  ASP A CA  1 
ATOM   620  C C   . ASP A 1 78  ? 11.977  2.503   9.427   1.00 43.47 ? 79  ASP A C   1 
ATOM   621  O O   . ASP A 1 78  ? 11.756  1.983   10.525  1.00 46.64 ? 79  ASP A O   1 
ATOM   622  C CB  . ASP A 1 78  ? 14.421  2.092   9.332   1.00 47.17 ? 79  ASP A CB  1 
ATOM   623  C CG  . ASP A 1 78  ? 15.600  1.526   8.580   1.00 55.89 ? 79  ASP A CG  1 
ATOM   624  O OD1 . ASP A 1 78  ? 15.461  0.430   7.999   1.00 53.69 ? 79  ASP A OD1 1 
ATOM   625  O OD2 . ASP A 1 78  ? 16.667  2.180   8.564   1.00 68.93 ? 79  ASP A OD2 1 
ATOM   626  N N   . TYR A 1 79  ? 11.278  3.539   8.972   1.00 41.06 ? 80  TYR A N   1 
ATOM   627  C CA  . TYR A 1 79  ? 10.261  4.224   9.768   1.00 43.80 ? 80  TYR A CA  1 
ATOM   628  C C   . TYR A 1 79  ? 8.956   3.447   9.672   1.00 42.60 ? 80  TYR A C   1 
ATOM   629  O O   . TYR A 1 79  ? 8.205   3.596   8.706   1.00 44.44 ? 80  TYR A O   1 
ATOM   630  C CB  . TYR A 1 79  ? 10.080  5.654   9.274   1.00 42.76 ? 80  TYR A CB  1 
ATOM   631  C CG  . TYR A 1 79  ? 9.394   6.577   10.251  1.00 45.74 ? 80  TYR A CG  1 
ATOM   632  C CD1 . TYR A 1 79  ? 9.221   6.217   11.582  1.00 47.71 ? 80  TYR A CD1 1 
ATOM   633  C CD2 . TYR A 1 79  ? 8.921   7.813   9.841   1.00 48.44 ? 80  TYR A CD2 1 
ATOM   634  C CE1 . TYR A 1 79  ? 8.601   7.067   12.474  1.00 48.30 ? 80  TYR A CE1 1 
ATOM   635  C CE2 . TYR A 1 79  ? 8.298   8.668   10.724  1.00 51.17 ? 80  TYR A CE2 1 
ATOM   636  C CZ  . TYR A 1 79  ? 8.140   8.291   12.038  1.00 51.75 ? 80  TYR A CZ  1 
ATOM   637  O OH  . TYR A 1 79  ? 7.517   9.149   12.916  1.00 61.88 ? 80  TYR A OH  1 
ATOM   638  N N   . VAL A 1 80  ? 8.675   2.625   10.681  1.00 43.73 ? 81  VAL A N   1 
ATOM   639  C CA  . VAL A 1 80  ? 7.513   1.735   10.668  1.00 41.44 ? 81  VAL A CA  1 
ATOM   640  C C   . VAL A 1 80  ? 6.618   2.010   11.872  1.00 40.50 ? 81  VAL A C   1 
ATOM   641  O O   . VAL A 1 80  ? 6.442   1.120   12.718  1.00 43.12 ? 81  VAL A O   1 
ATOM   642  C CB  . VAL A 1 80  ? 7.947   0.259   10.670  1.00 42.52 ? 81  VAL A CB  1 
ATOM   643  C CG1 . VAL A 1 80  ? 6.842   -0.626  10.123  1.00 43.24 ? 81  VAL A CG1 1 
ATOM   644  C CG2 . VAL A 1 80  ? 9.221   0.072   9.894   1.00 41.38 ? 81  VAL A CG2 1 
ATOM   645  N N   . PRO A 1 81  ? 6.006   3.198   11.989  1.00 42.12 ? 82  PRO A N   1 
ATOM   646  C CA  . PRO A 1 81  ? 5.285   3.529   13.228  1.00 40.00 ? 82  PRO A CA  1 
ATOM   647  C C   . PRO A 1 81  ? 3.954   2.809   13.384  1.00 42.66 ? 82  PRO A C   1 
ATOM   648  O O   . PRO A 1 81  ? 2.931   3.439   13.675  1.00 42.64 ? 82  PRO A O   1 
ATOM   649  C CB  . PRO A 1 81  ? 5.086   5.046   13.119  1.00 44.65 ? 82  PRO A CB  1 
ATOM   650  C CG  . PRO A 1 81  ? 5.048   5.306   11.657  1.00 46.53 ? 82  PRO A CG  1 
ATOM   651  C CD  . PRO A 1 81  ? 6.012   4.326   11.038  1.00 43.79 ? 82  PRO A CD  1 
ATOM   652  N N   . PHE A 1 82  ? 3.948   1.497   13.178  1.00 38.16 ? 83  PHE A N   1 
ATOM   653  C CA  . PHE A 1 82  ? 2.798   0.675   13.517  1.00 39.91 ? 83  PHE A CA  1 
ATOM   654  C C   . PHE A 1 82  ? 2.963   0.132   14.930  1.00 41.70 ? 83  PHE A C   1 
ATOM   655  O O   . PHE A 1 82  ? 4.076   -0.143  15.383  1.00 41.69 ? 83  PHE A O   1 
ATOM   656  C CB  . PHE A 1 82  ? 2.638   -0.497  12.551  1.00 40.54 ? 83  PHE A CB  1 
ATOM   657  C CG  . PHE A 1 82  ? 2.376   -0.099  11.127  1.00 36.96 ? 83  PHE A CG  1 
ATOM   658  C CD1 . PHE A 1 82  ? 3.424   0.151   10.256  1.00 40.07 ? 83  PHE A CD1 1 
ATOM   659  C CD2 . PHE A 1 82  ? 1.077   -0.009  10.651  1.00 41.83 ? 83  PHE A CD2 1 
ATOM   660  C CE1 . PHE A 1 82  ? 3.182   0.497   8.938   1.00 41.94 ? 83  PHE A CE1 1 
ATOM   661  C CE2 . PHE A 1 82  ? 0.823   0.335   9.338   1.00 40.73 ? 83  PHE A CE2 1 
ATOM   662  C CZ  . PHE A 1 82  ? 1.868   0.585   8.477   1.00 38.80 ? 83  PHE A CZ  1 
ATOM   663  N N   . GLU A 1 83  ? 1.839   -0.027  15.620  1.00 42.10 ? 84  GLU A N   1 
ATOM   664  C CA  . GLU A 1 83  ? 1.818   -0.535  16.983  1.00 42.60 ? 84  GLU A CA  1 
ATOM   665  C C   . GLU A 1 83  ? 1.429   -2.008  17.003  1.00 41.67 ? 84  GLU A C   1 
ATOM   666  O O   . GLU A 1 83  ? 0.517   -2.432  16.289  1.00 38.72 ? 84  GLU A O   1 
ATOM   667  C CB  . GLU A 1 83  ? 0.846   0.268   17.845  1.00 47.40 ? 84  GLU A CB  1 
ATOM   668  C CG  . GLU A 1 83  ? 1.457   1.505   18.474  1.00 55.83 ? 84  GLU A CG  1 
ATOM   669  C CD  . GLU A 1 83  ? 0.698   1.961   19.705  1.00 65.10 ? 84  GLU A CD  1 
ATOM   670  O OE1 . GLU A 1 83  ? -0.528  2.177   19.603  1.00 63.19 ? 84  GLU A OE1 1 
ATOM   671  O OE2 . GLU A 1 83  ? 1.329   2.101   20.776  1.00 70.14 ? 84  GLU A OE2 1 
ATOM   672  N N   . ASP A 1 84  ? 2.119   -2.776  17.844  1.00 40.80 ? 85  ASP A N   1 
ATOM   673  C CA  . ASP A 1 84  ? 1.874   -4.208  17.965  1.00 40.70 ? 85  ASP A CA  1 
ATOM   674  C C   . ASP A 1 84  ? 0.446   -4.484  18.426  1.00 38.37 ? 85  ASP A C   1 
ATOM   675  O O   . ASP A 1 84  ? 0.036   -4.042  19.503  1.00 39.20 ? 85  ASP A O   1 
ATOM   676  C CB  . ASP A 1 84  ? 2.882   -4.801  18.951  1.00 37.95 ? 85  ASP A CB  1 
ATOM   677  C CG  . ASP A 1 84  ? 3.120   -6.284  18.741  1.00 37.89 ? 85  ASP A CG  1 
ATOM   678  O OD1 . ASP A 1 84  ? 2.398   -6.922  17.938  1.00 39.47 ? 85  ASP A OD1 1 
ATOM   679  O OD2 . ASP A 1 84  ? 4.036   -6.817  19.402  1.00 39.00 ? 85  ASP A OD2 1 
ATOM   680  N N   . GLY A 1 85  ? -0.309  -5.218  17.608  1.00 39.76 ? 86  GLY A N   1 
ATOM   681  C CA  . GLY A 1 85  ? -1.624  -5.700  17.977  1.00 38.87 ? 86  GLY A CA  1 
ATOM   682  C C   . GLY A 1 85  ? -2.762  -4.709  17.837  1.00 37.57 ? 86  GLY A C   1 
ATOM   683  O O   . GLY A 1 85  ? -3.908  -5.059  18.164  1.00 43.99 ? 86  GLY A O   1 
ATOM   684  N N   . LYS A 1 86  ? -2.504  -3.498  17.352  1.00 42.95 ? 87  LYS A N   1 
ATOM   685  C CA  . LYS A 1 86  ? -3.519  -2.455  17.279  1.00 41.05 ? 87  LYS A CA  1 
ATOM   686  C C   . LYS A 1 86  ? -3.989  -2.257  15.845  1.00 40.07 ? 87  LYS A C   1 
ATOM   687  O O   . LYS A 1 86  ? -3.290  -2.584  14.882  1.00 38.57 ? 87  LYS A O   1 
ATOM   688  C CB  . LYS A 1 86  ? -2.979  -1.126  17.823  1.00 46.40 ? 87  LYS A CB  1 
ATOM   689  C CG  . LYS A 1 86  ? -2.487  -1.183  19.263  1.00 49.25 ? 87  LYS A CG  1 
ATOM   690  C CD  . LYS A 1 86  ? -3.646  -1.302  20.233  1.00 52.19 ? 87  LYS A CD  1 
ATOM   691  C CE  . LYS A 1 86  ? -3.283  -2.160  21.441  1.00 52.56 ? 87  LYS A CE  1 
ATOM   692  N NZ  . LYS A 1 86  ? -2.093  -1.645  22.174  1.00 56.09 ? 87  LYS A NZ  1 
ATOM   693  N N   . GLN A 1 87  ? -5.188  -1.698  15.703  1.00 40.81 ? 88  GLN A N   1 
ATOM   694  C CA  . GLN A 1 87  ? -5.623  -1.259  14.385  1.00 39.28 ? 88  GLN A CA  1 
ATOM   695  C C   . GLN A 1 87  ? -4.762  -0.103  13.898  1.00 40.28 ? 88  GLN A C   1 
ATOM   696  O O   . GLN A 1 87  ? -4.354  0.766   14.675  1.00 44.45 ? 88  GLN A O   1 
ATOM   697  C CB  . GLN A 1 87  ? -7.087  -0.828  14.394  1.00 40.90 ? 88  GLN A CB  1 
ATOM   698  C CG  . GLN A 1 87  ? -7.593  -0.510  12.995  1.00 43.03 ? 88  GLN A CG  1 
ATOM   699  C CD  . GLN A 1 87  ? -9.016  -0.013  12.978  1.00 44.70 ? 88  GLN A CD  1 
ATOM   700  O OE1 . GLN A 1 87  ? -9.927  -0.746  12.613  1.00 47.03 ? 88  GLN A OE1 1 
ATOM   701  N NE2 . GLN A 1 87  ? -9.211  1.244   13.348  1.00 48.69 ? 88  GLN A NE2 1 
ATOM   702  N N   . PHE A 1 88  ? -4.480  -0.098  12.601  1.00 37.75 ? 89  PHE A N   1 
ATOM   703  C CA  . PHE A 1 88  ? -3.716  0.967   11.976  1.00 37.44 ? 89  PHE A CA  1 
ATOM   704  C C   . PHE A 1 88  ? -4.582  1.682   10.946  1.00 37.43 ? 89  PHE A C   1 
ATOM   705  O O   . PHE A 1 88  ? -5.610  1.173   10.500  1.00 39.25 ? 89  PHE A O   1 
ATOM   706  C CB  . PHE A 1 88  ? -2.436  0.420   11.315  1.00 36.76 ? 89  PHE A CB  1 
ATOM   707  C CG  . PHE A 1 88  ? -2.692  -0.683  10.330  1.00 38.15 ? 89  PHE A CG  1 
ATOM   708  C CD1 . PHE A 1 88  ? -3.150  -0.398  9.046   1.00 34.75 ? 89  PHE A CD1 1 
ATOM   709  C CD2 . PHE A 1 88  ? -2.489  -2.010  10.690  1.00 36.65 ? 89  PHE A CD2 1 
ATOM   710  C CE1 . PHE A 1 88  ? -3.395  -1.411  8.139   1.00 35.72 ? 89  PHE A CE1 1 
ATOM   711  C CE2 . PHE A 1 88  ? -2.741  -3.034  9.792   1.00 36.33 ? 89  PHE A CE2 1 
ATOM   712  C CZ  . PHE A 1 88  ? -3.190  -2.738  8.515   1.00 36.45 ? 89  PHE A CZ  1 
ATOM   713  N N   . GLU A 1 89  ? -4.153  2.876   10.565  1.00 40.19 ? 90  GLU A N   1 
ATOM   714  C CA  . GLU A 1 89  ? -4.734  3.578   9.433   1.00 42.29 ? 90  GLU A CA  1 
ATOM   715  C C   . GLU A 1 89  ? -3.611  3.910   8.464   1.00 39.63 ? 90  GLU A C   1 
ATOM   716  O O   . GLU A 1 89  ? -2.702  4.676   8.801   1.00 41.03 ? 90  GLU A O   1 
ATOM   717  C CB  . GLU A 1 89  ? -5.474  4.836   9.885   1.00 42.78 ? 90  GLU A CB  1 
ATOM   718  C CG  . GLU A 1 89  ? -6.094  5.606   8.744   1.00 44.32 ? 90  GLU A CG  1 
ATOM   719  C CD  . GLU A 1 89  ? -6.320  7.058   9.086   1.00 50.10 ? 90  GLU A CD  1 
ATOM   720  O OE1 . GLU A 1 89  ? -5.351  7.850   9.017   1.00 53.81 ? 90  GLU A OE1 1 
ATOM   721  O OE2 . GLU A 1 89  ? -7.468  7.404   9.430   1.00 51.51 ? 90  GLU A OE2 1 
ATOM   722  N N   . LEU A 1 90  ? -3.656  3.315   7.277   1.00 35.13 ? 91  LEU A N   1 
ATOM   723  C CA  . LEU A 1 90  ? -2.632  3.527   6.261   1.00 37.86 ? 91  LEU A CA  1 
ATOM   724  C C   . LEU A 1 90  ? -3.234  4.361   5.138   1.00 39.01 ? 91  LEU A C   1 
ATOM   725  O O   . LEU A 1 90  ? -4.186  3.928   4.478   1.00 38.84 ? 91  LEU A O   1 
ATOM   726  C CB  . LEU A 1 90  ? -2.103  2.192   5.737   1.00 38.36 ? 91  LEU A CB  1 
ATOM   727  C CG  . LEU A 1 90  ? -1.124  2.215   4.569   1.00 40.04 ? 91  LEU A CG  1 
ATOM   728  C CD1 . LEU A 1 90  ? 0.224   2.769   5.001   1.00 36.74 ? 91  LEU A CD1 1 
ATOM   729  C CD2 . LEU A 1 90  ? -0.983  0.815   4.003   1.00 38.87 ? 91  LEU A CD2 1 
ATOM   730  N N   . CYS A 1 91  ? -2.700  5.560   4.939   1.00 37.57 ? 92  CYS A N   1 
ATOM   731  C CA  . CYS A 1 91  ? -3.199  6.480   3.927   1.00 35.19 ? 92  CYS A CA  1 
ATOM   732  C C   . CYS A 1 91  ? -2.152  6.642   2.838   1.00 40.39 ? 92  CYS A C   1 
ATOM   733  O O   . CYS A 1 91  ? -0.979  6.892   3.132   1.00 41.64 ? 92  CYS A O   1 
ATOM   734  C CB  . CYS A 1 91  ? -3.536  7.837   4.538   1.00 40.21 ? 92  CYS A CB  1 
ATOM   735  S SG  . CYS A 1 91  ? -4.743  7.756   5.854   1.00 50.70 ? 92  CYS A SG  1 
ATOM   736  N N   . ILE A 1 92  ? -2.572  6.477   1.589   1.00 35.79 ? 93  ILE A N   1 
ATOM   737  C CA  . ILE A 1 92  ? -1.717  6.672   0.426   1.00 33.56 ? 93  ILE A CA  1 
ATOM   738  C C   . ILE A 1 92  ? -2.325  7.812   -0.380  1.00 35.38 ? 93  ILE A C   1 
ATOM   739  O O   . ILE A 1 92  ? -3.359  7.636   -1.035  1.00 34.18 ? 93  ILE A O   1 
ATOM   740  C CB  . ILE A 1 92  ? -1.592  5.402   -0.421  1.00 33.00 ? 93  ILE A CB  1 
ATOM   741  C CG1 . ILE A 1 92  ? -0.995  4.262   0.424   1.00 33.11 ? 93  ILE A CG1 1 
ATOM   742  C CG2 . ILE A 1 92  ? -0.701  5.668   -1.639  1.00 32.96 ? 93  ILE A CG2 1 
ATOM   743  C CD1 . ILE A 1 92  ? -1.286  2.903   -0.141  1.00 39.07 ? 93  ILE A CD1 1 
ATOM   744  N N   . TYR A 1 93  ? -1.692  8.978   -0.335  1.00 35.69 ? 94  TYR A N   1 
ATOM   745  C CA  . TYR A 1 93  ? -2.221  10.166  -0.996  1.00 37.37 ? 94  TYR A CA  1 
ATOM   746  C C   . TYR A 1 93  ? -1.463  10.402  -2.298  1.00 36.94 ? 94  TYR A C   1 
ATOM   747  O O   . TYR A 1 93  ? -0.228  10.423  -2.307  1.00 35.59 ? 94  TYR A O   1 
ATOM   748  C CB  . TYR A 1 93  ? -2.119  11.387  -0.080  1.00 42.07 ? 94  TYR A CB  1 
ATOM   749  C CG  . TYR A 1 93  ? -2.951  12.554  -0.553  1.00 43.53 ? 94  TYR A CG  1 
ATOM   750  C CD1 . TYR A 1 93  ? -2.452  13.450  -1.484  1.00 45.29 ? 94  TYR A CD1 1 
ATOM   751  C CD2 . TYR A 1 93  ? -4.245  12.747  -0.082  1.00 46.92 ? 94  TYR A CD2 1 
ATOM   752  C CE1 . TYR A 1 93  ? -3.212  14.519  -1.931  1.00 47.03 ? 94  TYR A CE1 1 
ATOM   753  C CE2 . TYR A 1 93  ? -5.013  13.809  -0.522  1.00 46.51 ? 94  TYR A CE2 1 
ATOM   754  C CZ  . TYR A 1 93  ? -4.492  14.692  -1.447  1.00 50.92 ? 94  TYR A CZ  1 
ATOM   755  O OH  . TYR A 1 93  ? -5.255  15.753  -1.886  1.00 55.84 ? 94  TYR A OH  1 
ATOM   756  N N   . VAL A 1 94  ? -2.194  10.568  -3.397  1.00 33.83 ? 95  VAL A N   1 
ATOM   757  C CA  . VAL A 1 94  ? -1.579  10.661  -4.718  1.00 31.85 ? 95  VAL A CA  1 
ATOM   758  C C   . VAL A 1 94  ? -1.400  12.139  -5.031  1.00 34.13 ? 95  VAL A C   1 
ATOM   759  O O   . VAL A 1 94  ? -2.364  12.851  -5.347  1.00 35.61 ? 95  VAL A O   1 
ATOM   760  C CB  . VAL A 1 94  ? -2.393  9.922   -5.785  1.00 34.08 ? 95  VAL A CB  1 
ATOM   761  C CG1 . VAL A 1 94  ? -3.791  10.255  -5.662  1.00 42.35 ? 95  VAL A CG1 1 
ATOM   762  C CG2 . VAL A 1 94  ? -1.925  10.254  -7.184  1.00 30.61 ? 95  VAL A CG2 1 
ATOM   763  N N   . HIS A 1 95  ? -0.156  12.604  -4.916  1.00 35.20 ? 96  HIS A N   1 
ATOM   764  C CA  . HIS A 1 95  ? 0.208   13.947  -5.340  1.00 33.03 ? 96  HIS A CA  1 
ATOM   765  C C   . HIS A 1 95  ? 0.653   13.925  -6.800  1.00 31.93 ? 96  HIS A C   1 
ATOM   766  O O   . HIS A 1 95  ? 0.793   12.870  -7.418  1.00 30.92 ? 96  HIS A O   1 
ATOM   767  C CB  . HIS A 1 95  ? 1.327   14.514  -4.466  1.00 41.30 ? 96  HIS A CB  1 
ATOM   768  C CG  . HIS A 1 95  ? 1.016   14.548  -3.001  1.00 41.90 ? 96  HIS A CG  1 
ATOM   769  N ND1 . HIS A 1 95  ? 0.126   15.443  -2.449  1.00 49.52 ? 96  HIS A ND1 1 
ATOM   770  C CD2 . HIS A 1 95  ? 1.526   13.839  -1.967  1.00 43.36 ? 96  HIS A CD2 1 
ATOM   771  C CE1 . HIS A 1 95  ? 0.077   15.263  -1.141  1.00 48.12 ? 96  HIS A CE1 1 
ATOM   772  N NE2 . HIS A 1 95  ? 0.914   14.293  -0.823  1.00 47.14 ? 96  HIS A NE2 1 
ATOM   773  N N   . TYR A 1 96  ? 0.901   15.115  -7.353  1.00 33.73 ? 97  TYR A N   1 
ATOM   774  C CA  . TYR A 1 96  ? 1.237   15.199  -8.773  1.00 34.90 ? 97  TYR A CA  1 
ATOM   775  C C   . TYR A 1 96  ? 2.521   14.449  -9.106  1.00 32.87 ? 97  TYR A C   1 
ATOM   776  O O   . TYR A 1 96  ? 2.651   13.910  -10.211 1.00 34.13 ? 97  TYR A O   1 
ATOM   777  C CB  . TYR A 1 96  ? 1.359   16.658  -9.212  1.00 35.50 ? 97  TYR A CB  1 
ATOM   778  C CG  . TYR A 1 96  ? 2.609   17.347  -8.718  1.00 40.07 ? 97  TYR A CG  1 
ATOM   779  C CD1 . TYR A 1 96  ? 2.744   17.705  -7.383  1.00 40.83 ? 97  TYR A CD1 1 
ATOM   780  C CD2 . TYR A 1 96  ? 3.664   17.625  -9.584  1.00 41.24 ? 97  TYR A CD2 1 
ATOM   781  C CE1 . TYR A 1 96  ? 3.890   18.337  -6.922  1.00 41.63 ? 97  TYR A CE1 1 
ATOM   782  C CE2 . TYR A 1 96  ? 4.817   18.261  -9.132  1.00 39.58 ? 97  TYR A CE2 1 
ATOM   783  C CZ  . TYR A 1 96  ? 4.923   18.609  -7.794  1.00 41.06 ? 97  TYR A CZ  1 
ATOM   784  O OH  . TYR A 1 96  ? 6.057   19.238  -7.317  1.00 42.49 ? 97  TYR A OH  1 
ATOM   785  N N   . ASN A 1 97  ? 3.482   14.408  -8.188  1.00 30.41 ? 98  ASN A N   1 
ATOM   786  C CA  . ASN A 1 97  ? 4.742   13.732  -8.485  1.00 31.59 ? 98  ASN A CA  1 
ATOM   787  C C   . ASN A 1 97  ? 5.032   12.499  -7.638  1.00 33.78 ? 98  ASN A C   1 
ATOM   788  O O   . ASN A 1 97  ? 6.009   11.800  -7.931  1.00 29.62 ? 98  ASN A O   1 
ATOM   789  C CB  . ASN A 1 97  ? 5.920   14.712  -8.370  1.00 36.77 ? 98  ASN A CB  1 
ATOM   790  C CG  . ASN A 1 97  ? 6.305   15.003  -6.945  1.00 38.43 ? 98  ASN A CG  1 
ATOM   791  O OD1 . ASN A 1 97  ? 5.457   15.334  -6.118  1.00 44.68 ? 98  ASN A OD1 1 
ATOM   792  N ND2 . ASN A 1 97  ? 7.593   14.871  -6.640  1.00 41.07 ? 98  ASN A ND2 1 
ATOM   793  N N   . GLU A 1 98  ? 4.217   12.184  -6.629  1.00 33.42 ? 99  GLU A N   1 
ATOM   794  C CA  . GLU A 1 98  ? 4.554   11.081  -5.733  1.00 32.82 ? 99  GLU A CA  1 
ATOM   795  C C   . GLU A 1 98  ? 3.302   10.542  -5.059  1.00 31.97 ? 99  GLU A C   1 
ATOM   796  O O   . GLU A 1 98  ? 2.260   11.201  -5.033  1.00 29.05 ? 99  GLU A O   1 
ATOM   797  C CB  . GLU A 1 98  ? 5.534   11.533  -4.649  1.00 34.56 ? 99  GLU A CB  1 
ATOM   798  C CG  . GLU A 1 98  ? 4.875   12.492  -3.663  1.00 34.17 ? 99  GLU A CG  1 
ATOM   799  C CD  . GLU A 1 98  ? 5.782   12.907  -2.528  1.00 43.64 ? 99  GLU A CD  1 
ATOM   800  O OE1 . GLU A 1 98  ? 7.004   12.986  -2.753  1.00 40.46 ? 99  GLU A OE1 1 
ATOM   801  O OE2 . GLU A 1 98  ? 5.262   13.165  -1.418  1.00 47.28 ? 99  GLU A OE2 1 
ATOM   802  N N   . TYR A 1 99  ? 3.432   9.332   -4.506  1.00 32.77 ? 100 TYR A N   1 
ATOM   803  C CA  . TYR A 1 99  ? 2.519   8.818   -3.490  1.00 32.55 ? 100 TYR A CA  1 
ATOM   804  C C   . TYR A 1 99  ? 3.075   9.151   -2.109  1.00 37.46 ? 100 TYR A C   1 
ATOM   805  O O   . TYR A 1 99  ? 4.192   8.737   -1.767  1.00 36.52 ? 100 TYR A O   1 
ATOM   806  C CB  . TYR A 1 99  ? 2.350   7.303   -3.602  1.00 33.35 ? 100 TYR A CB  1 
ATOM   807  C CG  . TYR A 1 99  ? 1.841   6.786   -4.922  1.00 29.11 ? 100 TYR A CG  1 
ATOM   808  C CD1 . TYR A 1 99  ? 0.488   6.856   -5.246  1.00 31.02 ? 100 TYR A CD1 1 
ATOM   809  C CD2 . TYR A 1 99  ? 2.702   6.192   -5.824  1.00 26.72 ? 100 TYR A CD2 1 
ATOM   810  C CE1 . TYR A 1 99  ? 0.021   6.360   -6.444  1.00 27.09 ? 100 TYR A CE1 1 
ATOM   811  C CE2 . TYR A 1 99  ? 2.248   5.702   -7.027  1.00 26.31 ? 100 TYR A CE2 1 
ATOM   812  C CZ  . TYR A 1 99  ? 0.904   5.782   -7.331  1.00 28.08 ? 100 TYR A CZ  1 
ATOM   813  O OH  . TYR A 1 99  ? 0.444   5.296   -8.533  1.00 27.49 ? 100 TYR A OH  1 
ATOM   814  N N   . GLU A 1 100 ? 2.294   9.858   -1.305  1.00 35.54 ? 101 GLU A N   1 
ATOM   815  C CA  . GLU A 1 100 ? 2.659   10.098  0.083   1.00 40.19 ? 101 GLU A CA  1 
ATOM   816  C C   . GLU A 1 100 ? 2.078   8.991   0.949   1.00 40.10 ? 101 GLU A C   1 
ATOM   817  O O   . GLU A 1 100 ? 0.877   8.722   0.886   1.00 39.99 ? 101 GLU A O   1 
ATOM   818  C CB  . GLU A 1 100 ? 2.149   11.453  0.562   1.00 44.93 ? 101 GLU A CB  1 
ATOM   819  C CG  . GLU A 1 100 ? 2.002   11.550  2.073   1.00 45.51 ? 101 GLU A CG  1 
ATOM   820  C CD  . GLU A 1 100 ? 1.868   12.978  2.546   1.00 52.30 ? 101 GLU A CD  1 
ATOM   821  O OE1 . GLU A 1 100 ? 2.499   13.324  3.564   1.00 57.12 ? 101 GLU A OE1 1 
ATOM   822  O OE2 . GLU A 1 100 ? 1.146   13.762  1.889   1.00 50.07 ? 101 GLU A OE2 1 
ATOM   823  N N   . ILE A 1 101 ? 2.927   8.345   1.744   1.00 38.65 ? 102 ILE A N   1 
ATOM   824  C CA  . ILE A 1 101 ? 2.508   7.242   2.602   1.00 38.27 ? 102 ILE A CA  1 
ATOM   825  C C   . ILE A 1 101 ? 2.464   7.750   4.034   1.00 41.13 ? 102 ILE A C   1 
ATOM   826  O O   . ILE A 1 101 ? 3.491   8.167   4.586   1.00 38.51 ? 102 ILE A O   1 
ATOM   827  C CB  . ILE A 1 101 ? 3.448   6.033   2.473   1.00 41.49 ? 102 ILE A CB  1 
ATOM   828  C CG1 . ILE A 1 101 ? 3.513   5.561   1.020   1.00 40.43 ? 102 ILE A CG1 1 
ATOM   829  C CG2 . ILE A 1 101 ? 2.976   4.896   3.366   1.00 39.42 ? 102 ILE A CG2 1 
ATOM   830  C CD1 . ILE A 1 101 ? 4.715   6.076   0.276   1.00 39.47 ? 102 ILE A CD1 1 
ATOM   831  N N   . LYS A 1 102 ? 1.279   7.719   4.634   1.00 41.27 ? 103 LYS A N   1 
ATOM   832  C CA  . LYS A 1 102 ? 1.088   8.099   6.027   1.00 41.63 ? 103 LYS A CA  1 
ATOM   833  C C   . LYS A 1 102 ? 0.594   6.893   6.806   1.00 41.46 ? 103 LYS A C   1 
ATOM   834  O O   . LYS A 1 102 ? -0.374  6.238   6.402   1.00 41.99 ? 103 LYS A O   1 
ATOM   835  C CB  . LYS A 1 102 ? 0.099   9.262   6.175   1.00 42.92 ? 103 LYS A CB  1 
ATOM   836  C CG  . LYS A 1 102 ? 0.624   10.598  5.664   1.00 45.94 ? 103 LYS A CG  1 
ATOM   837  C CD  . LYS A 1 102 ? -0.308  11.757  6.012   1.00 50.01 ? 103 LYS A CD  1 
ATOM   838  C CE  . LYS A 1 102 ? -1.716  11.287  6.349   1.00 49.82 ? 103 LYS A CE  1 
ATOM   839  N NZ  . LYS A 1 102 ? -2.424  12.240  7.259   1.00 57.75 ? 103 LYS A NZ  1 
ATOM   840  N N   . VAL A 1 103 ? 1.271   6.596   7.910   1.00 40.92 ? 104 VAL A N   1 
ATOM   841  C CA  . VAL A 1 103 ? 0.877   5.540   8.831   1.00 41.84 ? 104 VAL A CA  1 
ATOM   842  C C   . VAL A 1 103 ? 0.371   6.207   10.097  1.00 42.50 ? 104 VAL A C   1 
ATOM   843  O O   . VAL A 1 103 ? 1.113   6.953   10.748  1.00 43.14 ? 104 VAL A O   1 
ATOM   844  C CB  . VAL A 1 103 ? 2.045   4.595   9.144   1.00 41.64 ? 104 VAL A CB  1 
ATOM   845  C CG1 . VAL A 1 103 ? 1.648   3.622   10.253  1.00 41.28 ? 104 VAL A CG1 1 
ATOM   846  C CG2 . VAL A 1 103 ? 2.489   3.867   7.884   1.00 39.55 ? 104 VAL A CG2 1 
ATOM   847  N N   . ASN A 1 104 ? -0.891  5.953   10.440  1.00 39.46 ? 105 ASN A N   1 
ATOM   848  C CA  . ASN A 1 104 ? -1.489  6.497   11.657  1.00 42.34 ? 105 ASN A CA  1 
ATOM   849  C C   . ASN A 1 104 ? -1.237  7.995   11.760  1.00 42.05 ? 105 ASN A C   1 
ATOM   850  O O   . ASN A 1 104 ? -0.770  8.509   12.779  1.00 44.29 ? 105 ASN A O   1 
ATOM   851  C CB  . ASN A 1 104 ? -0.967  5.759   12.887  1.00 41.17 ? 105 ASN A CB  1 
ATOM   852  C CG  . ASN A 1 104 ? -1.236  4.281   12.811  1.00 41.07 ? 105 ASN A CG  1 
ATOM   853  O OD1 . ASN A 1 104 ? -2.291  3.866   12.326  1.00 40.69 ? 105 ASN A OD1 1 
ATOM   854  N ND2 . ASN A 1 104 ? -0.282  3.471   13.263  1.00 40.64 ? 105 ASN A ND2 1 
ATOM   855  N N   . GLY A 1 105 ? -1.519  8.690   10.662  1.00 41.84 ? 106 GLY A N   1 
ATOM   856  C CA  . GLY A 1 105 ? -1.307  10.116  10.586  1.00 44.97 ? 106 GLY A CA  1 
ATOM   857  C C   . GLY A 1 105 ? 0.132   10.549  10.420  1.00 45.79 ? 106 GLY A C   1 
ATOM   858  O O   . GLY A 1 105 ? 0.379   11.749  10.267  1.00 44.91 ? 106 GLY A O   1 
ATOM   859  N N   . ILE A 1 106 ? 1.089   9.623   10.441  1.00 40.55 ? 107 ILE A N   1 
ATOM   860  C CA  . ILE A 1 106 ? 2.507   9.960   10.361  1.00 43.79 ? 107 ILE A CA  1 
ATOM   861  C C   . ILE A 1 106 ? 3.007   9.699   8.946   1.00 44.06 ? 107 ILE A C   1 
ATOM   862  O O   . ILE A 1 106 ? 2.977   8.558   8.472   1.00 42.06 ? 107 ILE A O   1 
ATOM   863  C CB  . ILE A 1 106 ? 3.332   9.156   11.377  1.00 46.70 ? 107 ILE A CB  1 
ATOM   864  C CG1 . ILE A 1 106 ? 2.777   9.352   12.791  1.00 45.23 ? 107 ILE A CG1 1 
ATOM   865  C CG2 . ILE A 1 106 ? 4.800   9.553   11.284  1.00 47.12 ? 107 ILE A CG2 1 
ATOM   866  C CD1 . ILE A 1 106 ? 3.134   8.231   13.745  1.00 43.37 ? 107 ILE A CD1 1 
ATOM   867  N N   . ARG A 1 107 ? 3.502   10.747  8.285   1.00 43.67 ? 108 ARG A N   1 
ATOM   868  C CA  . ARG A 1 107 ? 4.107   10.585  6.969   1.00 43.84 ? 108 ARG A CA  1 
ATOM   869  C C   . ARG A 1 107 ? 5.441   9.860   7.091   1.00 45.33 ? 108 ARG A C   1 
ATOM   870  O O   . ARG A 1 107 ? 6.320   10.270  7.859   1.00 47.02 ? 108 ARG A O   1 
ATOM   871  C CB  . ARG A 1 107 ? 4.311   11.943  6.297   1.00 44.54 ? 108 ARG A CB  1 
ATOM   872  C CG  . ARG A 1 107 ? 5.042   11.858  4.958   1.00 47.89 ? 108 ARG A CG  1 
ATOM   873  C CD  . ARG A 1 107 ? 5.475   13.231  4.440   1.00 52.94 ? 108 ARG A CD  1 
ATOM   874  N NE  . ARG A 1 107 ? 6.599   13.129  3.505   1.00 51.88 ? 108 ARG A NE  1 
ATOM   875  C CZ  . ARG A 1 107 ? 6.480   13.184  2.181   1.00 49.83 ? 108 ARG A CZ  1 
ATOM   876  N NH1 . ARG A 1 107 ? 5.289   13.347  1.626   1.00 52.85 ? 108 ARG A NH1 1 
ATOM   877  N NH2 . ARG A 1 107 ? 7.555   13.080  1.409   1.00 50.45 ? 108 ARG A NH2 1 
ATOM   878  N N   . ILE A 1 108 ? 5.603   8.785   6.327   1.00 40.46 ? 109 ILE A N   1 
ATOM   879  C CA  . ILE A 1 108 ? 6.814   7.982   6.402   1.00 42.99 ? 109 ILE A CA  1 
ATOM   880  C C   . ILE A 1 108 ? 7.616   7.977   5.110   1.00 39.81 ? 109 ILE A C   1 
ATOM   881  O O   . ILE A 1 108 ? 8.827   7.711   5.159   1.00 37.63 ? 109 ILE A O   1 
ATOM   882  C CB  . ILE A 1 108 ? 6.493   6.536   6.827   1.00 41.44 ? 109 ILE A CB  1 
ATOM   883  C CG1 . ILE A 1 108 ? 5.774   5.802   5.696   1.00 41.71 ? 109 ILE A CG1 1 
ATOM   884  C CG2 . ILE A 1 108 ? 5.658   6.534   8.100   1.00 42.87 ? 109 ILE A CG2 1 
ATOM   885  C CD1 . ILE A 1 108 ? 5.764   4.312   5.854   1.00 38.55 ? 109 ILE A CD1 1 
ATOM   886  N N   . TYR A 1 109 ? 7.019   8.276   3.961   1.00 37.69 ? 110 TYR A N   1 
ATOM   887  C CA  . TYR A 1 109 ? 7.761   8.173   2.713   1.00 37.60 ? 110 TYR A CA  1 
ATOM   888  C C   . TYR A 1 109 ? 6.964   8.827   1.600   1.00 39.71 ? 110 TYR A C   1 
ATOM   889  O O   . TYR A 1 109 ? 5.739   8.964   1.680   1.00 40.16 ? 110 TYR A O   1 
ATOM   890  C CB  . TYR A 1 109 ? 8.059   6.713   2.354   1.00 32.72 ? 110 TYR A CB  1 
ATOM   891  C CG  . TYR A 1 109 ? 9.231   6.524   1.408   1.00 39.08 ? 110 TYR A CG  1 
ATOM   892  C CD1 . TYR A 1 109 ? 10.543  6.544   1.874   1.00 37.55 ? 110 TYR A CD1 1 
ATOM   893  C CD2 . TYR A 1 109 ? 9.024   6.336   0.044   1.00 34.90 ? 110 TYR A CD2 1 
ATOM   894  C CE1 . TYR A 1 109 ? 11.612  6.360   1.013   1.00 33.64 ? 110 TYR A CE1 1 
ATOM   895  C CE2 . TYR A 1 109 ? 10.081  6.159   -0.819  1.00 32.90 ? 110 TYR A CE2 1 
ATOM   896  C CZ  . TYR A 1 109 ? 11.373  6.168   -0.328  1.00 33.12 ? 110 TYR A CZ  1 
ATOM   897  O OH  . TYR A 1 109 ? 12.427  5.993   -1.190  1.00 34.47 ? 110 TYR A OH  1 
ATOM   898  N N   . GLY A 1 110 ? 7.681   9.214   0.552   1.00 38.37 ? 111 GLY A N   1 
ATOM   899  C CA  . GLY A 1 110 ? 7.076   9.725   -0.656  1.00 36.91 ? 111 GLY A CA  1 
ATOM   900  C C   . GLY A 1 110 ? 7.658   9.018   -1.859  1.00 36.97 ? 111 GLY A C   1 
ATOM   901  O O   . GLY A 1 110 ? 8.804   9.261   -2.233  1.00 37.03 ? 111 GLY A O   1 
ATOM   902  N N   . PHE A 1 111 ? 6.877   8.141   -2.469  1.00 30.74 ? 112 PHE A N   1 
ATOM   903  C CA  . PHE A 1 111 ? 7.346   7.296   -3.558  1.00 29.91 ? 112 PHE A CA  1 
ATOM   904  C C   . PHE A 1 111 ? 7.011   7.966   -4.882  1.00 32.11 ? 112 PHE A C   1 
ATOM   905  O O   . PHE A 1 111 ? 5.834   8.125   -5.215  1.00 29.76 ? 112 PHE A O   1 
ATOM   906  C CB  . PHE A 1 111 ? 6.685   5.921   -3.469  1.00 29.70 ? 112 PHE A CB  1 
ATOM   907  C CG  . PHE A 1 111 ? 7.232   4.923   -4.438  1.00 30.24 ? 112 PHE A CG  1 
ATOM   908  C CD1 . PHE A 1 111 ? 6.713   4.819   -5.716  1.00 27.78 ? 112 PHE A CD1 1 
ATOM   909  C CD2 . PHE A 1 111 ? 8.280   4.094   -4.073  1.00 28.23 ? 112 PHE A CD2 1 
ATOM   910  C CE1 . PHE A 1 111 ? 7.219   3.879   -6.608  1.00 30.83 ? 112 PHE A CE1 1 
ATOM   911  C CE2 . PHE A 1 111 ? 8.798   3.157   -4.958  1.00 32.90 ? 112 PHE A CE2 1 
ATOM   912  C CZ  . PHE A 1 111 ? 8.265   3.049   -6.228  1.00 30.32 ? 112 PHE A CZ  1 
ATOM   913  N N   . VAL A 1 112 ? 8.033   8.340   -5.647  1.00 29.76 ? 113 VAL A N   1 
ATOM   914  C CA  . VAL A 1 112 ? 7.814   9.181   -6.816  1.00 30.07 ? 113 VAL A CA  1 
ATOM   915  C C   . VAL A 1 112 ? 7.240   8.365   -7.970  1.00 28.31 ? 113 VAL A C   1 
ATOM   916  O O   . VAL A 1 112 ? 7.633   7.214   -8.201  1.00 31.85 ? 113 VAL A O   1 
ATOM   917  C CB  . VAL A 1 112 ? 9.129   9.885   -7.195  1.00 33.95 ? 113 VAL A CB  1 
ATOM   918  C CG1 . VAL A 1 112 ? 9.143   10.261  -8.665  1.00 32.16 ? 113 VAL A CG1 1 
ATOM   919  C CG2 . VAL A 1 112 ? 9.302   11.105  -6.317  1.00 34.67 ? 113 VAL A CG2 1 
ATOM   920  N N   . HIS A 1 113 ? 6.269   8.951   -8.680  1.00 28.10 ? 114 HIS A N   1 
ATOM   921  C CA  . HIS A 1 113 ? 5.672   8.301   -9.846  1.00 28.78 ? 114 HIS A CA  1 
ATOM   922  C C   . HIS A 1 113 ? 6.683   8.114   -10.968 1.00 29.47 ? 114 HIS A C   1 
ATOM   923  O O   . HIS A 1 113 ? 7.307   9.076   -11.422 1.00 30.14 ? 114 HIS A O   1 
ATOM   924  C CB  . HIS A 1 113 ? 4.509   9.127   -10.395 1.00 29.17 ? 114 HIS A CB  1 
ATOM   925  C CG  . HIS A 1 113 ? 3.450   9.442   -9.393  1.00 31.16 ? 114 HIS A CG  1 
ATOM   926  N ND1 . HIS A 1 113 ? 2.845   8.471   -8.625  1.00 31.32 ? 114 HIS A ND1 1 
ATOM   927  C CD2 . HIS A 1 113 ? 2.829   10.608  -9.094  1.00 30.61 ? 114 HIS A CD2 1 
ATOM   928  C CE1 . HIS A 1 113 ? 1.928   9.035   -7.857  1.00 30.69 ? 114 HIS A CE1 1 
ATOM   929  N NE2 . HIS A 1 113 ? 1.897   10.328  -8.124  1.00 30.11 ? 114 HIS A NE2 1 
ATOM   930  N N   . ARG A 1 114 ? 6.805   6.882   -11.455 1.00 27.24 ? 115 ARG A N   1 
ATOM   931  C CA  . ARG A 1 114 ? 7.495   6.640   -12.710 1.00 29.53 ? 115 ARG A CA  1 
ATOM   932  C C   . ARG A 1 114 ? 6.536   6.321   -13.843 1.00 30.17 ? 115 ARG A C   1 
ATOM   933  O O   . ARG A 1 114 ? 6.952   6.333   -15.005 1.00 32.09 ? 115 ARG A O   1 
ATOM   934  C CB  . ARG A 1 114 ? 8.523   5.520   -12.558 1.00 30.66 ? 115 ARG A CB  1 
ATOM   935  C CG  . ARG A 1 114 ? 9.816   5.963   -11.914 1.00 32.83 ? 115 ARG A CG  1 
ATOM   936  C CD  . ARG A 1 114 ? 9.698   6.132   -10.397 1.00 32.11 ? 115 ARG A CD  1 
ATOM   937  N NE  . ARG A 1 114 ? 11.009  6.042   -9.752  1.00 31.72 ? 115 ARG A NE  1 
ATOM   938  C CZ  . ARG A 1 114 ? 11.198  5.951   -8.437  1.00 34.33 ? 115 ARG A CZ  1 
ATOM   939  N NH1 . ARG A 1 114 ? 10.164  5.948   -7.604  1.00 31.78 ? 115 ARG A NH1 1 
ATOM   940  N NH2 . ARG A 1 114 ? 12.426  5.856   -7.954  1.00 32.88 ? 115 ARG A NH2 1 
ATOM   941  N N   . ILE A 1 115 ? 5.276   6.032   -13.534 1.00 29.74 ? 116 ILE A N   1 
ATOM   942  C CA  . ILE A 1 115 ? 4.186   6.145   -14.496 1.00 29.92 ? 116 ILE A CA  1 
ATOM   943  C C   . ILE A 1 115 ? 3.088   6.962   -13.829 1.00 30.66 ? 116 ILE A C   1 
ATOM   944  O O   . ILE A 1 115 ? 3.059   7.063   -12.590 1.00 30.08 ? 116 ILE A O   1 
ATOM   945  C CB  . ILE A 1 115 ? 3.659   4.764   -14.948 1.00 31.54 ? 116 ILE A CB  1 
ATOM   946  C CG1 . ILE A 1 115 ? 3.004   4.017   -13.781 1.00 29.52 ? 116 ILE A CG1 1 
ATOM   947  C CG2 . ILE A 1 115 ? 4.778   3.917   -15.546 1.00 33.20 ? 116 ILE A CG2 1 
ATOM   948  C CD1 . ILE A 1 115 ? 2.486   2.663   -14.170 1.00 31.06 ? 116 ILE A CD1 1 
ATOM   949  N N   . PRO A 1 116 ? 2.227   7.606   -14.612 1.00 29.94 ? 117 PRO A N   1 
ATOM   950  C CA  . PRO A 1 116 ? 1.135   8.403   -14.035 1.00 28.86 ? 117 PRO A CA  1 
ATOM   951  C C   . PRO A 1 116 ? 0.228   7.530   -13.182 1.00 29.03 ? 117 PRO A C   1 
ATOM   952  O O   . PRO A 1 116 ? -0.092  6.401   -13.568 1.00 29.46 ? 117 PRO A O   1 
ATOM   953  C CB  . PRO A 1 116 ? 0.389   8.930   -15.268 1.00 31.12 ? 117 PRO A CB  1 
ATOM   954  C CG  . PRO A 1 116 ? 1.412   8.947   -16.341 1.00 28.88 ? 117 PRO A CG  1 
ATOM   955  C CD  . PRO A 1 116 ? 2.288   7.749   -16.080 1.00 29.11 ? 117 PRO A CD  1 
ATOM   956  N N   . PRO A 1 117 ? -0.193  8.023   -12.016 1.00 28.14 ? 118 PRO A N   1 
ATOM   957  C CA  . PRO A 1 117 ? -1.057  7.210   -11.143 1.00 25.70 ? 118 PRO A CA  1 
ATOM   958  C C   . PRO A 1 117 ? -2.423  6.944   -11.740 1.00 28.00 ? 118 PRO A C   1 
ATOM   959  O O   . PRO A 1 117 ? -3.103  6.004   -11.298 1.00 28.96 ? 118 PRO A O   1 
ATOM   960  C CB  . PRO A 1 117 ? -1.159  8.057   -9.871  1.00 27.36 ? 118 PRO A CB  1 
ATOM   961  C CG  . PRO A 1 117 ? -0.910  9.485   -10.374 1.00 29.04 ? 118 PRO A CG  1 
ATOM   962  C CD  . PRO A 1 117 ? 0.149   9.319   -11.414 1.00 30.36 ? 118 PRO A CD  1 
ATOM   963  N N   . SER A 1 118 ? -2.835  7.713   -12.749 1.00 28.43 ? 119 SER A N   1 
ATOM   964  C CA  . SER A 1 118 ? -4.092  7.410   -13.427 1.00 31.40 ? 119 SER A CA  1 
ATOM   965  C C   . SER A 1 118 ? -4.040  6.081   -14.167 1.00 31.56 ? 119 SER A C   1 
ATOM   966  O O   . SER A 1 118 ? -5.089  5.593   -14.600 1.00 30.21 ? 119 SER A O   1 
ATOM   967  C CB  . SER A 1 118 ? -4.474  8.539   -14.392 1.00 31.27 ? 119 SER A CB  1 
ATOM   968  O OG  . SER A 1 118 ? -3.562  8.651   -15.466 1.00 30.75 ? 119 SER A OG  1 
ATOM   969  N N   . PHE A 1 119 ? -2.857  5.473   -14.293 1.00 28.58 ? 120 PHE A N   1 
ATOM   970  C CA  . PHE A 1 119 ? -2.736  4.151   -14.888 1.00 31.18 ? 120 PHE A CA  1 
ATOM   971  C C   . PHE A 1 119 ? -3.118  3.040   -13.918 1.00 28.49 ? 120 PHE A C   1 
ATOM   972  O O   . PHE A 1 119 ? -3.222  1.880   -14.342 1.00 29.00 ? 120 PHE A O   1 
ATOM   973  C CB  . PHE A 1 119 ? -1.304  3.895   -15.376 1.00 29.22 ? 120 PHE A CB  1 
ATOM   974  C CG  . PHE A 1 119 ? -0.877  4.745   -16.539 1.00 32.39 ? 120 PHE A CG  1 
ATOM   975  C CD1 . PHE A 1 119 ? -1.720  5.702   -17.084 1.00 31.86 ? 120 PHE A CD1 1 
ATOM   976  C CD2 . PHE A 1 119 ? 0.376   4.569   -17.099 1.00 31.17 ? 120 PHE A CD2 1 
ATOM   977  C CE1 . PHE A 1 119 ? -1.301  6.488   -18.156 1.00 29.40 ? 120 PHE A CE1 1 
ATOM   978  C CE2 . PHE A 1 119 ? 0.793   5.339   -18.170 1.00 32.50 ? 120 PHE A CE2 1 
ATOM   979  C CZ  . PHE A 1 119 ? -0.044  6.293   -18.699 1.00 31.38 ? 120 PHE A CZ  1 
ATOM   980  N N   . VAL A 1 120 ? -3.304  3.357   -12.635 1.00 28.14 ? 121 VAL A N   1 
ATOM   981  C CA  . VAL A 1 120 ? -3.649  2.353   -11.630 1.00 25.78 ? 121 VAL A CA  1 
ATOM   982  C C   . VAL A 1 120 ? -5.134  2.044   -11.739 1.00 26.21 ? 121 VAL A C   1 
ATOM   983  O O   . VAL A 1 120 ? -5.973  2.951   -11.666 1.00 29.45 ? 121 VAL A O   1 
ATOM   984  C CB  . VAL A 1 120 ? -3.295  2.846   -10.218 1.00 27.85 ? 121 VAL A CB  1 
ATOM   985  C CG1 . VAL A 1 120 ? -3.747  1.844   -9.178  1.00 27.40 ? 121 VAL A CG1 1 
ATOM   986  C CG2 . VAL A 1 120 ? -1.783  3.116   -10.110 1.00 27.53 ? 121 VAL A CG2 1 
ATOM   987  N N   . LYS A 1 121 ? -5.457  0.764   -11.920 1.00 26.84 ? 122 LYS A N   1 
ATOM   988  C CA  . LYS A 1 121 ? -6.835  0.326   -12.065 1.00 26.11 ? 122 LYS A CA  1 
ATOM   989  C C   . LYS A 1 121 ? -7.271  -0.624  -10.967 1.00 28.27 ? 122 LYS A C   1 
ATOM   990  O O   . LYS A 1 121 ? -8.468  -0.910  -10.869 1.00 27.47 ? 122 LYS A O   1 
ATOM   991  C CB  . LYS A 1 121 ? -7.029  -0.347  -13.432 1.00 26.07 ? 122 LYS A CB  1 
ATOM   992  C CG  . LYS A 1 121 ? -6.679  0.585   -14.610 1.00 29.88 ? 122 LYS A CG  1 
ATOM   993  C CD  . LYS A 1 121 ? -7.440  1.909   -14.482 1.00 38.07 ? 122 LYS A CD  1 
ATOM   994  C CE  . LYS A 1 121 ? -7.613  2.592   -15.833 1.00 40.04 ? 122 LYS A CE  1 
ATOM   995  N NZ  . LYS A 1 121 ? -7.872  4.061   -15.697 1.00 45.14 ? 122 LYS A NZ  1 
ATOM   996  N N   . MET A 1 122 ? -6.347  -1.123  -10.145 1.00 28.49 ? 123 MET A N   1 
ATOM   997  C CA  . MET A 1 122 ? -6.680  -2.047  -9.071  1.00 27.92 ? 123 MET A CA  1 
ATOM   998  C C   . MET A 1 122 ? -5.684  -1.857  -7.937  1.00 32.27 ? 123 MET A C   1 
ATOM   999  O O   . MET A 1 122 ? -4.484  -1.695  -8.179  1.00 28.56 ? 123 MET A O   1 
ATOM   1000 C CB  . MET A 1 122 ? -6.671  -3.497  -9.565  1.00 26.42 ? 123 MET A CB  1 
ATOM   1001 C CG  . MET A 1 122 ? -7.229  -4.520  -8.571  1.00 30.53 ? 123 MET A CG  1 
ATOM   1002 S SD  . MET A 1 122 ? -5.897  -5.282  -7.625  1.00 29.44 ? 123 MET A SD  1 
ATOM   1003 C CE  . MET A 1 122 ? -5.302  -6.518  -8.783  1.00 34.50 ? 123 MET A CE  1 
ATOM   1004 N N   . VAL A 1 123 ? -6.186  -1.854  -6.704  1.00 29.14 ? 124 VAL A N   1 
ATOM   1005 C CA  . VAL A 1 123 ? -5.339  -1.851  -5.519  1.00 27.34 ? 124 VAL A CA  1 
ATOM   1006 C C   . VAL A 1 123 ? -5.569  -3.165  -4.803  1.00 30.80 ? 124 VAL A C   1 
ATOM   1007 O O   . VAL A 1 123 ? -6.713  -3.521  -4.503  1.00 30.62 ? 124 VAL A O   1 
ATOM   1008 C CB  . VAL A 1 123 ? -5.628  -0.673  -4.573  1.00 30.40 ? 124 VAL A CB  1 
ATOM   1009 C CG1 . VAL A 1 123 ? -4.781  -0.802  -3.315  1.00 33.51 ? 124 VAL A CG1 1 
ATOM   1010 C CG2 . VAL A 1 123 ? -5.330  0.660   -5.260  1.00 27.77 ? 124 VAL A CG2 1 
ATOM   1011 N N   . GLN A 1 124 ? -4.496  -3.886  -4.541  1.00 27.69 ? 125 GLN A N   1 
ATOM   1012 C CA  . GLN A 1 124 ? -4.598  -5.147  -3.829  1.00 27.12 ? 125 GLN A CA  1 
ATOM   1013 C C   . GLN A 1 124 ? -3.953  -4.985  -2.463  1.00 30.35 ? 125 GLN A C   1 
ATOM   1014 O O   . GLN A 1 124 ? -2.781  -4.608  -2.370  1.00 28.56 ? 125 GLN A O   1 
ATOM   1015 C CB  . GLN A 1 124 ? -3.939  -6.279  -4.607  1.00 31.53 ? 125 GLN A CB  1 
ATOM   1016 C CG  . GLN A 1 124 ? -3.967  -7.610  -3.876  1.00 26.72 ? 125 GLN A CG  1 
ATOM   1017 C CD  . GLN A 1 124 ? -3.266  -8.684  -4.661  1.00 31.95 ? 125 GLN A CD  1 
ATOM   1018 O OE1 . GLN A 1 124 ? -3.855  -9.304  -5.541  1.00 35.20 ? 125 GLN A OE1 1 
ATOM   1019 N NE2 . GLN A 1 124 ? -1.992  -8.890  -4.374  1.00 27.58 ? 125 GLN A NE2 1 
ATOM   1020 N N   . VAL A 1 125 ? -4.716  -5.266  -1.412  1.00 27.10 ? 126 VAL A N   1 
ATOM   1021 C CA  . VAL A 1 125 ? -4.192  -5.297  -0.051  1.00 29.34 ? 126 VAL A CA  1 
ATOM   1022 C C   . VAL A 1 125 ? -4.047  -6.762  0.345   1.00 29.63 ? 126 VAL A C   1 
ATOM   1023 O O   . VAL A 1 125 ? -5.011  -7.532  0.251   1.00 29.33 ? 126 VAL A O   1 
ATOM   1024 C CB  . VAL A 1 125 ? -5.110  -4.531  0.917   1.00 29.28 ? 126 VAL A CB  1 
ATOM   1025 C CG1 . VAL A 1 125 ? -4.480  -4.448  2.299   1.00 32.29 ? 126 VAL A CG1 1 
ATOM   1026 C CG2 . VAL A 1 125 ? -5.421  -3.133  0.379   1.00 29.72 ? 126 VAL A CG2 1 
ATOM   1027 N N   . SER A 1 126 ? -2.845  -7.171  0.767   1.00 28.18 ? 127 SER A N   1 
ATOM   1028 C CA  . SER A 1 126 ? -2.606  -8.587  1.017   1.00 27.87 ? 127 SER A CA  1 
ATOM   1029 C C   . SER A 1 126 ? -1.772  -8.795  2.275   1.00 29.34 ? 127 SER A C   1 
ATOM   1030 O O   . SER A 1 126 ? -1.258  -7.852  2.886   1.00 29.50 ? 127 SER A O   1 
ATOM   1031 C CB  . SER A 1 126 ? -1.914  -9.258  -0.180  1.00 30.87 ? 127 SER A CB  1 
ATOM   1032 O OG  . SER A 1 126 ? -0.711  -8.580  -0.495  1.00 33.10 ? 127 SER A OG  1 
ATOM   1033 N N   . ARG A 1 127 ? -1.666  -10.078 2.649   1.00 28.71 ? 128 ARG A N   1 
ATOM   1034 C CA  . ARG A 1 127 ? -0.805  -10.636 3.692   1.00 31.56 ? 128 ARG A CA  1 
ATOM   1035 C C   . ARG A 1 127 ? -1.447  -10.569 5.075   1.00 34.76 ? 128 ARG A C   1 
ATOM   1036 O O   . ARG A 1 127 ? -2.634  -10.879 5.216   1.00 31.23 ? 128 ARG A O   1 
ATOM   1037 C CB  . ARG A 1 127 ? 0.578   -9.978  3.659   1.00 31.22 ? 128 ARG A CB  1 
ATOM   1038 C CG  . ARG A 1 127 ? 1.247   -10.186 2.301   1.00 32.21 ? 128 ARG A CG  1 
ATOM   1039 C CD  . ARG A 1 127 ? 2.772   -10.234 2.378   1.00 32.45 ? 128 ARG A CD  1 
ATOM   1040 N NE  . ARG A 1 127 ? 3.319   -10.262 1.026   1.00 35.17 ? 128 ARG A NE  1 
ATOM   1041 C CZ  . ARG A 1 127 ? 3.571   -11.378 0.350   1.00 38.89 ? 128 ARG A CZ  1 
ATOM   1042 N NH1 . ARG A 1 127 ? 4.059   -11.316 -0.884  1.00 41.31 ? 128 ARG A NH1 1 
ATOM   1043 N NH2 . ARG A 1 127 ? 3.360   -12.559 0.916   1.00 40.48 ? 128 ARG A NH2 1 
ATOM   1044 N N   . ASP A 1 128 ? -0.689  -10.189 6.099   1.00 29.89 ? 129 ASP A N   1 
ATOM   1045 C CA  . ASP A 1 128 ? -0.994  -10.642 7.461   1.00 31.77 ? 129 ASP A CA  1 
ATOM   1046 C C   . ASP A 1 128 ? -1.886  -9.681  8.226   1.00 29.03 ? 129 ASP A C   1 
ATOM   1047 O O   . ASP A 1 128 ? -1.602  -9.306  9.364   1.00 30.85 ? 129 ASP A O   1 
ATOM   1048 C CB  . ASP A 1 128 ? 0.304   -10.893 8.218   1.00 32.78 ? 129 ASP A CB  1 
ATOM   1049 C CG  . ASP A 1 128 ? 1.188   -11.886 7.513   1.00 35.69 ? 129 ASP A CG  1 
ATOM   1050 O OD1 . ASP A 1 128 ? 0.643   -12.929 7.074   1.00 37.05 ? 129 ASP A OD1 1 
ATOM   1051 O OD2 . ASP A 1 128 ? 2.409   -11.628 7.397   1.00 32.66 ? 129 ASP A OD2 1 
ATOM   1052 N N   . ILE A 1 129 ? -3.002  -9.278  7.625   1.00 31.83 ? 130 ILE A N   1 
ATOM   1053 C CA  . ILE A 1 129 ? -3.856  -8.283  8.253   1.00 31.19 ? 130 ILE A CA  1 
ATOM   1054 C C   . ILE A 1 129 ? -5.312  -8.689  8.098   1.00 31.53 ? 130 ILE A C   1 
ATOM   1055 O O   . ILE A 1 129 ? -5.684  -9.474  7.224   1.00 32.64 ? 130 ILE A O   1 
ATOM   1056 C CB  . ILE A 1 129 ? -3.647  -6.862  7.684   1.00 32.05 ? 130 ILE A CB  1 
ATOM   1057 C CG1 . ILE A 1 129 ? -4.072  -6.797  6.219   1.00 28.94 ? 130 ILE A CG1 1 
ATOM   1058 C CG2 . ILE A 1 129 ? -2.194  -6.408  7.857   1.00 32.61 ? 130 ILE A CG2 1 
ATOM   1059 C CD1 . ILE A 1 129 ? -4.539  -5.429  5.828   1.00 41.69 ? 130 ILE A CD1 1 
ATOM   1060 N N   . SER A 1 130 ? -6.115  -8.188  9.023   1.00 32.28 ? 131 SER A N   1 
ATOM   1061 C CA  . SER A 1 130 ? -7.569  -8.233  8.952   1.00 32.76 ? 131 SER A CA  1 
ATOM   1062 C C   . SER A 1 130 ? -8.029  -6.830  8.613   1.00 37.00 ? 131 SER A C   1 
ATOM   1063 O O   . SER A 1 130 ? -7.605  -5.873  9.265   1.00 38.87 ? 131 SER A O   1 
ATOM   1064 C CB  . SER A 1 130 ? -8.167  -8.687  10.284  1.00 37.09 ? 131 SER A CB  1 
ATOM   1065 O OG  . SER A 1 130 ? -9.562  -8.455  10.349  1.00 47.97 ? 131 SER A OG  1 
ATOM   1066 N N   . LEU A 1 131 ? -8.868  -6.703  7.591   1.00 37.16 ? 132 LEU A N   1 
ATOM   1067 C CA  . LEU A 1 131 ? -9.247  -5.402  7.054   1.00 32.97 ? 132 LEU A CA  1 
ATOM   1068 C C   . LEU A 1 131 ? -10.583 -4.965  7.630   1.00 39.99 ? 132 LEU A C   1 
ATOM   1069 O O   . LEU A 1 131 ? -11.565 -5.708  7.567   1.00 39.81 ? 132 LEU A O   1 
ATOM   1070 C CB  . LEU A 1 131 ? -9.341  -5.452  5.531   1.00 36.00 ? 132 LEU A CB  1 
ATOM   1071 C CG  . LEU A 1 131 ? -8.090  -5.249  4.687   1.00 37.94 ? 132 LEU A CG  1 
ATOM   1072 C CD1 . LEU A 1 131 ? -8.441  -5.459  3.227   1.00 37.43 ? 132 LEU A CD1 1 
ATOM   1073 C CD2 . LEU A 1 131 ? -7.532  -3.850  4.900   1.00 39.53 ? 132 LEU A CD2 1 
ATOM   1074 N N   . THR A 1 132 ? -10.622 -3.762  8.187   1.00 36.72 ? 133 THR A N   1 
ATOM   1075 C CA  . THR A 1 132 ? -11.914 -3.237  8.592   1.00 40.52 ? 133 THR A CA  1 
ATOM   1076 C C   . THR A 1 132 ? -12.544 -2.397  7.494   1.00 40.98 ? 133 THR A C   1 
ATOM   1077 O O   . THR A 1 132 ? -13.762 -2.468  7.286   1.00 38.43 ? 133 THR A O   1 
ATOM   1078 C CB  . THR A 1 132 ? -11.782 -2.425  9.878   1.00 40.97 ? 133 THR A CB  1 
ATOM   1079 O OG1 . THR A 1 132 ? -11.285 -1.120  9.568   1.00 47.84 ? 133 THR A OG1 1 
ATOM   1080 C CG2 . THR A 1 132 ? -10.836 -3.119  10.836  1.00 44.82 ? 133 THR A CG2 1 
ATOM   1081 N N   . SER A 1 133 ? -11.742 -1.624  6.763   1.00 35.58 ? 134 SER A N   1 
ATOM   1082 C CA  . SER A 1 133 ? -12.304 -0.786  5.715   1.00 33.91 ? 134 SER A CA  1 
ATOM   1083 C C   . SER A 1 133 ? -11.219 -0.332  4.750   1.00 37.31 ? 134 SER A C   1 
ATOM   1084 O O   . SER A 1 133 ? -10.039 -0.225  5.111   1.00 34.00 ? 134 SER A O   1 
ATOM   1085 C CB  . SER A 1 133 ? -13.010 0.435   6.310   1.00 38.23 ? 134 SER A CB  1 
ATOM   1086 O OG  . SER A 1 133 ? -12.111 1.190   7.102   1.00 41.90 ? 134 SER A OG  1 
ATOM   1087 N N   . VAL A 1 134 ? -11.639 -0.090  3.510   1.00 31.76 ? 135 VAL A N   1 
ATOM   1088 C CA  . VAL A 1 134 ? -10.818 0.553   2.490   1.00 31.33 ? 135 VAL A CA  1 
ATOM   1089 C C   . VAL A 1 134 ? -11.679 1.592   1.790   1.00 32.14 ? 135 VAL A C   1 
ATOM   1090 O O   . VAL A 1 134 ? -12.778 1.270   1.321   1.00 33.78 ? 135 VAL A O   1 
ATOM   1091 C CB  . VAL A 1 134 ? -10.263 -0.457  1.466   1.00 34.26 ? 135 VAL A CB  1 
ATOM   1092 C CG1 . VAL A 1 134 ? -9.505  0.266   0.364   1.00 34.22 ? 135 VAL A CG1 1 
ATOM   1093 C CG2 . VAL A 1 134 ? -9.351  -1.465  2.150   1.00 30.62 ? 135 VAL A CG2 1 
ATOM   1094 N N   . CYS A 1 135 ? -11.183 2.829   1.716   1.00 31.60 ? 136 CYS A N   1 
ATOM   1095 C CA  . CYS A 1 135 ? -11.885 3.946   1.091   1.00 31.91 ? 136 CYS A CA  1 
ATOM   1096 C C   . CYS A 1 135 ? -10.977 4.611   0.069   1.00 33.55 ? 136 CYS A C   1 
ATOM   1097 O O   . CYS A 1 135 ? -9.777  4.778   0.310   1.00 32.58 ? 136 CYS A O   1 
ATOM   1098 C CB  . CYS A 1 135 ? -12.300 4.995   2.110   1.00 36.73 ? 136 CYS A CB  1 
ATOM   1099 S SG  . CYS A 1 135 ? -13.443 4.434   3.347   1.00 40.53 ? 136 CYS A SG  1 
ATOM   1100 N N   . VAL A 1 136 ? -11.552 4.997   -1.061  1.00 34.16 ? 137 VAL A N   1 
ATOM   1101 C CA  . VAL A 1 136 ? -10.871 5.825   -2.048  1.00 32.86 ? 137 VAL A CA  1 
ATOM   1102 C C   . VAL A 1 136 ? -11.611 7.151   -2.086  1.00 33.92 ? 137 VAL A C   1 
ATOM   1103 O O   . VAL A 1 136 ? -12.800 7.192   -2.426  1.00 34.97 ? 137 VAL A O   1 
ATOM   1104 C CB  . VAL A 1 136 ? -10.831 5.160   -3.431  1.00 33.19 ? 137 VAL A CB  1 
ATOM   1105 C CG1 . VAL A 1 136 ? -10.113 6.072   -4.425  1.00 33.69 ? 137 VAL A CG1 1 
ATOM   1106 C CG2 . VAL A 1 136 ? -10.127 3.793   -3.345  1.00 36.29 ? 137 VAL A CG2 1 
ATOM   1107 N N   . CYS A 1 137 ? -10.922 8.221   -1.695  1.00 33.43 ? 138 CYS A N   1 
ATOM   1108 C CA  . CYS A 1 137 ? -11.518 9.535   -1.521  1.00 33.24 ? 138 CYS A CA  1 
ATOM   1109 C C   . CYS A 1 137 ? -10.884 10.547  -2.463  1.00 35.77 ? 138 CYS A C   1 
ATOM   1110 O O   . CYS A 1 137 ? -9.742  10.386  -2.896  1.00 33.68 ? 138 CYS A O   1 
ATOM   1111 C CB  . CYS A 1 137 ? -11.340 10.042  -0.082  1.00 32.94 ? 138 CYS A CB  1 
ATOM   1112 S SG  . CYS A 1 137 ? -12.212 9.131   1.174   1.00 39.96 ? 138 CYS A SG  1 
ATOM   1113 N N   A ASN A 1 138 ? -11.639 11.601  -2.769  0.48 34.62 ? 139 ASN A N   1 
ATOM   1114 N N   B ASN A 1 138 ? -11.649 11.588  -2.783  0.52 34.55 ? 139 ASN A N   1 
ATOM   1115 C CA  A ASN A 1 138 ? -11.099 12.753  -3.491  0.48 36.08 ? 139 ASN A CA  1 
ATOM   1116 C CA  B ASN A 1 138 ? -11.118 12.762  -3.473  0.52 36.12 ? 139 ASN A CA  1 
ATOM   1117 C C   A ASN A 1 138 ? -11.574 14.049  -2.843  0.48 36.30 ? 139 ASN A C   1 
ATOM   1118 C C   B ASN A 1 138 ? -11.699 14.015  -2.836  0.52 36.29 ? 139 ASN A C   1 
ATOM   1119 O O   A ASN A 1 138 ? -11.009 15.116  -3.076  0.48 31.07 ? 139 ASN A O   1 
ATOM   1120 O O   B ASN A 1 138 ? -12.701 13.941  -2.126  0.52 31.26 ? 139 ASN A O   1 
ATOM   1121 C CB  A ASN A 1 138 ? -11.510 12.727  -4.965  0.48 36.91 ? 139 ASN A CB  1 
ATOM   1122 C CB  B ASN A 1 138 ? -11.447 12.736  -4.968  0.52 36.92 ? 139 ASN A CB  1 
ATOM   1123 C CG  A ASN A 1 138 ? -10.639 11.809  -5.801  0.48 35.80 ? 139 ASN A CG  1 
ATOM   1124 C CG  B ASN A 1 138 ? -10.816 11.560  -5.684  0.52 35.42 ? 139 ASN A CG  1 
ATOM   1125 O OD1 A ASN A 1 138 ? -9.502  12.145  -6.139  0.48 36.82 ? 139 ASN A OD1 1 
ATOM   1126 O OD1 B ASN A 1 138 ? -9.711  11.661  -6.223  0.52 36.43 ? 139 ASN A OD1 1 
ATOM   1127 N ND2 A ASN A 1 138 ? -11.176 10.648  -6.152  0.48 34.98 ? 139 ASN A ND2 1 
ATOM   1128 N ND2 B ASN A 1 138 ? -11.518 10.436  -5.700  0.52 35.18 ? 139 ASN A ND2 1 
HETATM 1129 C C   . TRS B 2 .   ? 10.557  -7.209  -4.197  1.00 35.99 ? 201 TRS A C   1 
HETATM 1130 C C1  . TRS B 2 .   ? 9.604   -8.058  -3.357  1.00 40.86 ? 201 TRS A C1  1 
HETATM 1131 C C2  . TRS B 2 .   ? 10.388  -5.725  -3.871  1.00 38.49 ? 201 TRS A C2  1 
HETATM 1132 C C3  . TRS B 2 .   ? 10.250  -7.423  -5.673  1.00 34.86 ? 201 TRS A C3  1 
HETATM 1133 N N   . TRS B 2 .   ? 11.936  -7.600  -3.943  1.00 37.22 ? 201 TRS A N   1 
HETATM 1134 O O1  . TRS B 2 .   ? 10.222  -8.308  -2.123  1.00 43.72 ? 201 TRS A O1  1 
HETATM 1135 O O2  . TRS B 2 .   ? 11.607  -5.078  -4.154  1.00 37.88 ? 201 TRS A O2  1 
HETATM 1136 O O3  . TRS B 2 .   ? 10.620  -8.718  -6.056  1.00 39.55 ? 201 TRS A O3  1 
HETATM 1137 O O   . HOH C 3 .   ? 14.198  3.791   -12.143 1.00 44.37 ? 301 HOH A O   1 
HETATM 1138 O O   . HOH C 3 .   ? 6.973   18.532  -5.339  1.00 44.22 ? 302 HOH A O   1 
HETATM 1139 O O   . HOH C 3 .   ? 0.963   -2.569  21.135  1.00 47.58 ? 303 HOH A O   1 
HETATM 1140 O O   . HOH C 3 .   ? 1.287   14.026  -12.271 1.00 40.88 ? 304 HOH A O   1 
HETATM 1141 O O   . HOH C 3 .   ? 0.299   -15.184 8.034   1.00 37.81 ? 305 HOH A O   1 
HETATM 1142 O O   . HOH C 3 .   ? -8.090  15.664  -3.178  1.00 46.77 ? 306 HOH A O   1 
HETATM 1143 O O   . HOH C 3 .   ? -8.729  14.292  -7.131  1.00 40.82 ? 307 HOH A O   1 
HETATM 1144 O O   . HOH C 3 .   ? -7.777  9.110   -13.182 1.00 43.24 ? 308 HOH A O   1 
HETATM 1145 O O   . HOH C 3 .   ? 6.099   -1.627  13.172  1.00 41.01 ? 309 HOH A O   1 
HETATM 1146 O O   . HOH C 3 .   ? 12.487  -0.219  12.315  1.00 44.42 ? 310 HOH A O   1 
HETATM 1147 O O   . HOH C 3 .   ? -6.817  5.263   -12.356 1.00 39.73 ? 311 HOH A O   1 
HETATM 1148 O O   . HOH C 3 .   ? -10.509 8.333   -7.033  1.00 38.96 ? 312 HOH A O   1 
HETATM 1149 O O   . HOH C 3 .   ? -13.995 10.521  -5.032  1.00 36.60 ? 313 HOH A O   1 
HETATM 1150 O O   . HOH C 3 .   ? -0.933  -6.734  -2.488  1.00 29.77 ? 314 HOH A O   1 
HETATM 1151 O O   . HOH C 3 .   ? -14.696 -3.986  -2.806  1.00 40.10 ? 315 HOH A O   1 
HETATM 1152 O O   . HOH C 3 .   ? -7.977  4.628   -18.210 1.00 42.89 ? 316 HOH A O   1 
HETATM 1153 O O   . HOH C 3 .   ? -15.936 -2.854  5.957   1.00 40.92 ? 317 HOH A O   1 
HETATM 1154 O O   . HOH C 3 .   ? 11.344  9.501   -2.670  1.00 44.46 ? 318 HOH A O   1 
HETATM 1155 O O   . HOH C 3 .   ? 7.164   11.669  -11.225 1.00 33.87 ? 319 HOH A O   1 
HETATM 1156 O O   . HOH C 3 .   ? 7.985   -12.274 7.861   1.00 32.42 ? 320 HOH A O   1 
HETATM 1157 O O   . HOH C 3 .   ? 9.302   10.023  -12.882 1.00 31.89 ? 321 HOH A O   1 
HETATM 1158 O O   . HOH C 3 .   ? -8.058  -8.260  -16.159 1.00 40.48 ? 322 HOH A O   1 
HETATM 1159 O O   . HOH C 3 .   ? 9.196   -7.360  13.870  1.00 41.12 ? 323 HOH A O   1 
HETATM 1160 O O   . HOH C 3 .   ? 14.661  5.783   3.118   1.00 47.01 ? 324 HOH A O   1 
HETATM 1161 O O   . HOH C 3 .   ? -3.492  0.995   -16.857 1.00 40.15 ? 325 HOH A O   1 
HETATM 1162 O O   . HOH C 3 .   ? 6.488   -9.087  -1.578  1.00 35.79 ? 326 HOH A O   1 
HETATM 1163 O O   . HOH C 3 .   ? 17.857  -0.982  -4.016  1.00 41.40 ? 327 HOH A O   1 
HETATM 1164 O O   . HOH C 3 .   ? -14.006 -5.423  11.259  1.00 46.98 ? 328 HOH A O   1 
HETATM 1165 O O   . HOH C 3 .   ? -0.760  -1.966  13.944  1.00 41.69 ? 329 HOH A O   1 
HETATM 1166 O O   . HOH C 3 .   ? 2.530   6.007   -10.116 1.00 28.08 ? 330 HOH A O   1 
HETATM 1167 O O   . HOH C 3 .   ? -2.978  -12.060 1.333   1.00 33.47 ? 331 HOH A O   1 
HETATM 1168 O O   . HOH C 3 .   ? 11.368  1.804   -7.135  1.00 33.74 ? 332 HOH A O   1 
HETATM 1169 O O   . HOH C 3 .   ? -0.558  17.108  -6.203  1.00 40.35 ? 333 HOH A O   1 
HETATM 1170 O O   . HOH C 3 .   ? 0.936   -10.517 -1.475  1.00 34.66 ? 334 HOH A O   1 
HETATM 1171 O O   . HOH C 3 .   ? -1.460  -9.373  -17.127 1.00 45.38 ? 335 HOH A O   1 
HETATM 1172 O O   . HOH C 3 .   ? 14.795  -5.494  -8.609  1.00 38.66 ? 336 HOH A O   1 
HETATM 1173 O O   . HOH C 3 .   ? 0.310   -7.249  15.723  1.00 38.80 ? 337 HOH A O   1 
HETATM 1174 O O   . HOH C 3 .   ? 4.229   -6.868  -14.689 1.00 26.42 ? 338 HOH A O   1 
HETATM 1175 O O   . HOH C 3 .   ? 16.265  -3.405  -6.833  1.00 43.56 ? 339 HOH A O   1 
HETATM 1176 O O   . HOH C 3 .   ? -12.866 1.744   -5.652  1.00 41.80 ? 340 HOH A O   1 
HETATM 1177 O O   . HOH C 3 .   ? -0.622  0.615   14.482  1.00 40.38 ? 341 HOH A O   1 
HETATM 1178 O O   . HOH C 3 .   ? 10.632  7.553   -4.589  1.00 32.28 ? 342 HOH A O   1 
HETATM 1179 O O   . HOH C 3 .   ? 5.420   -9.223  19.687  1.00 36.97 ? 343 HOH A O   1 
HETATM 1180 O O   . HOH C 3 .   ? 12.966  -6.990  3.027   1.00 45.98 ? 344 HOH A O   1 
HETATM 1181 O O   . HOH C 3 .   ? 13.536  -7.476  -1.018  1.00 44.95 ? 345 HOH A O   1 
HETATM 1182 O O   . HOH C 3 .   ? -3.805  -15.210 13.177  1.00 41.96 ? 346 HOH A O   1 
HETATM 1183 O O   . HOH C 3 .   ? 14.447  -7.212  -12.016 1.00 33.49 ? 347 HOH A O   1 
HETATM 1184 O O   . HOH C 3 .   ? 7.563   -8.235  10.463  1.00 34.48 ? 348 HOH A O   1 
HETATM 1185 O O   . HOH C 3 .   ? -13.381 -6.043  -4.625  1.00 39.16 ? 349 HOH A O   1 
HETATM 1186 O O   . HOH C 3 .   ? -10.889 0.560   -12.715 1.00 42.76 ? 350 HOH A O   1 
HETATM 1187 O O   . HOH C 3 .   ? -10.347 10.211  -9.203  1.00 39.17 ? 351 HOH A O   1 
HETATM 1188 O O   . HOH C 3 .   ? 4.962   0.252   -16.239 1.00 31.51 ? 352 HOH A O   1 
HETATM 1189 O O   . HOH C 3 .   ? -0.287  -10.616 -6.255  1.00 39.04 ? 353 HOH A O   1 
HETATM 1190 O O   . HOH C 3 .   ? -1.878  -3.180  -17.580 1.00 32.68 ? 354 HOH A O   1 
HETATM 1191 O O   . HOH C 3 .   ? 5.301   4.544   -10.794 1.00 30.76 ? 355 HOH A O   1 
HETATM 1192 O O   . HOH C 3 .   ? 3.913   -14.931 -14.511 1.00 45.28 ? 356 HOH A O   1 
HETATM 1193 O O   . HOH C 3 .   ? 3.795   -5.641  -18.607 1.00 38.10 ? 357 HOH A O   1 
HETATM 1194 O O   . HOH C 3 .   ? -4.795  -12.318 -11.651 1.00 37.36 ? 358 HOH A O   1 
HETATM 1195 O O   . HOH C 3 .   ? -5.506  4.892   -17.382 1.00 37.88 ? 359 HOH A O   1 
HETATM 1196 O O   . HOH C 3 .   ? -8.746  -4.489  -14.781 1.00 37.27 ? 360 HOH A O   1 
HETATM 1197 O O   . HOH C 3 .   ? 6.143   2.381   -12.502 1.00 34.63 ? 361 HOH A O   1 
HETATM 1198 O O   . HOH C 3 .   ? 3.856   13.429  9.359   1.00 48.29 ? 362 HOH A O   1 
HETATM 1199 O O   . HOH C 3 .   ? 9.675   -7.479  0.980   1.00 45.18 ? 363 HOH A O   1 
HETATM 1200 O O   . HOH C 3 .   ? 11.366  -2.418  -17.829 1.00 37.77 ? 364 HOH A O   1 
HETATM 1201 O O   . HOH C 3 .   ? 0.350   -8.306  19.609  1.00 44.00 ? 365 HOH A O   1 
HETATM 1202 O O   . HOH C 3 .   ? -10.675 3.239   5.467   1.00 42.42 ? 366 HOH A O   1 
HETATM 1203 O O   . HOH C 3 .   ? 10.576  9.893   0.911   1.00 39.22 ? 367 HOH A O   1 
HETATM 1204 O O   . HOH C 3 .   ? -10.417 9.323   -11.788 1.00 41.97 ? 368 HOH A O   1 
HETATM 1205 O O   . HOH C 3 .   ? 14.617  1.642   -11.365 1.00 34.71 ? 369 HOH A O   1 
HETATM 1206 O O   . HOH C 3 .   ? 12.254  -8.881  -12.081 1.00 27.98 ? 370 HOH A O   1 
HETATM 1207 O O   . HOH C 3 .   ? 17.281  -2.268  -0.828  1.00 44.80 ? 371 HOH A O   1 
HETATM 1208 O O   . HOH C 3 .   ? 1.187   -4.734  -17.888 1.00 33.35 ? 372 HOH A O   1 
HETATM 1209 O O   . HOH C 3 .   ? 4.725   0.366   -13.591 1.00 29.56 ? 373 HOH A O   1 
HETATM 1210 O O   . HOH C 3 .   ? 6.030   -17.219 13.143  1.00 43.71 ? 374 HOH A O   1 
HETATM 1211 O O   . HOH C 3 .   ? -3.773  -13.646 4.226   1.00 44.50 ? 375 HOH A O   1 
HETATM 1212 O O   . HOH C 3 .   ? -2.332  10.763  -13.382 1.00 31.42 ? 376 HOH A O   1 
HETATM 1213 O O   . HOH C 3 .   ? -12.978 7.607   -5.638  1.00 38.48 ? 377 HOH A O   1 
HETATM 1214 O O   . HOH C 3 .   ? 14.921  4.037   -9.916  1.00 37.46 ? 378 HOH A O   1 
HETATM 1215 O O   . HOH C 3 .   ? 1.267   -10.418 -4.131  1.00 37.33 ? 379 HOH A O   1 
HETATM 1216 O O   . HOH C 3 .   ? 8.146   -8.274  19.853  1.00 43.28 ? 380 HOH A O   1 
HETATM 1217 O O   . HOH C 3 .   ? 9.855   -8.473  17.644  1.00 42.86 ? 381 HOH A O   1 
HETATM 1218 O O   . HOH C 3 .   ? 12.891  6.071   -14.166 1.00 41.49 ? 382 HOH A O   1 
HETATM 1219 O O   . HOH C 3 .   ? 6.675   1.619   -17.694 1.00 40.76 ? 383 HOH A O   1 
HETATM 1220 O O   . HOH C 3 .   ? -9.991  -6.414  -15.686 1.00 41.44 ? 384 HOH A O   1 
HETATM 1221 O O   . HOH C 3 .   ? 12.117  -10.621 -10.100 1.00 39.48 ? 385 HOH A O   1 
HETATM 1222 O O   . HOH C 3 .   ? -14.981 -6.252  -6.963  1.00 40.58 ? 386 HOH A O   1 
# 
